data_7M3G
#
_entry.id   7M3G
#
_cell.length_a   1.00
_cell.length_b   1.00
_cell.length_c   1.00
_cell.angle_alpha   90.00
_cell.angle_beta   90.00
_cell.angle_gamma   90.00
#
_symmetry.space_group_name_H-M   'P 1'
#
loop_
_entity.id
_entity.type
_entity.pdbx_description
1 polymer 'Extracellular calcium-sensing receptor'
2 polymer etelcalcetide
3 branched 2-acetamido-2-deoxy-beta-D-glucopyranose-(1-4)-2-acetamido-2-deoxy-beta-D-glucopyranose
4 non-polymer '2-[4-[(3S)-3-[[(1R)-1-naphthalen-1-ylethyl]amino]pyrrolidin-1-yl]phenyl]ethanoic acid'
5 non-polymer 2-acetamido-2-deoxy-beta-D-glucopyranose
6 non-polymer TRYPTOPHAN
7 non-polymer 'CALCIUM ION'
8 non-polymer 'PHOSPHATE ION'
#
loop_
_entity_poly.entity_id
_entity_poly.type
_entity_poly.pdbx_seq_one_letter_code
_entity_poly.pdbx_strand_id
1 'polypeptide(L)'
;MKTIIALSYIFCLVFADYKDDDDKAAAYGPDQRAQKKGDIILGGLFPIHFGVAAKDQDLKSRPESVECIRYNFRGFRWLQ
AMIFAIEEINSSPALLPNLTLGYRIFDTCNTVSKALEATLSFVAQNKIDSLNLDEFCNCSEHIPSTIAVVGATGSGVSTA
VANLLGLFYIPQVSYASSSRLLSNKNQFKSFLRTIPNDEHQATAMADIIEYFRWNWVGTIAADDDYGRPGIEKFREEAEE
RDICIDFSELISQYSDEEEIQHVVEVIQNSTAKVIVVFSSGPDLEPLIKEIVRRNITGKIWLASEAWASSSLIAMPQYFH
VVGGTIGFALKAGQIPGFREFLKKVHPRKSVHNGFAKEFWEETFNCHLQEGAKGPLPVDTFLRGHEESGDRFSNSSTAFR
PLCTGDENISSVETPYIDYTHLRISYNVYLAVYSIAHALQDIYTCLPGRGLFTNGSCADIKKVEAWQVLKHLRHLNFTNN
MGEQVTFDECGDLVGNYSIINWHLSPEDGSIVFKEVGYYNVYAKKGERLFINEEKILWSGFSREVPFSNCSRDCLAGTRK
GIIEGEPTCCFECVECPDGEYSDETDASACNKCPDDFWSNENHTSCIAKEIEFLSWTEPFGIALTLFAVLGIFLTAFVLG
VFIKFRNTPIVKATNRELSYLLLFSLLCCFSSSLFFIGEPQDWTCRLRQPAFGISFVLCISCILVKTNRVLLVFEAKIPT
SFHRKWWGLNLQFLLVFLCTFMQIVICVIWLYTAPPSSYRNQELEDEIIFITCHEGSLMALGFLIGYTCLLAAICFFFAF
KSRKLPENFNEAKFITFSMLIFFIVWISFIPAYASTYGKFVSAVEVIAILAASFGLLACIFFNKIYIILFKPSRNTIEEV
RCSTAAHAFKVAARATLRRSNV
;
A,B
2 'polypeptide(D)' (ACE)(DCY)(DAL)(DAR)(DAR)(DAR)(DAL)(DAR)(NH2) C,D
#
# COMPACT_ATOMS: atom_id res chain seq x y z
N TYR A 28 63.24 15.31 -0.14
CA TYR A 28 62.62 15.57 1.14
C TYR A 28 61.18 15.06 1.12
N GLY A 29 60.77 14.37 2.19
CA GLY A 29 59.46 13.79 2.26
C GLY A 29 59.51 12.27 2.35
N PRO A 30 58.57 11.59 1.72
CA PRO A 30 58.56 10.11 1.76
C PRO A 30 59.75 9.51 1.02
N ASP A 31 60.13 8.31 1.46
CA ASP A 31 61.34 7.66 0.96
C ASP A 31 61.08 6.90 -0.33
N GLN A 32 60.04 6.07 -0.36
CA GLN A 32 59.69 5.30 -1.55
C GLN A 32 59.00 6.21 -2.56
N ARG A 33 59.62 6.39 -3.72
CA ARG A 33 59.11 7.33 -4.70
C ARG A 33 59.65 6.98 -6.08
N ALA A 34 59.02 7.55 -7.10
CA ALA A 34 59.54 7.53 -8.46
C ALA A 34 59.86 8.96 -8.88
N GLN A 35 61.13 9.24 -9.17
CA GLN A 35 61.56 10.61 -9.35
C GLN A 35 62.45 10.76 -10.58
N LYS A 36 62.26 11.86 -11.31
CA LYS A 36 63.12 12.17 -12.44
C LYS A 36 63.10 13.67 -12.69
N LYS A 37 64.29 14.24 -12.90
CA LYS A 37 64.50 15.66 -13.14
C LYS A 37 63.95 16.09 -14.49
N GLY A 38 63.73 17.40 -14.62
CA GLY A 38 63.29 17.97 -15.87
C GLY A 38 63.05 19.45 -15.69
N ASP A 39 62.63 20.09 -16.79
CA ASP A 39 62.33 21.52 -16.74
C ASP A 39 60.99 21.79 -16.06
N ILE A 40 60.04 20.88 -16.20
CA ILE A 40 58.67 21.05 -15.71
C ILE A 40 58.26 19.76 -15.02
N ILE A 41 57.76 19.88 -13.79
CA ILE A 41 57.58 18.73 -12.90
C ILE A 41 56.10 18.47 -12.69
N LEU A 42 55.70 17.21 -12.87
CA LEU A 42 54.36 16.71 -12.59
C LEU A 42 54.38 15.84 -11.34
N GLY A 43 53.27 15.84 -10.60
CA GLY A 43 53.13 15.04 -9.40
C GLY A 43 52.25 13.83 -9.64
N GLY A 44 52.48 12.77 -8.90
CA GLY A 44 51.71 11.54 -9.05
C GLY A 44 51.24 11.00 -7.71
N LEU A 45 50.06 10.37 -7.74
CA LEU A 45 49.47 9.74 -6.56
C LEU A 45 48.76 8.47 -7.00
N PHE A 46 49.27 7.31 -6.59
CA PHE A 46 48.74 6.02 -6.98
C PHE A 46 48.67 5.09 -5.76
N PRO A 47 47.67 4.20 -5.71
CA PRO A 47 47.61 3.23 -4.61
C PRO A 47 48.43 1.96 -4.83
N ILE A 48 49.72 2.00 -4.49
CA ILE A 48 50.57 0.82 -4.66
C ILE A 48 50.22 -0.24 -3.62
N HIS A 49 49.64 0.15 -2.50
CA HIS A 49 49.12 -0.79 -1.53
C HIS A 49 47.62 -0.58 -1.33
N PHE A 50 46.94 -1.65 -0.91
CA PHE A 50 45.49 -1.60 -0.71
C PHE A 50 45.09 -0.91 0.59
N GLY A 51 45.99 -0.80 1.56
CA GLY A 51 45.61 -0.24 2.84
C GLY A 51 46.78 -0.23 3.80
N VAL A 52 46.46 0.02 5.07
CA VAL A 52 47.44 0.13 6.14
C VAL A 52 47.13 -0.90 7.21
N ALA A 53 48.14 -1.20 8.02
CA ALA A 53 48.00 -2.22 9.06
C ALA A 53 47.16 -1.70 10.22
N ALA A 54 46.21 -2.51 10.67
CA ALA A 54 45.30 -2.15 11.75
C ALA A 54 46.07 -2.17 13.07
N LYS A 55 46.46 -0.99 13.55
CA LYS A 55 47.26 -0.86 14.76
C LYS A 55 46.80 0.31 15.61
N ASP A 56 45.49 0.59 15.63
CA ASP A 56 44.95 1.72 16.37
C ASP A 56 45.02 1.43 17.86
N GLN A 57 46.09 1.89 18.50
CA GLN A 57 46.34 1.62 19.91
C GLN A 57 46.52 2.94 20.65
N ASP A 58 46.64 2.83 21.97
CA ASP A 58 46.79 4.01 22.82
C ASP A 58 48.19 4.61 22.67
N LEU A 59 48.32 5.85 23.12
CA LEU A 59 49.58 6.59 23.01
C LEU A 59 50.33 6.45 24.32
N LYS A 60 50.92 5.28 24.52
CA LYS A 60 51.84 5.09 25.63
C LYS A 60 53.28 5.35 25.23
N SER A 61 53.59 5.22 23.95
CA SER A 61 54.85 5.64 23.36
C SER A 61 54.55 6.65 22.26
N ARG A 62 55.59 7.32 21.79
CA ARG A 62 55.44 8.32 20.74
C ARG A 62 55.00 7.64 19.45
N PRO A 63 54.01 8.18 18.74
CA PRO A 63 53.48 7.48 17.56
C PRO A 63 54.46 7.43 16.40
N GLU A 64 54.42 6.31 15.68
CA GLU A 64 55.30 6.04 14.56
C GLU A 64 54.49 6.02 13.27
N SER A 65 55.19 5.87 12.15
CA SER A 65 54.54 5.75 10.86
C SER A 65 53.86 4.41 10.72
N VAL A 66 52.68 4.40 10.08
CA VAL A 66 51.93 3.17 9.87
C VAL A 66 52.55 2.39 8.72
N GLU A 67 52.15 1.12 8.58
CA GLU A 67 52.76 0.21 7.62
C GLU A 67 51.71 -0.21 6.60
N CYS A 68 51.99 0.01 5.32
CA CYS A 68 51.13 -0.47 4.25
C CYS A 68 51.32 -1.97 4.08
N ILE A 69 50.24 -2.68 3.70
CA ILE A 69 50.11 -4.08 4.02
C ILE A 69 49.99 -4.98 2.77
N ARG A 70 49.14 -4.62 1.81
CA ARG A 70 48.79 -5.55 0.72
C ARG A 70 49.13 -4.97 -0.64
N TYR A 71 49.90 -5.70 -1.44
CA TYR A 71 50.41 -5.17 -2.70
C TYR A 71 49.35 -5.18 -3.80
N ASN A 72 49.30 -4.09 -4.56
CA ASN A 72 48.31 -3.85 -5.61
C ASN A 72 49.05 -3.74 -6.94
N PHE A 73 48.87 -4.74 -7.81
CA PHE A 73 49.60 -4.80 -9.08
C PHE A 73 48.98 -3.90 -10.14
N ARG A 74 47.66 -3.75 -10.09
CA ARG A 74 46.93 -2.86 -11.00
C ARG A 74 47.35 -1.41 -10.82
N GLY A 75 47.54 -0.98 -9.57
CA GLY A 75 48.01 0.38 -9.32
C GLY A 75 49.42 0.63 -9.83
N PHE A 76 50.28 -0.38 -9.73
CA PHE A 76 51.62 -0.27 -10.30
C PHE A 76 51.57 -0.15 -11.82
N ARG A 77 50.66 -0.88 -12.46
CA ARG A 77 50.42 -0.72 -13.90
C ARG A 77 49.94 0.69 -14.25
N TRP A 78 49.10 1.28 -13.39
CA TRP A 78 48.66 2.67 -13.59
C TRP A 78 49.83 3.66 -13.50
N LEU A 79 50.71 3.47 -12.51
CA LEU A 79 51.91 4.30 -12.39
C LEU A 79 52.82 4.17 -13.61
N GLN A 80 52.98 2.94 -14.11
CA GLN A 80 53.76 2.74 -15.32
C GLN A 80 53.12 3.39 -16.53
N ALA A 81 51.79 3.50 -16.56
CA ALA A 81 51.14 4.23 -17.64
C ALA A 81 51.51 5.71 -17.63
N MET A 82 51.57 6.31 -16.44
CA MET A 82 51.98 7.73 -16.38
C MET A 82 53.45 7.90 -16.79
N ILE A 83 54.33 6.99 -16.36
CA ILE A 83 55.74 7.07 -16.74
C ILE A 83 55.94 6.88 -18.25
N PHE A 84 55.22 5.92 -18.85
CA PHE A 84 55.29 5.68 -20.28
C PHE A 84 54.79 6.87 -21.08
N ALA A 85 53.73 7.52 -20.61
CA ALA A 85 53.22 8.71 -21.28
C ALA A 85 54.22 9.85 -21.26
N ILE A 86 54.90 10.05 -20.11
CA ILE A 86 55.90 11.11 -20.01
C ILE A 86 57.07 10.85 -20.94
N GLU A 87 57.55 9.59 -21.00
CA GLU A 87 58.66 9.26 -21.89
C GLU A 87 58.28 9.42 -23.36
N GLU A 88 57.05 9.04 -23.72
CA GLU A 88 56.58 9.19 -25.08
C GLU A 88 56.44 10.66 -25.47
N ILE A 89 56.05 11.52 -24.53
CA ILE A 89 56.01 12.96 -24.80
C ILE A 89 57.42 13.50 -24.98
N ASN A 90 58.37 13.05 -24.16
CA ASN A 90 59.74 13.55 -24.23
C ASN A 90 60.48 13.07 -25.47
N SER A 91 60.05 11.98 -26.10
CA SER A 91 60.68 11.55 -27.34
C SER A 91 60.11 12.24 -28.58
N SER A 92 58.93 12.82 -28.50
CA SER A 92 58.28 13.46 -29.64
C SER A 92 58.90 14.84 -29.89
N PRO A 93 59.12 15.21 -31.16
CA PRO A 93 59.52 16.58 -31.48
C PRO A 93 58.35 17.50 -31.81
N ALA A 94 57.14 16.96 -31.96
CA ALA A 94 55.95 17.74 -32.26
C ALA A 94 55.24 18.23 -31.01
N LEU A 95 55.55 17.68 -29.84
CA LEU A 95 54.95 18.12 -28.59
C LEU A 95 56.07 18.54 -27.65
N LEU A 96 56.08 19.83 -27.31
CA LEU A 96 57.04 20.51 -26.43
C LEU A 96 58.50 20.27 -26.83
N PRO A 97 58.97 20.80 -27.94
CA PRO A 97 60.38 20.61 -28.30
C PRO A 97 61.31 21.45 -27.43
N ASN A 98 62.51 20.92 -27.21
CA ASN A 98 63.60 21.54 -26.47
C ASN A 98 63.27 21.84 -25.01
N LEU A 99 62.32 21.12 -24.40
CA LEU A 99 62.14 21.17 -22.96
C LEU A 99 61.56 19.83 -22.52
N THR A 100 62.08 19.32 -21.40
CA THR A 100 61.75 17.99 -20.92
C THR A 100 60.84 18.06 -19.70
N LEU A 101 60.05 17.00 -19.52
CA LEU A 101 59.18 16.84 -18.36
C LEU A 101 59.80 15.89 -17.35
N GLY A 102 59.57 16.19 -16.06
CA GLY A 102 60.00 15.34 -14.98
C GLY A 102 58.82 14.92 -14.12
N TYR A 103 59.09 14.10 -13.12
CA TYR A 103 58.01 13.60 -12.29
C TYR A 103 58.48 13.29 -10.88
N ARG A 104 57.53 13.36 -9.94
CA ARG A 104 57.71 12.93 -8.56
C ARG A 104 56.44 12.23 -8.13
N ILE A 105 56.49 10.91 -7.98
CA ILE A 105 55.32 10.08 -7.77
C ILE A 105 55.44 9.35 -6.44
N PHE A 106 54.36 9.37 -5.65
CA PHE A 106 54.26 8.79 -4.32
C PHE A 106 53.13 7.78 -4.24
N ASP A 107 53.11 7.01 -3.16
CA ASP A 107 52.09 6.03 -2.85
C ASP A 107 51.12 6.60 -1.82
N THR A 108 49.83 6.36 -2.01
CA THR A 108 48.81 6.83 -1.08
C THR A 108 48.30 5.75 -0.13
N CYS A 109 48.41 4.47 -0.51
CA CYS A 109 47.92 3.31 0.25
C CYS A 109 46.43 3.39 0.57
N ASN A 110 45.65 4.01 -0.34
CA ASN A 110 44.21 4.22 -0.24
C ASN A 110 43.81 5.00 1.00
N THR A 111 44.68 5.84 1.52
CA THR A 111 44.53 6.44 2.84
C THR A 111 44.78 7.94 2.74
N VAL A 112 43.96 8.72 3.46
CA VAL A 112 44.01 10.18 3.40
C VAL A 112 45.33 10.71 3.94
N SER A 113 45.88 10.06 4.97
CA SER A 113 47.04 10.60 5.67
C SER A 113 48.31 10.52 4.83
N LYS A 114 48.53 9.42 4.12
CA LYS A 114 49.71 9.29 3.25
C LYS A 114 49.64 10.26 2.08
N ALA A 115 48.45 10.45 1.52
CA ALA A 115 48.26 11.40 0.44
C ALA A 115 48.50 12.83 0.91
N LEU A 116 48.09 13.15 2.13
CA LEU A 116 48.36 14.49 2.67
C LEU A 116 49.84 14.70 2.96
N GLU A 117 50.55 13.64 3.40
CA GLU A 117 52.00 13.73 3.57
C GLU A 117 52.71 13.98 2.25
N ALA A 118 52.22 13.38 1.16
CA ALA A 118 52.81 13.65 -0.15
C ALA A 118 52.45 15.05 -0.65
N THR A 119 51.21 15.48 -0.39
CA THR A 119 50.74 16.77 -0.88
C THR A 119 51.40 17.94 -0.16
N LEU A 120 51.78 17.75 1.10
CA LEU A 120 52.53 18.78 1.81
C LEU A 120 53.92 19.00 1.22
N SER A 121 54.51 17.98 0.60
CA SER A 121 55.75 18.15 -0.13
C SER A 121 55.53 18.66 -1.54
N PHE A 122 54.33 18.47 -2.11
CA PHE A 122 54.01 19.08 -3.40
C PHE A 122 53.97 20.61 -3.32
N VAL A 123 53.57 21.18 -2.19
CA VAL A 123 53.32 22.62 -2.10
C VAL A 123 54.37 23.31 -1.23
N ALA A 124 55.58 22.73 -1.16
CA ALA A 124 56.60 23.22 -0.25
C ALA A 124 57.12 24.60 -0.64
N GLN A 125 57.28 24.85 -1.93
CA GLN A 125 57.72 26.17 -2.38
C GLN A 125 56.62 27.22 -2.17
N ASN A 126 55.38 26.86 -2.52
CA ASN A 126 54.28 27.83 -2.46
C ASN A 126 53.91 28.22 -1.03
N LYS A 127 54.04 27.29 -0.09
CA LYS A 127 53.59 27.52 1.29
C LYS A 127 54.56 28.42 2.05
N ILE A 128 55.85 28.35 1.72
CA ILE A 128 56.85 29.25 2.32
C ILE A 128 56.56 30.70 1.93
N ASP A 129 56.11 30.91 0.69
CA ASP A 129 55.79 32.26 0.22
C ASP A 129 54.54 32.79 0.91
N SER A 130 53.55 31.93 1.16
CA SER A 130 52.32 32.39 1.79
C SER A 130 52.50 32.63 3.28
N LEU A 131 53.31 31.80 3.95
CA LEU A 131 53.53 31.92 5.38
C LEU A 131 54.69 32.85 5.73
N ASN A 132 55.37 33.41 4.72
CA ASN A 132 56.62 34.19 4.87
C ASN A 132 57.67 33.47 5.72
N LEU A 133 57.71 32.14 5.60
CA LEU A 133 58.50 31.33 6.52
C LEU A 133 59.99 31.31 6.18
N ASP A 134 60.34 31.69 4.95
CA ASP A 134 61.70 31.70 4.41
C ASP A 134 62.41 30.34 4.54
N CYS A 139 64.80 27.79 4.95
CA CYS A 139 65.23 28.23 3.64
C CYS A 139 66.26 27.29 3.04
N SER A 140 66.01 26.87 1.79
CA SER A 140 66.96 26.05 1.05
C SER A 140 67.17 26.62 -0.34
N GLU A 141 66.12 27.25 -0.89
CA GLU A 141 66.11 27.97 -2.17
C GLU A 141 66.47 27.09 -3.37
N HIS A 142 66.38 25.77 -3.22
CA HIS A 142 66.62 24.82 -4.30
C HIS A 142 65.60 23.70 -4.27
N ILE A 143 64.36 24.03 -3.94
CA ILE A 143 63.28 23.05 -3.91
C ILE A 143 62.47 23.20 -5.18
N PRO A 144 61.99 22.11 -5.79
CA PRO A 144 61.27 22.22 -7.06
C PRO A 144 59.79 22.48 -6.87
N SER A 145 59.17 23.02 -7.92
CA SER A 145 57.75 23.33 -7.94
C SER A 145 57.03 22.45 -8.96
N THR A 146 55.94 21.84 -8.53
CA THR A 146 55.10 21.05 -9.42
C THR A 146 54.05 21.95 -10.05
N ILE A 147 53.77 21.74 -11.34
CA ILE A 147 52.82 22.62 -12.01
C ILE A 147 51.43 21.98 -12.05
N ALA A 148 51.37 20.65 -12.00
CA ALA A 148 50.10 19.95 -11.99
C ALA A 148 50.29 18.60 -11.32
N VAL A 149 49.19 18.00 -10.90
CA VAL A 149 49.19 16.75 -10.16
C VAL A 149 48.20 15.80 -10.83
N VAL A 150 48.67 14.61 -11.19
CA VAL A 150 47.82 13.51 -11.62
C VAL A 150 47.67 12.57 -10.43
N GLY A 151 46.45 12.29 -10.00
CA GLY A 151 46.35 11.27 -8.98
C GLY A 151 45.05 11.34 -8.21
N ALA A 152 45.09 10.64 -7.06
CA ALA A 152 44.01 10.39 -6.11
C ALA A 152 42.86 9.57 -6.67
N THR A 153 43.06 8.25 -6.76
CA THR A 153 42.04 7.27 -7.14
C THR A 153 40.72 7.42 -6.39
N GLY A 154 40.74 7.35 -5.07
CA GLY A 154 39.52 7.35 -4.28
C GLY A 154 38.99 8.73 -3.98
N SER A 155 37.67 8.83 -3.83
CA SER A 155 37.01 10.14 -3.81
C SER A 155 37.24 10.91 -2.53
N GLY A 156 37.28 10.24 -1.38
CA GLY A 156 37.63 10.93 -0.15
C GLY A 156 39.05 11.43 -0.14
N VAL A 157 39.97 10.61 -0.65
CA VAL A 157 41.36 11.01 -0.84
C VAL A 157 41.44 12.18 -1.83
N SER A 158 40.60 12.15 -2.87
CA SER A 158 40.56 13.23 -3.86
C SER A 158 40.08 14.54 -3.26
N THR A 159 39.03 14.49 -2.43
CA THR A 159 38.53 15.71 -1.80
C THR A 159 39.54 16.30 -0.83
N ALA A 160 40.21 15.43 -0.04
CA ALA A 160 41.23 15.91 0.89
C ALA A 160 42.42 16.52 0.17
N VAL A 161 42.88 15.92 -0.94
CA VAL A 161 43.98 16.48 -1.71
C VAL A 161 43.55 17.76 -2.42
N ALA A 162 42.30 17.81 -2.91
CA ALA A 162 41.80 18.97 -3.63
C ALA A 162 41.66 20.19 -2.75
N ASN A 163 41.30 19.99 -1.47
CA ASN A 163 41.23 21.09 -0.51
C ASN A 163 42.57 21.79 -0.36
N LEU A 164 43.66 21.04 -0.30
CA LEU A 164 44.97 21.65 -0.09
C LEU A 164 45.57 22.16 -1.39
N LEU A 165 45.28 21.51 -2.53
CA LEU A 165 45.81 22.00 -3.79
C LEU A 165 45.07 23.21 -4.32
N GLY A 166 43.78 23.38 -3.99
CA GLY A 166 43.06 24.54 -4.45
C GLY A 166 43.39 25.83 -3.75
N LEU A 167 44.14 25.76 -2.64
CA LEU A 167 44.65 26.97 -2.00
C LEU A 167 45.64 27.69 -2.90
N PHE A 168 46.48 26.94 -3.60
CA PHE A 168 47.58 27.49 -4.37
C PHE A 168 47.32 27.48 -5.87
N TYR A 169 46.10 27.11 -6.28
CA TYR A 169 45.66 27.08 -7.68
C TYR A 169 46.53 26.16 -8.53
N ILE A 170 46.88 25.01 -7.97
CA ILE A 170 47.59 23.96 -8.70
C ILE A 170 46.55 23.02 -9.28
N PRO A 171 46.53 22.80 -10.60
CA PRO A 171 45.55 21.89 -11.18
C PRO A 171 45.75 20.45 -10.74
N GLN A 172 44.64 19.72 -10.66
CA GLN A 172 44.64 18.33 -10.26
C GLN A 172 43.69 17.59 -11.19
N VAL A 173 44.23 16.73 -12.04
CA VAL A 173 43.43 15.86 -12.91
C VAL A 173 43.38 14.48 -12.28
N SER A 174 42.17 13.96 -12.07
CA SER A 174 42.00 12.65 -11.49
C SER A 174 41.54 11.65 -12.56
N TYR A 175 42.12 10.47 -12.52
CA TYR A 175 41.78 9.41 -13.46
C TYR A 175 40.66 8.50 -12.98
N ALA A 176 40.28 8.54 -11.70
CA ALA A 176 39.36 7.55 -11.18
C ALA A 176 38.24 8.08 -10.30
N SER A 177 38.36 9.26 -9.70
CA SER A 177 37.37 9.74 -8.73
C SER A 177 36.14 10.27 -9.44
N SER A 178 34.97 9.73 -9.10
CA SER A 178 33.75 10.01 -9.85
C SER A 178 32.61 10.53 -8.98
N SER A 179 32.90 11.05 -7.79
CA SER A 179 31.86 11.57 -6.92
C SER A 179 31.29 12.87 -7.49
N ARG A 180 29.97 13.05 -7.33
CA ARG A 180 29.35 14.26 -7.83
C ARG A 180 29.68 15.48 -6.97
N LEU A 181 30.10 15.26 -5.72
CA LEU A 181 30.47 16.34 -4.82
C LEU A 181 31.71 17.10 -5.28
N LEU A 182 32.53 16.49 -6.14
CA LEU A 182 33.68 17.17 -6.70
C LEU A 182 33.36 17.99 -7.93
N SER A 183 32.09 18.03 -8.35
CA SER A 183 31.67 18.92 -9.43
C SER A 183 31.36 20.33 -8.94
N ASN A 184 31.37 20.56 -7.64
CA ASN A 184 31.11 21.89 -7.07
C ASN A 184 32.36 22.72 -7.20
N LYS A 185 32.33 23.73 -8.06
CA LYS A 185 33.48 24.57 -8.34
C LYS A 185 33.59 25.76 -7.39
N ASN A 186 32.61 25.94 -6.49
CA ASN A 186 32.78 26.91 -5.42
C ASN A 186 33.81 26.45 -4.41
N GLN A 187 33.82 25.15 -4.11
CA GLN A 187 34.71 24.58 -3.12
C GLN A 187 35.97 24.00 -3.74
N PHE A 188 35.85 23.38 -4.91
CA PHE A 188 36.96 22.68 -5.55
C PHE A 188 37.32 23.46 -6.80
N LYS A 189 38.26 24.39 -6.65
CA LYS A 189 38.54 25.37 -7.69
C LYS A 189 39.32 24.79 -8.85
N SER A 190 40.28 23.90 -8.58
CA SER A 190 41.22 23.47 -9.61
C SER A 190 41.15 21.98 -9.91
N PHE A 191 40.00 21.33 -9.68
CA PHE A 191 39.89 19.89 -9.88
C PHE A 191 39.26 19.57 -11.23
N LEU A 192 39.81 18.56 -11.91
CA LEU A 192 39.33 18.08 -13.20
C LEU A 192 39.34 16.56 -13.23
N ARG A 193 38.61 16.00 -14.18
CA ARG A 193 38.38 14.56 -14.30
C ARG A 193 38.60 14.09 -15.72
N THR A 194 39.12 12.88 -15.88
CA THR A 194 39.04 12.15 -17.14
C THR A 194 38.09 10.97 -17.05
N ILE A 195 37.22 10.96 -16.06
CA ILE A 195 36.24 9.89 -15.87
C ILE A 195 34.87 10.52 -15.70
N PRO A 196 33.80 9.94 -16.24
CA PRO A 196 32.46 10.49 -15.99
C PRO A 196 32.04 10.28 -14.54
N ASN A 197 31.17 11.17 -14.07
CA ASN A 197 30.69 11.07 -12.70
C ASN A 197 29.52 10.10 -12.63
N ASP A 198 29.05 9.84 -11.41
CA ASP A 198 28.29 8.63 -11.09
C ASP A 198 26.79 8.81 -11.17
N GLU A 199 26.31 9.88 -11.78
CA GLU A 199 24.87 10.09 -11.79
C GLU A 199 24.20 9.40 -12.97
N HIS A 200 24.89 9.31 -14.09
CA HIS A 200 24.48 8.44 -15.18
C HIS A 200 24.50 6.98 -14.76
N GLN A 201 25.44 6.59 -13.91
CA GLN A 201 25.52 5.21 -13.45
C GLN A 201 24.33 4.83 -12.56
N ALA A 202 23.92 5.74 -11.67
CA ALA A 202 22.76 5.48 -10.82
C ALA A 202 21.48 5.47 -11.64
N THR A 203 21.36 6.39 -12.60
CA THR A 203 20.21 6.39 -13.51
C THR A 203 20.16 5.11 -14.34
N ALA A 204 21.32 4.63 -14.80
CA ALA A 204 21.39 3.39 -15.56
C ALA A 204 21.03 2.18 -14.72
N MET A 205 21.40 2.19 -13.44
CA MET A 205 21.02 1.10 -12.54
C MET A 205 19.51 1.05 -12.34
N ALA A 206 18.88 2.22 -12.19
CA ALA A 206 17.43 2.28 -12.14
C ALA A 206 16.79 1.81 -13.45
N ASP A 207 17.41 2.13 -14.59
CA ASP A 207 16.90 1.70 -15.89
C ASP A 207 16.99 0.20 -16.06
N ILE A 208 18.07 -0.41 -15.56
CA ILE A 208 18.23 -1.86 -15.65
C ILE A 208 17.21 -2.56 -14.77
N ILE A 209 16.92 -1.99 -13.59
CA ILE A 209 15.89 -2.57 -12.74
C ILE A 209 14.51 -2.45 -13.39
N GLU A 210 14.25 -1.32 -14.05
CA GLU A 210 12.97 -1.12 -14.73
C GLU A 210 12.80 -2.05 -15.93
N TYR A 211 13.89 -2.36 -16.64
CA TYR A 211 13.82 -3.17 -17.85
C TYR A 211 13.40 -4.62 -17.55
N PHE A 212 13.91 -5.20 -16.47
CA PHE A 212 13.60 -6.59 -16.13
C PHE A 212 12.37 -6.73 -15.25
N ARG A 213 11.69 -5.62 -14.93
CA ARG A 213 10.38 -5.58 -14.29
C ARG A 213 10.42 -6.13 -12.87
N TRP A 214 11.39 -5.67 -12.09
CA TRP A 214 11.47 -5.93 -10.66
C TRP A 214 10.98 -4.70 -9.90
N ASN A 215 10.42 -4.91 -8.70
CA ASN A 215 10.05 -3.78 -7.85
C ASN A 215 10.41 -3.96 -6.39
N TRP A 216 11.25 -4.93 -6.05
CA TRP A 216 11.60 -5.23 -4.66
C TRP A 216 13.10 -5.48 -4.58
N VAL A 217 13.85 -4.46 -4.15
CA VAL A 217 15.31 -4.49 -4.15
C VAL A 217 15.84 -4.03 -2.79
N GLY A 218 17.11 -4.35 -2.54
CA GLY A 218 17.84 -3.84 -1.40
C GLY A 218 19.12 -3.15 -1.83
N THR A 219 19.65 -2.22 -1.02
CA THR A 219 20.80 -1.41 -1.41
C THR A 219 21.89 -1.48 -0.36
N ILE A 220 23.14 -1.48 -0.81
CA ILE A 220 24.33 -1.48 0.06
C ILE A 220 25.32 -0.48 -0.53
N ALA A 221 25.83 0.43 0.29
CA ALA A 221 26.80 1.41 -0.15
C ALA A 221 27.96 1.51 0.83
N ALA A 222 29.12 1.92 0.32
CA ALA A 222 30.29 2.14 1.16
C ALA A 222 30.21 3.51 1.82
N ASP A 223 30.55 3.55 3.10
CA ASP A 223 30.40 4.76 3.91
C ASP A 223 31.59 5.68 3.66
N ASP A 224 31.53 6.39 2.54
CA ASP A 224 32.56 7.37 2.16
C ASP A 224 31.92 8.38 1.23
N ASP A 225 32.75 9.19 0.57
CA ASP A 225 32.27 10.19 -0.37
C ASP A 225 31.91 9.62 -1.73
N TYR A 226 32.12 8.33 -1.94
CA TYR A 226 31.80 7.67 -3.19
C TYR A 226 30.45 6.95 -3.16
N GLY A 227 30.21 6.14 -2.14
CA GLY A 227 28.99 5.36 -2.08
C GLY A 227 27.73 6.10 -1.67
N ARG A 228 27.86 7.03 -0.71
CA ARG A 228 26.68 7.72 -0.19
C ARG A 228 25.96 8.61 -1.21
N PRO A 229 26.63 9.50 -1.98
CA PRO A 229 25.84 10.29 -2.95
C PRO A 229 25.33 9.48 -4.12
N GLY A 230 26.07 8.43 -4.52
CA GLY A 230 25.58 7.56 -5.57
C GLY A 230 24.34 6.80 -5.18
N ILE A 231 24.30 6.28 -3.95
CA ILE A 231 23.12 5.54 -3.53
C ILE A 231 21.96 6.50 -3.24
N GLU A 232 22.26 7.75 -2.87
CA GLU A 232 21.18 8.74 -2.70
C GLU A 232 20.55 9.12 -4.04
N LYS A 233 21.37 9.29 -5.08
CA LYS A 233 20.85 9.53 -6.42
C LYS A 233 20.06 8.34 -6.95
N PHE A 234 20.53 7.11 -6.67
CA PHE A 234 19.77 5.93 -7.07
C PHE A 234 18.42 5.84 -6.36
N ARG A 235 18.36 6.20 -5.08
CA ARG A 235 17.09 6.20 -4.36
C ARG A 235 16.12 7.22 -4.94
N GLU A 236 16.62 8.42 -5.25
CA GLU A 236 15.81 9.45 -5.88
C GLU A 236 15.28 9.01 -7.24
N GLU A 237 16.10 8.30 -8.03
CA GLU A 237 15.65 7.82 -9.33
C GLU A 237 14.67 6.66 -9.20
N ALA A 238 14.88 5.77 -8.22
CA ALA A 238 14.03 4.60 -8.07
C ALA A 238 12.65 4.97 -7.53
N GLU A 239 12.55 6.08 -6.79
CA GLU A 239 11.25 6.52 -6.30
C GLU A 239 10.33 6.95 -7.44
N GLU A 240 10.87 7.54 -8.51
CA GLU A 240 10.04 7.99 -9.61
C GLU A 240 9.53 6.85 -10.49
N ARG A 241 10.19 5.69 -10.46
CA ARG A 241 9.81 4.56 -11.30
C ARG A 241 9.01 3.51 -10.56
N ASP A 242 8.52 3.84 -9.36
CA ASP A 242 7.70 2.95 -8.52
C ASP A 242 8.43 1.65 -8.17
N ILE A 243 9.67 1.78 -7.71
CA ILE A 243 10.46 0.67 -7.21
C ILE A 243 10.58 0.83 -5.70
N CYS A 244 10.26 -0.23 -4.96
CA CYS A 244 10.28 -0.21 -3.51
C CYS A 244 11.60 -0.77 -3.01
N ILE A 245 12.27 -0.03 -2.13
CA ILE A 245 13.55 -0.44 -1.55
C ILE A 245 13.31 -0.94 -0.13
N ASP A 246 13.81 -2.13 0.17
CA ASP A 246 13.53 -2.79 1.44
C ASP A 246 14.54 -2.41 2.53
N PHE A 247 15.82 -2.67 2.28
CA PHE A 247 16.86 -2.35 3.25
C PHE A 247 17.91 -1.44 2.61
N SER A 248 18.60 -0.69 3.47
CA SER A 248 19.73 0.14 3.06
C SER A 248 20.77 0.11 4.17
N GLU A 249 21.95 -0.42 3.88
CA GLU A 249 22.98 -0.57 4.89
C GLU A 249 24.30 0.00 4.39
N LEU A 250 25.17 0.35 5.34
CA LEU A 250 26.49 0.90 5.05
C LEU A 250 27.55 -0.04 5.60
N ILE A 251 28.67 -0.15 4.87
CA ILE A 251 29.78 -1.02 5.22
C ILE A 251 31.09 -0.27 5.01
N SER A 252 32.16 -0.84 5.56
CA SER A 252 33.48 -0.23 5.47
C SER A 252 34.54 -1.32 5.46
N GLN A 253 35.75 -0.94 5.06
CA GLN A 253 36.89 -1.84 5.12
C GLN A 253 37.26 -2.17 6.56
N TYR A 254 37.17 -1.18 7.45
CA TYR A 254 37.51 -1.33 8.86
C TYR A 254 36.26 -1.52 9.72
N SER A 255 35.25 -2.18 9.18
CA SER A 255 34.08 -2.57 9.96
C SER A 255 34.43 -3.75 10.85
N ASP A 256 33.90 -3.75 12.07
CA ASP A 256 34.13 -4.84 13.00
C ASP A 256 33.15 -5.97 12.72
N GLU A 257 33.22 -7.04 13.53
CA GLU A 257 32.50 -8.26 13.21
C GLU A 257 31.00 -8.12 13.43
N GLU A 258 30.58 -7.47 14.52
CA GLU A 258 29.16 -7.41 14.85
C GLU A 258 28.38 -6.53 13.87
N GLU A 259 29.03 -5.53 13.27
CA GLU A 259 28.39 -4.79 12.18
C GLU A 259 28.16 -5.68 10.96
N ILE A 260 29.13 -6.56 10.66
CA ILE A 260 29.01 -7.46 9.53
C ILE A 260 27.90 -8.48 9.75
N GLN A 261 27.79 -9.02 10.97
CA GLN A 261 26.68 -9.94 11.21
C GLN A 261 25.34 -9.24 11.29
N HIS A 262 25.30 -7.96 11.68
CA HIS A 262 24.04 -7.22 11.58
C HIS A 262 23.62 -7.05 10.12
N VAL A 263 24.57 -6.72 9.25
CA VAL A 263 24.27 -6.60 7.82
C VAL A 263 23.84 -7.93 7.23
N VAL A 264 24.46 -9.03 7.67
CA VAL A 264 24.13 -10.36 7.14
C VAL A 264 22.72 -10.78 7.57
N GLU A 265 22.36 -10.55 8.84
CA GLU A 265 20.99 -10.83 9.28
C GLU A 265 19.97 -9.90 8.65
N VAL A 266 20.35 -8.67 8.29
CA VAL A 266 19.42 -7.81 7.55
C VAL A 266 19.21 -8.36 6.14
N ILE A 267 20.27 -8.87 5.51
CA ILE A 267 20.15 -9.40 4.14
C ILE A 267 19.31 -10.67 4.12
N GLN A 268 19.57 -11.60 5.03
CA GLN A 268 18.88 -12.88 4.96
C GLN A 268 17.56 -12.91 5.73
N ASN A 269 17.06 -11.75 6.16
CA ASN A 269 15.70 -11.64 6.67
C ASN A 269 14.73 -11.11 5.63
N SER A 270 15.24 -10.62 4.49
CA SER A 270 14.42 -10.07 3.43
C SER A 270 14.12 -11.12 2.38
N THR A 271 13.03 -10.89 1.64
CA THR A 271 12.68 -11.72 0.49
C THR A 271 13.08 -11.06 -0.83
N ALA A 272 13.70 -9.89 -0.78
CA ALA A 272 14.21 -9.25 -1.98
C ALA A 272 15.45 -9.97 -2.47
N LYS A 273 15.50 -10.22 -3.78
CA LYS A 273 16.62 -10.95 -4.38
C LYS A 273 17.67 -10.05 -5.00
N VAL A 274 17.31 -8.85 -5.43
CA VAL A 274 18.19 -7.97 -6.18
C VAL A 274 18.82 -6.98 -5.20
N ILE A 275 20.14 -6.95 -5.16
CA ILE A 275 20.88 -6.05 -4.28
C ILE A 275 21.78 -5.17 -5.12
N VAL A 276 21.69 -3.86 -4.92
CA VAL A 276 22.45 -2.85 -5.65
C VAL A 276 23.57 -2.35 -4.76
N VAL A 277 24.83 -2.53 -5.18
CA VAL A 277 25.99 -2.22 -4.33
C VAL A 277 26.80 -1.10 -4.97
N PHE A 278 27.00 -0.02 -4.22
CA PHE A 278 27.85 1.12 -4.59
C PHE A 278 29.06 1.14 -3.66
N SER A 279 30.13 0.46 -4.05
CA SER A 279 31.30 0.30 -3.18
C SER A 279 32.52 0.00 -4.03
N SER A 280 33.66 -0.08 -3.37
CA SER A 280 34.89 -0.55 -3.99
C SER A 280 35.24 -1.94 -3.44
N GLY A 281 36.32 -2.51 -3.97
CA GLY A 281 36.75 -3.85 -3.64
C GLY A 281 37.14 -4.10 -2.19
N PRO A 282 38.17 -3.40 -1.69
CA PRO A 282 38.55 -3.56 -0.28
C PRO A 282 37.49 -3.12 0.71
N ASP A 283 36.55 -2.28 0.32
CA ASP A 283 35.45 -1.93 1.22
C ASP A 283 34.37 -2.99 1.25
N LEU A 284 34.33 -3.90 0.27
CA LEU A 284 33.29 -4.92 0.18
C LEU A 284 33.77 -6.30 0.56
N GLU A 285 35.09 -6.52 0.60
CA GLU A 285 35.64 -7.85 0.89
C GLU A 285 35.19 -8.54 2.19
N PRO A 286 35.10 -7.88 3.38
CA PRO A 286 34.68 -8.65 4.57
C PRO A 286 33.23 -9.14 4.53
N LEU A 287 32.32 -8.35 3.96
CA LEU A 287 30.94 -8.77 3.86
C LEU A 287 30.78 -9.95 2.91
N ILE A 288 31.53 -9.95 1.80
CA ILE A 288 31.49 -11.05 0.86
C ILE A 288 32.09 -12.31 1.49
N LYS A 289 33.13 -12.15 2.31
CA LYS A 289 33.71 -13.29 3.02
C LYS A 289 32.73 -13.91 4.01
N GLU A 290 31.98 -13.07 4.73
CA GLU A 290 31.00 -13.58 5.68
C GLU A 290 29.81 -14.24 4.98
N ILE A 291 29.39 -13.69 3.83
CA ILE A 291 28.29 -14.28 3.07
C ILE A 291 28.71 -15.62 2.46
N VAL A 292 29.97 -15.72 2.02
CA VAL A 292 30.49 -16.97 1.47
C VAL A 292 30.59 -18.03 2.54
N ARG A 293 30.98 -17.64 3.77
CA ARG A 293 31.09 -18.59 4.87
C ARG A 293 29.75 -19.20 5.25
N ARG A 294 28.66 -18.44 5.14
CA ARG A 294 27.34 -18.91 5.52
C ARG A 294 26.56 -19.57 4.39
N ASN A 295 27.11 -19.58 3.16
CA ASN A 295 26.53 -20.23 1.97
C ASN A 295 25.13 -19.67 1.64
N ILE A 296 25.07 -18.35 1.45
CA ILE A 296 23.85 -17.68 1.07
C ILE A 296 23.83 -17.54 -0.45
N THR A 297 22.84 -18.14 -1.10
CA THR A 297 22.80 -18.29 -2.55
C THR A 297 21.53 -17.68 -3.11
N GLY A 298 21.59 -17.36 -4.40
CA GLY A 298 20.42 -16.90 -5.12
C GLY A 298 20.15 -15.42 -5.10
N LYS A 299 21.17 -14.58 -4.98
CA LYS A 299 21.00 -13.14 -5.03
C LYS A 299 21.53 -12.61 -6.35
N ILE A 300 20.96 -11.49 -6.77
CA ILE A 300 21.29 -10.86 -8.05
C ILE A 300 21.98 -9.56 -7.72
N TRP A 301 23.29 -9.51 -7.91
CA TRP A 301 24.09 -8.34 -7.56
C TRP A 301 24.22 -7.39 -8.74
N LEU A 302 23.89 -6.13 -8.51
CA LEU A 302 24.14 -5.07 -9.48
C LEU A 302 25.33 -4.25 -8.99
N ALA A 303 26.41 -4.29 -9.75
CA ALA A 303 27.70 -3.77 -9.34
C ALA A 303 27.96 -2.39 -9.94
N SER A 304 28.48 -1.49 -9.11
CA SER A 304 29.03 -0.25 -9.64
C SER A 304 30.38 -0.53 -10.29
N GLU A 305 30.92 0.48 -10.96
CA GLU A 305 32.11 0.30 -11.79
C GLU A 305 33.35 -0.01 -10.95
N ALA A 306 33.38 0.40 -9.69
CA ALA A 306 34.57 0.24 -8.88
C ALA A 306 34.84 -1.18 -8.42
N TRP A 307 33.83 -2.06 -8.33
CA TRP A 307 34.14 -3.45 -8.01
C TRP A 307 33.69 -4.43 -9.07
N ALA A 308 33.15 -3.97 -10.20
CA ALA A 308 32.67 -4.89 -11.22
C ALA A 308 33.79 -5.61 -11.97
N SER A 309 35.05 -5.19 -11.80
CA SER A 309 36.18 -5.89 -12.38
C SER A 309 37.26 -6.19 -11.37
N SER A 310 36.97 -6.10 -10.07
CA SER A 310 37.97 -6.26 -9.04
C SER A 310 38.40 -7.72 -8.91
N SER A 311 39.70 -7.93 -8.70
CA SER A 311 40.23 -9.25 -8.46
C SER A 311 40.07 -9.71 -7.02
N LEU A 312 39.68 -8.81 -6.12
CA LEU A 312 39.41 -9.17 -4.73
C LEU A 312 38.08 -9.87 -4.57
N ILE A 313 37.10 -9.57 -5.42
CA ILE A 313 35.76 -10.11 -5.30
C ILE A 313 35.58 -11.24 -6.30
N ALA A 314 36.21 -11.12 -7.46
CA ALA A 314 36.03 -12.11 -8.53
C ALA A 314 37.07 -13.22 -8.39
N MET A 315 36.86 -14.04 -7.36
CA MET A 315 37.60 -15.25 -7.09
C MET A 315 36.72 -16.46 -7.40
N PRO A 316 37.31 -17.57 -7.87
CA PRO A 316 36.49 -18.75 -8.17
C PRO A 316 35.80 -19.35 -6.97
N GLN A 317 36.44 -19.36 -5.80
CA GLN A 317 35.88 -19.91 -4.59
C GLN A 317 34.69 -19.12 -4.07
N TYR A 318 34.48 -17.90 -4.56
CA TYR A 318 33.32 -17.11 -4.20
C TYR A 318 32.17 -17.27 -5.17
N PHE A 319 32.34 -18.09 -6.22
CA PHE A 319 31.47 -18.03 -7.40
C PHE A 319 30.03 -18.39 -7.08
N HIS A 320 29.83 -19.39 -6.22
CA HIS A 320 28.50 -19.84 -5.82
C HIS A 320 27.72 -18.77 -5.05
N VAL A 321 28.38 -17.71 -4.60
CA VAL A 321 27.71 -16.53 -4.10
C VAL A 321 27.60 -15.45 -5.18
N VAL A 322 28.66 -15.19 -5.94
CA VAL A 322 28.70 -13.98 -6.77
C VAL A 322 28.58 -14.28 -8.26
N GLY A 323 28.25 -15.51 -8.63
CA GLY A 323 28.08 -15.83 -10.04
C GLY A 323 26.86 -15.15 -10.62
N GLY A 324 27.02 -14.62 -11.83
CA GLY A 324 25.94 -13.92 -12.50
C GLY A 324 25.82 -12.46 -12.20
N THR A 325 26.88 -11.83 -11.68
CA THR A 325 26.85 -10.41 -11.36
C THR A 325 26.80 -9.56 -12.63
N ILE A 326 25.94 -8.55 -12.63
CA ILE A 326 25.80 -7.62 -13.75
C ILE A 326 26.41 -6.30 -13.35
N GLY A 327 27.33 -5.78 -14.16
CA GLY A 327 28.06 -4.60 -13.76
C GLY A 327 28.42 -3.68 -14.90
N PHE A 328 29.01 -2.55 -14.52
CA PHE A 328 29.35 -1.47 -15.43
C PHE A 328 30.86 -1.41 -15.65
N ALA A 329 31.27 -1.12 -16.87
CA ALA A 329 32.67 -0.88 -17.19
C ALA A 329 32.79 0.38 -18.03
N LEU A 330 33.96 1.01 -17.97
CA LEU A 330 34.23 2.14 -18.83
C LEU A 330 34.67 1.66 -20.21
N LYS A 331 34.84 2.61 -21.13
CA LYS A 331 35.24 2.27 -22.49
C LYS A 331 36.76 2.07 -22.55
N ALA A 332 37.17 1.07 -23.31
CA ALA A 332 38.58 0.72 -23.44
C ALA A 332 39.28 1.61 -24.48
N GLY A 333 40.59 1.76 -24.30
CA GLY A 333 41.40 2.46 -25.26
C GLY A 333 42.64 1.65 -25.62
N GLN A 334 43.38 2.14 -26.60
CA GLN A 334 44.61 1.52 -27.06
C GLN A 334 45.79 2.46 -26.80
N ILE A 335 46.78 1.96 -26.07
CA ILE A 335 48.11 2.55 -25.98
C ILE A 335 49.07 1.57 -26.65
N PRO A 336 49.58 1.86 -27.87
CA PRO A 336 50.24 0.82 -28.68
C PRO A 336 51.49 0.15 -28.13
N GLY A 337 52.54 0.90 -27.78
CA GLY A 337 53.76 0.24 -27.36
C GLY A 337 53.87 -0.05 -25.87
N PHE A 338 52.74 -0.11 -25.17
CA PHE A 338 52.72 -0.10 -23.72
C PHE A 338 53.06 -1.45 -23.10
N ARG A 339 52.60 -2.55 -23.73
CA ARG A 339 52.85 -3.89 -23.20
C ARG A 339 54.33 -4.24 -23.23
N GLU A 340 55.03 -3.86 -24.30
CA GLU A 340 56.46 -4.07 -24.38
C GLU A 340 57.22 -3.21 -23.39
N PHE A 341 56.67 -2.04 -23.05
CA PHE A 341 57.25 -1.23 -21.98
C PHE A 341 57.04 -1.87 -20.61
N LEU A 342 55.88 -2.49 -20.39
CA LEU A 342 55.62 -3.18 -19.13
C LEU A 342 56.50 -4.40 -18.97
N LYS A 343 56.87 -5.05 -20.06
CA LYS A 343 57.73 -6.23 -19.99
C LYS A 343 59.21 -5.90 -19.82
N LYS A 344 59.58 -4.66 -19.51
CA LYS A 344 60.98 -4.26 -19.40
C LYS A 344 61.37 -3.86 -17.99
N VAL A 345 60.50 -4.08 -17.00
CA VAL A 345 60.77 -3.66 -15.63
C VAL A 345 61.82 -4.57 -15.01
N HIS A 346 62.73 -3.98 -14.23
CA HIS A 346 63.83 -4.69 -13.59
C HIS A 346 64.23 -3.92 -12.35
N PRO A 347 64.62 -4.59 -11.26
CA PRO A 347 65.05 -3.85 -10.07
C PRO A 347 66.38 -3.14 -10.24
N ARG A 348 67.27 -3.67 -11.08
CA ARG A 348 68.60 -3.09 -11.24
C ARG A 348 68.69 -2.11 -12.39
N LYS A 349 67.70 -2.11 -13.31
CA LYS A 349 67.73 -1.21 -14.45
C LYS A 349 66.80 -0.01 -14.28
N SER A 350 65.77 -0.12 -13.46
CA SER A 350 64.89 1.02 -13.18
C SER A 350 65.51 1.80 -12.02
N VAL A 351 66.38 2.74 -12.35
CA VAL A 351 67.02 3.57 -11.34
C VAL A 351 66.10 4.69 -10.88
N HIS A 352 65.15 5.10 -11.71
CA HIS A 352 64.23 6.17 -11.39
C HIS A 352 62.94 5.68 -10.75
N ASN A 353 62.73 4.38 -10.68
CA ASN A 353 61.52 3.79 -10.12
C ASN A 353 61.90 3.06 -8.85
N GLY A 354 61.52 3.62 -7.70
CA GLY A 354 61.75 2.99 -6.42
C GLY A 354 60.75 1.93 -6.03
N PHE A 355 59.72 1.71 -6.84
CA PHE A 355 58.71 0.70 -6.60
C PHE A 355 59.00 -0.60 -7.35
N ALA A 356 60.10 -0.66 -8.10
CA ALA A 356 60.39 -1.85 -8.89
C ALA A 356 60.93 -3.00 -8.03
N LYS A 357 61.61 -2.67 -6.92
CA LYS A 357 62.22 -3.67 -6.06
C LYS A 357 61.16 -4.49 -5.33
N GLU A 358 60.18 -3.82 -4.73
CA GLU A 358 59.13 -4.55 -4.03
C GLU A 358 58.20 -5.25 -5.00
N PHE A 359 58.06 -4.71 -6.23
CA PHE A 359 57.30 -5.41 -7.26
C PHE A 359 57.97 -6.73 -7.63
N TRP A 360 59.30 -6.70 -7.75
CA TRP A 360 60.05 -7.91 -8.07
C TRP A 360 59.98 -8.92 -6.95
N GLU A 361 59.97 -8.44 -5.70
CA GLU A 361 59.90 -9.36 -4.57
C GLU A 361 58.51 -9.97 -4.43
N GLU A 362 57.45 -9.20 -4.65
CA GLU A 362 56.11 -9.75 -4.50
C GLU A 362 55.73 -10.64 -5.67
N THR A 363 56.31 -10.42 -6.85
CA THR A 363 56.03 -11.31 -7.97
C THR A 363 56.65 -12.68 -7.77
N PHE A 364 57.92 -12.74 -7.39
CA PHE A 364 58.66 -13.99 -7.40
C PHE A 364 58.84 -14.62 -6.03
N ASN A 365 58.31 -13.98 -4.98
CA ASN A 365 58.36 -14.44 -3.58
C ASN A 365 59.79 -14.73 -3.12
N CYS A 366 60.63 -13.72 -3.27
CA CYS A 366 62.05 -13.82 -2.98
C CYS A 366 62.50 -12.53 -2.32
N HIS A 367 63.77 -12.49 -1.91
CA HIS A 367 64.35 -11.34 -1.24
C HIS A 367 65.58 -10.87 -2.01
N LEU A 368 65.69 -9.57 -2.19
CA LEU A 368 66.84 -8.96 -2.85
C LEU A 368 67.82 -8.49 -1.80
N GLN A 369 69.06 -8.98 -1.88
CA GLN A 369 70.08 -8.62 -0.92
C GLN A 369 70.53 -7.18 -1.15
N GLU A 370 70.71 -6.44 -0.04
CA GLU A 370 71.14 -5.04 0.00
C GLU A 370 70.19 -4.12 -0.77
N PHE A 399 61.34 -16.60 6.01
CA PHE A 399 62.60 -16.55 5.28
C PHE A 399 62.43 -17.06 3.84
N ARG A 400 62.65 -16.16 2.89
CA ARG A 400 62.50 -16.35 1.47
C ARG A 400 63.86 -16.43 0.78
N PRO A 401 63.97 -17.15 -0.33
CA PRO A 401 65.28 -17.31 -0.98
C PRO A 401 65.72 -16.05 -1.70
N LEU A 402 66.98 -16.06 -2.09
CA LEU A 402 67.62 -14.88 -2.68
C LEU A 402 67.28 -14.77 -4.16
N CYS A 403 66.85 -13.58 -4.58
CA CYS A 403 66.53 -13.35 -5.98
C CYS A 403 67.80 -13.28 -6.79
N THR A 404 67.76 -13.79 -8.00
CA THR A 404 68.64 -13.32 -9.05
C THR A 404 67.92 -12.22 -9.81
N GLY A 405 68.47 -11.79 -10.94
CA GLY A 405 67.74 -10.91 -11.83
C GLY A 405 67.29 -11.59 -13.10
N ASP A 406 67.39 -12.91 -13.19
CA ASP A 406 67.14 -13.67 -14.40
C ASP A 406 65.70 -14.10 -14.55
N GLU A 407 64.85 -13.79 -13.59
CA GLU A 407 63.49 -14.28 -13.59
C GLU A 407 62.64 -13.56 -14.63
N ASN A 408 61.64 -14.27 -15.16
CA ASN A 408 60.90 -13.83 -16.33
C ASN A 408 59.45 -13.55 -15.94
N ILE A 409 58.97 -12.34 -16.30
CA ILE A 409 57.67 -11.81 -15.88
C ILE A 409 56.53 -12.66 -16.41
N SER A 410 56.71 -13.28 -17.57
CA SER A 410 55.68 -14.10 -18.20
C SER A 410 55.38 -15.39 -17.45
N SER A 411 56.21 -15.78 -16.48
CA SER A 411 56.04 -17.04 -15.78
C SER A 411 54.99 -17.00 -14.67
N VAL A 412 54.61 -15.82 -14.20
CA VAL A 412 53.76 -15.66 -13.03
C VAL A 412 52.50 -14.91 -13.46
N GLU A 413 51.36 -15.30 -12.91
CA GLU A 413 50.05 -14.70 -13.24
C GLU A 413 49.61 -13.75 -12.14
N THR A 414 49.84 -12.45 -12.35
CA THR A 414 49.37 -11.38 -11.50
C THR A 414 48.50 -10.49 -12.39
N PRO A 415 47.79 -9.49 -11.88
CA PRO A 415 47.13 -8.52 -12.78
C PRO A 415 48.07 -7.50 -13.43
N TYR A 416 49.38 -7.68 -13.40
CA TYR A 416 50.29 -6.72 -14.02
C TYR A 416 50.25 -6.80 -15.54
N ILE A 417 50.59 -7.95 -16.12
CA ILE A 417 50.50 -8.11 -17.57
C ILE A 417 49.40 -9.07 -17.98
N ASP A 418 48.54 -9.48 -17.07
CA ASP A 418 47.41 -10.33 -17.44
C ASP A 418 46.15 -9.49 -17.33
N TYR A 419 45.87 -8.76 -18.39
CA TYR A 419 44.66 -7.96 -18.56
C TYR A 419 44.15 -8.23 -19.97
N THR A 420 42.99 -7.67 -20.28
CA THR A 420 42.50 -7.68 -21.65
C THR A 420 42.07 -6.32 -22.18
N HIS A 421 41.68 -5.38 -21.32
CA HIS A 421 41.29 -4.06 -21.75
C HIS A 421 41.88 -3.00 -20.83
N LEU A 422 42.42 -1.94 -21.43
CA LEU A 422 42.94 -0.79 -20.70
C LEU A 422 41.83 0.24 -20.54
N ARG A 423 41.35 0.46 -19.32
CA ARG A 423 40.31 1.45 -19.06
C ARG A 423 40.78 2.58 -18.14
N ILE A 424 41.25 2.29 -16.94
CA ILE A 424 41.76 3.35 -16.06
C ILE A 424 43.17 3.75 -16.49
N SER A 425 43.93 2.81 -17.06
CA SER A 425 45.26 3.11 -17.59
C SER A 425 45.20 4.11 -18.74
N TYR A 426 44.18 3.96 -19.59
CA TYR A 426 43.95 4.93 -20.64
C TYR A 426 43.56 6.29 -20.08
N ASN A 427 42.87 6.32 -18.95
CA ASN A 427 42.54 7.58 -18.28
C ASN A 427 43.80 8.28 -17.76
N VAL A 428 44.75 7.49 -17.22
CA VAL A 428 46.03 8.06 -16.76
C VAL A 428 46.80 8.66 -17.92
N TYR A 429 46.84 7.93 -19.04
CA TYR A 429 47.48 8.39 -20.27
C TYR A 429 46.85 9.69 -20.79
N LEU A 430 45.51 9.75 -20.78
CA LEU A 430 44.78 10.92 -21.23
C LEU A 430 45.01 12.13 -20.34
N ALA A 431 45.12 11.91 -19.02
CA ALA A 431 45.42 13.00 -18.09
C ALA A 431 46.78 13.64 -18.37
N VAL A 432 47.79 12.79 -18.57
CA VAL A 432 49.13 13.31 -18.85
C VAL A 432 49.16 14.05 -20.19
N TYR A 433 48.45 13.53 -21.20
CA TYR A 433 48.44 14.21 -22.49
C TYR A 433 47.63 15.49 -22.48
N SER A 434 46.61 15.58 -21.61
CA SER A 434 45.86 16.83 -21.45
C SER A 434 46.74 17.93 -20.88
N ILE A 435 47.53 17.58 -19.86
CA ILE A 435 48.46 18.56 -19.28
C ILE A 435 49.51 19.00 -20.30
N ALA A 436 50.01 18.05 -21.09
CA ALA A 436 51.00 18.37 -22.11
C ALA A 436 50.42 19.23 -23.23
N HIS A 437 49.15 19.04 -23.58
CA HIS A 437 48.56 19.88 -24.62
C HIS A 437 48.21 21.28 -24.12
N ALA A 438 47.89 21.43 -22.84
CA ALA A 438 47.76 22.78 -22.28
C ALA A 438 49.11 23.51 -22.28
N LEU A 439 50.19 22.79 -21.97
CA LEU A 439 51.52 23.39 -22.05
C LEU A 439 51.91 23.74 -23.48
N GLN A 440 51.54 22.90 -24.44
CA GLN A 440 51.82 23.21 -25.84
C GLN A 440 51.01 24.40 -26.33
N ASP A 441 49.78 24.55 -25.84
CA ASP A 441 48.99 25.76 -26.12
C ASP A 441 49.66 27.00 -25.55
N ILE A 442 50.31 26.88 -24.39
CA ILE A 442 51.09 28.00 -23.87
C ILE A 442 52.27 28.30 -24.80
N TYR A 443 52.93 27.26 -25.31
CA TYR A 443 54.19 27.45 -26.05
C TYR A 443 53.97 28.12 -27.41
N THR A 444 52.90 27.78 -28.13
CA THR A 444 52.70 28.25 -29.49
C THR A 444 51.87 29.53 -29.59
N CYS A 445 51.51 30.15 -28.49
CA CYS A 445 50.56 31.26 -28.52
C CYS A 445 51.24 32.53 -29.02
N LEU A 446 50.56 33.25 -29.92
CA LEU A 446 51.08 34.42 -30.61
C LEU A 446 50.73 35.69 -29.84
N PRO A 447 51.70 36.59 -29.67
CA PRO A 447 51.44 37.90 -29.05
C PRO A 447 50.28 38.65 -29.67
N GLY A 448 49.33 39.03 -28.82
CA GLY A 448 48.13 39.72 -29.24
C GLY A 448 46.88 38.88 -29.24
N ARG A 449 46.99 37.58 -29.05
CA ARG A 449 45.85 36.68 -29.12
C ARG A 449 45.89 35.67 -27.98
N GLY A 450 46.31 36.12 -26.79
CA GLY A 450 46.39 35.25 -25.63
C GLY A 450 45.11 35.24 -24.81
N LEU A 451 45.13 34.45 -23.73
CA LEU A 451 43.99 34.31 -22.86
C LEU A 451 44.03 35.22 -21.63
N PHE A 452 45.12 35.95 -21.44
CA PHE A 452 45.31 36.75 -20.24
C PHE A 452 44.95 38.20 -20.53
N THR A 453 45.32 39.10 -19.62
CA THR A 453 44.93 40.50 -19.70
C THR A 453 45.53 41.17 -20.93
N ASN A 454 44.72 42.01 -21.59
CA ASN A 454 44.95 42.70 -22.86
C ASN A 454 45.09 41.75 -24.04
N GLY A 455 44.76 40.47 -23.88
CA GLY A 455 45.16 39.47 -24.84
C GLY A 455 46.67 39.33 -24.89
N SER A 456 47.27 38.87 -23.78
CA SER A 456 48.71 38.71 -23.69
C SER A 456 49.03 37.29 -23.25
N CYS A 457 50.26 36.87 -23.49
CA CYS A 457 50.65 35.47 -23.43
C CYS A 457 51.52 35.19 -22.21
N ALA A 458 51.37 33.99 -21.67
CA ALA A 458 52.22 33.50 -20.60
C ALA A 458 53.63 33.22 -21.12
N ASP A 459 54.58 33.17 -20.19
CA ASP A 459 55.97 32.88 -20.50
C ASP A 459 56.25 31.41 -20.19
N ILE A 460 56.77 30.68 -21.18
CA ILE A 460 56.95 29.24 -21.02
C ILE A 460 58.16 28.92 -20.15
N LYS A 461 59.15 29.80 -20.08
CA LYS A 461 60.32 29.52 -19.25
C LYS A 461 60.12 29.89 -17.78
N LYS A 462 59.08 30.65 -17.46
CA LYS A 462 58.71 31.01 -16.09
C LYS A 462 57.23 30.74 -15.87
N VAL A 463 56.77 29.55 -16.22
CA VAL A 463 55.34 29.25 -16.20
C VAL A 463 54.90 28.98 -14.77
N GLU A 464 53.69 29.41 -14.45
CA GLU A 464 53.09 29.24 -13.14
C GLU A 464 51.83 28.38 -13.25
N ALA A 465 51.40 27.83 -12.12
CA ALA A 465 50.38 26.79 -12.12
C ALA A 465 48.99 27.30 -12.49
N TRP A 466 48.66 28.53 -12.08
CA TRP A 466 47.35 29.09 -12.40
C TRP A 466 47.19 29.36 -13.88
N GLN A 467 48.30 29.60 -14.59
CA GLN A 467 48.25 29.78 -16.03
C GLN A 467 47.96 28.46 -16.74
N VAL A 468 48.52 27.37 -16.23
CA VAL A 468 48.23 26.04 -16.74
C VAL A 468 46.79 25.64 -16.47
N LEU A 469 46.27 26.04 -15.30
CA LEU A 469 44.86 25.78 -14.98
C LEU A 469 43.92 26.53 -15.91
N LYS A 470 44.23 27.80 -16.18
CA LYS A 470 43.44 28.59 -17.12
C LYS A 470 43.48 28.01 -18.53
N HIS A 471 44.64 27.53 -18.97
CA HIS A 471 44.72 26.88 -20.27
C HIS A 471 44.08 25.51 -20.29
N LEU A 472 43.96 24.84 -19.15
CA LEU A 472 43.22 23.59 -19.10
C LEU A 472 41.72 23.80 -19.13
N ARG A 473 41.22 24.96 -18.69
CA ARG A 473 39.80 25.22 -18.80
C ARG A 473 39.33 25.45 -20.24
N HIS A 474 40.23 25.88 -21.12
CA HIS A 474 39.88 26.19 -22.51
C HIS A 474 40.47 25.20 -23.49
N LEU A 475 40.70 23.97 -23.07
CA LEU A 475 41.40 22.98 -23.88
C LEU A 475 40.43 22.22 -24.76
N ASN A 476 40.89 21.91 -25.99
CA ASN A 476 40.14 21.09 -26.95
C ASN A 476 41.18 20.43 -27.83
N PHE A 477 41.44 19.14 -27.65
CA PHE A 477 42.42 18.50 -28.52
C PHE A 477 41.92 17.14 -28.99
N THR A 478 42.68 16.53 -29.90
CA THR A 478 42.36 15.25 -30.50
C THR A 478 43.31 14.18 -29.98
N ASN A 479 42.77 13.03 -29.58
CA ASN A 479 43.57 11.94 -29.04
C ASN A 479 43.94 10.92 -30.12
N ASN A 480 44.61 9.84 -29.69
CA ASN A 480 45.10 8.83 -30.62
C ASN A 480 43.98 7.96 -31.19
N MET A 481 42.82 7.93 -30.55
CA MET A 481 41.63 7.30 -31.10
C MET A 481 40.86 8.18 -32.08
N GLY A 482 41.32 9.40 -32.31
CA GLY A 482 40.62 10.32 -33.19
C GLY A 482 39.31 10.84 -32.62
N GLU A 483 39.28 11.20 -31.35
CA GLU A 483 38.12 11.82 -30.72
C GLU A 483 38.55 13.12 -30.06
N GLN A 484 37.59 13.92 -29.64
CA GLN A 484 37.86 15.25 -29.09
C GLN A 484 37.75 15.22 -27.58
N VAL A 485 38.77 15.74 -26.90
CA VAL A 485 38.82 15.84 -25.45
C VAL A 485 38.71 17.31 -25.08
N THR A 486 37.61 17.66 -24.38
CA THR A 486 37.38 18.94 -23.73
C THR A 486 36.79 18.69 -22.34
N PHE A 487 36.99 19.63 -21.43
CA PHE A 487 36.31 19.64 -20.15
C PHE A 487 35.24 20.73 -20.14
N ASP A 488 34.17 20.47 -19.39
CA ASP A 488 33.03 21.39 -19.35
C ASP A 488 33.21 22.42 -18.23
N GLU A 489 32.14 23.14 -17.91
CA GLU A 489 32.21 24.22 -16.93
C GLU A 489 32.39 23.70 -15.52
N CYS A 490 31.99 22.47 -15.24
CA CYS A 490 32.17 21.84 -13.94
C CYS A 490 33.40 20.94 -13.94
N GLY A 491 34.19 20.94 -15.01
CA GLY A 491 35.40 20.15 -15.11
C GLY A 491 35.22 18.71 -15.52
N ASP A 492 34.05 18.33 -16.01
CA ASP A 492 33.70 16.93 -16.21
C ASP A 492 33.98 16.48 -17.64
N LEU A 493 33.64 15.22 -17.91
CA LEU A 493 33.92 14.58 -19.21
C LEU A 493 32.99 13.39 -19.34
N VAL A 494 32.09 13.42 -20.31
CA VAL A 494 31.11 12.35 -20.44
C VAL A 494 31.70 11.17 -21.20
N GLY A 495 31.10 10.01 -21.02
CA GLY A 495 31.50 8.82 -21.73
C GLY A 495 30.47 7.73 -21.62
N ASN A 496 30.56 6.78 -22.54
CA ASN A 496 29.65 5.64 -22.62
C ASN A 496 29.97 4.61 -21.54
N TYR A 497 29.04 3.68 -21.33
CA TYR A 497 29.28 2.56 -20.43
C TYR A 497 29.07 1.24 -21.14
N SER A 498 29.89 0.25 -20.80
CA SER A 498 29.68 -1.13 -21.20
C SER A 498 29.02 -1.89 -20.06
N ILE A 499 28.21 -2.88 -20.40
CA ILE A 499 27.48 -3.68 -19.43
C ILE A 499 27.94 -5.13 -19.57
N ILE A 500 28.45 -5.69 -18.46
CA ILE A 500 29.13 -6.97 -18.44
C ILE A 500 28.46 -7.91 -17.43
N ASN A 501 28.77 -9.20 -17.58
CA ASN A 501 28.15 -10.26 -16.79
C ASN A 501 29.19 -11.33 -16.47
N TRP A 502 29.21 -11.80 -15.22
CA TRP A 502 30.26 -12.70 -14.74
C TRP A 502 29.94 -14.15 -15.08
N HIS A 503 30.86 -14.81 -15.78
CA HIS A 503 30.73 -16.21 -16.18
C HIS A 503 31.89 -17.02 -15.61
N LEU A 504 31.83 -18.33 -15.82
CA LEU A 504 32.89 -19.24 -15.43
C LEU A 504 33.60 -19.77 -16.68
N SER A 505 34.92 -19.75 -16.66
CA SER A 505 35.70 -20.28 -17.77
C SER A 505 35.66 -21.81 -17.75
N PRO A 506 35.28 -22.46 -18.85
CA PRO A 506 35.28 -23.93 -18.87
C PRO A 506 36.68 -24.54 -18.86
N GLU A 507 37.69 -23.83 -19.36
CA GLU A 507 39.02 -24.39 -19.52
C GLU A 507 39.91 -24.16 -18.30
N ASP A 508 39.99 -22.93 -17.81
CA ASP A 508 40.89 -22.59 -16.72
C ASP A 508 40.21 -22.60 -15.36
N GLY A 509 38.89 -22.44 -15.31
CA GLY A 509 38.18 -22.32 -14.06
C GLY A 509 38.05 -20.91 -13.54
N SER A 510 38.61 -19.92 -14.23
CA SER A 510 38.58 -18.54 -13.77
C SER A 510 37.26 -17.89 -14.16
N ILE A 511 37.16 -16.59 -13.88
CA ILE A 511 35.93 -15.84 -14.07
C ILE A 511 36.10 -14.96 -15.31
N VAL A 512 35.12 -15.03 -16.21
CA VAL A 512 35.14 -14.36 -17.50
C VAL A 512 34.12 -13.24 -17.48
N PHE A 513 34.53 -12.06 -17.92
CA PHE A 513 33.63 -10.90 -18.02
C PHE A 513 33.09 -10.83 -19.44
N LYS A 514 31.81 -11.11 -19.61
CA LYS A 514 31.16 -11.17 -20.92
C LYS A 514 30.33 -9.93 -21.13
N GLU A 515 30.56 -9.25 -22.25
CA GLU A 515 29.84 -8.03 -22.58
C GLU A 515 28.42 -8.37 -23.04
N VAL A 516 27.43 -7.81 -22.35
CA VAL A 516 26.03 -8.09 -22.64
C VAL A 516 25.23 -6.85 -22.99
N GLY A 517 25.81 -5.66 -22.92
CA GLY A 517 25.02 -4.50 -23.30
C GLY A 517 25.80 -3.21 -23.23
N TYR A 518 25.09 -2.10 -23.46
CA TYR A 518 25.74 -0.79 -23.33
C TYR A 518 24.74 0.25 -22.84
N TYR A 519 25.31 1.34 -22.33
CA TYR A 519 24.58 2.54 -21.94
C TYR A 519 25.17 3.71 -22.73
N ASN A 520 24.36 4.24 -23.65
CA ASN A 520 24.74 5.35 -24.53
C ASN A 520 24.28 6.65 -23.88
N VAL A 521 25.23 7.49 -23.49
CA VAL A 521 24.87 8.72 -22.79
C VAL A 521 24.43 9.84 -23.72
N TYR A 522 24.61 9.68 -25.03
CA TYR A 522 24.31 10.72 -25.99
C TYR A 522 22.90 10.61 -26.56
N ALA A 523 22.13 9.61 -26.16
CA ALA A 523 20.74 9.49 -26.59
C ALA A 523 19.84 10.29 -25.67
N LYS A 524 18.56 10.33 -25.98
CA LYS A 524 17.61 11.04 -25.13
C LYS A 524 17.17 10.14 -23.97
N LYS A 525 16.58 10.79 -22.97
CA LYS A 525 16.21 10.10 -21.73
C LYS A 525 15.10 9.10 -21.96
N GLY A 526 15.40 7.83 -21.70
CA GLY A 526 14.47 6.74 -21.94
C GLY A 526 14.87 5.82 -23.06
N GLU A 527 15.90 6.18 -23.83
CA GLU A 527 16.35 5.40 -24.98
C GLU A 527 17.86 5.20 -24.94
N ARG A 528 18.41 5.02 -23.74
CA ARG A 528 19.86 4.98 -23.57
C ARG A 528 20.42 3.59 -23.30
N LEU A 529 19.58 2.60 -23.02
CA LEU A 529 20.02 1.29 -22.58
C LEU A 529 19.82 0.26 -23.68
N PHE A 530 20.83 -0.58 -23.92
CA PHE A 530 20.69 -1.76 -24.75
C PHE A 530 21.18 -2.96 -23.98
N ILE A 531 20.38 -4.03 -23.97
CA ILE A 531 20.71 -5.27 -23.28
C ILE A 531 20.35 -6.44 -24.20
N ASN A 532 21.28 -7.38 -24.38
CA ASN A 532 21.04 -8.61 -25.10
C ASN A 532 20.79 -9.71 -24.07
N GLU A 533 19.53 -10.10 -23.92
CA GLU A 533 19.11 -10.97 -22.81
C GLU A 533 19.60 -12.41 -22.98
N GLU A 534 19.84 -12.84 -24.22
CA GLU A 534 20.21 -14.23 -24.49
C GLU A 534 21.62 -14.58 -24.03
N LYS A 535 22.45 -13.59 -23.74
CA LYS A 535 23.84 -13.82 -23.35
C LYS A 535 24.05 -13.87 -21.84
N ILE A 536 23.00 -13.65 -21.05
CA ILE A 536 23.13 -13.58 -19.59
C ILE A 536 22.87 -14.96 -19.00
N LEU A 537 23.77 -15.40 -18.14
CA LEU A 537 23.54 -16.53 -17.24
C LEU A 537 23.25 -15.97 -15.85
N TRP A 538 22.13 -16.38 -15.25
CA TRP A 538 21.53 -15.55 -14.23
C TRP A 538 22.10 -15.75 -12.84
N SER A 539 22.51 -16.95 -12.48
CA SER A 539 23.35 -17.14 -11.31
C SER A 539 24.64 -17.85 -11.70
N GLY A 540 25.06 -17.64 -12.95
CA GLY A 540 26.17 -18.34 -13.54
C GLY A 540 25.77 -19.58 -14.33
N PHE A 541 24.52 -20.04 -14.19
CA PHE A 541 24.10 -21.27 -14.85
C PHE A 541 22.72 -21.21 -15.49
N SER A 542 21.82 -20.34 -15.06
CA SER A 542 20.40 -20.45 -15.39
C SER A 542 19.98 -19.46 -16.46
N ARG A 543 19.02 -19.87 -17.28
CA ARG A 543 18.50 -19.06 -18.37
C ARG A 543 17.13 -18.47 -18.09
N GLU A 544 16.65 -18.56 -16.86
CA GLU A 544 15.34 -18.05 -16.48
C GLU A 544 15.50 -16.78 -15.66
N VAL A 545 14.77 -15.73 -16.06
CA VAL A 545 14.83 -14.43 -15.39
C VAL A 545 14.19 -14.54 -14.01
N PRO A 546 14.86 -14.10 -12.94
CA PRO A 546 14.37 -14.37 -11.59
C PRO A 546 13.19 -13.50 -11.18
N PHE A 547 12.48 -13.98 -10.17
CA PHE A 547 11.36 -13.27 -9.57
C PHE A 547 11.87 -12.39 -8.44
N SER A 548 11.63 -11.08 -8.52
CA SER A 548 12.02 -10.17 -7.46
C SER A 548 10.91 -9.14 -7.20
N ASN A 549 9.69 -9.61 -7.03
CA ASN A 549 8.59 -8.75 -6.61
C ASN A 549 8.20 -9.11 -5.18
N CYS A 550 7.47 -8.20 -4.52
CA CYS A 550 7.07 -8.45 -3.14
C CYS A 550 5.96 -9.48 -3.05
N SER A 551 5.00 -9.44 -3.97
CA SER A 551 3.90 -10.39 -3.96
C SER A 551 3.54 -10.73 -5.40
N ARG A 552 2.91 -11.88 -5.58
CA ARG A 552 2.53 -12.31 -6.91
C ARG A 552 1.39 -11.46 -7.46
N ASP A 553 1.24 -11.50 -8.78
CA ASP A 553 0.23 -10.70 -9.44
C ASP A 553 -1.17 -11.22 -9.13
N CYS A 554 -2.07 -10.28 -8.82
CA CYS A 554 -3.47 -10.63 -8.62
C CYS A 554 -4.08 -11.06 -9.94
N LEU A 555 -4.97 -12.04 -9.88
CA LEU A 555 -5.55 -12.62 -11.09
C LEU A 555 -6.83 -11.88 -11.46
N ALA A 556 -7.60 -12.47 -12.37
CA ALA A 556 -8.74 -11.76 -12.97
C ALA A 556 -9.90 -11.63 -12.01
N GLY A 557 -10.14 -12.63 -11.18
CA GLY A 557 -11.30 -12.56 -10.30
C GLY A 557 -11.11 -11.77 -9.03
N THR A 558 -9.92 -11.24 -8.79
CA THR A 558 -9.56 -10.63 -7.51
C THR A 558 -9.15 -9.19 -7.72
N ARG A 559 -8.95 -8.49 -6.60
CA ARG A 559 -8.39 -7.14 -6.59
C ARG A 559 -7.33 -7.03 -5.50
N LYS A 560 -6.81 -5.83 -5.29
CA LYS A 560 -5.71 -5.59 -4.36
C LYS A 560 -6.24 -5.18 -2.99
N GLY A 561 -5.42 -5.45 -1.97
CA GLY A 561 -5.74 -5.08 -0.61
C GLY A 561 -4.53 -4.62 0.16
N ILE A 562 -4.70 -3.60 0.99
CA ILE A 562 -3.59 -3.03 1.75
C ILE A 562 -3.21 -3.96 2.90
N ILE A 563 -1.90 -4.16 3.07
CA ILE A 563 -1.36 -4.78 4.27
C ILE A 563 -0.80 -3.66 5.14
N GLU A 564 -1.25 -3.62 6.40
CA GLU A 564 -0.99 -2.47 7.26
C GLU A 564 0.48 -2.44 7.70
N GLY A 565 1.09 -1.27 7.61
CA GLY A 565 2.48 -1.10 7.98
C GLY A 565 3.48 -1.54 6.93
N GLU A 566 3.03 -1.80 5.70
CA GLU A 566 3.84 -2.32 4.63
C GLU A 566 3.76 -1.40 3.41
N PRO A 567 4.80 -1.34 2.56
CA PRO A 567 4.77 -0.41 1.42
C PRO A 567 3.83 -0.83 0.30
N THR A 568 3.79 -0.01 -0.75
CA THR A 568 2.79 -0.11 -1.80
C THR A 568 2.97 -1.36 -2.65
N CYS A 569 4.21 -1.82 -2.81
CA CYS A 569 4.53 -2.97 -3.65
C CYS A 569 4.08 -4.30 -3.04
N CYS A 570 3.65 -4.32 -1.80
CA CYS A 570 3.20 -5.55 -1.12
C CYS A 570 1.70 -5.45 -0.86
N PHE A 571 0.93 -6.35 -1.45
CA PHE A 571 -0.52 -6.30 -1.39
C PHE A 571 -1.08 -7.71 -1.22
N GLU A 572 -2.32 -7.78 -0.74
CA GLU A 572 -3.08 -9.01 -0.70
C GLU A 572 -4.01 -9.09 -1.90
N CYS A 573 -4.42 -10.30 -2.25
CA CYS A 573 -5.37 -10.52 -3.35
C CYS A 573 -6.70 -10.95 -2.76
N VAL A 574 -7.74 -10.17 -3.03
CA VAL A 574 -9.02 -10.29 -2.35
C VAL A 574 -10.10 -10.59 -3.39
N GLU A 575 -10.89 -11.63 -3.15
CA GLU A 575 -11.99 -11.98 -4.03
C GLU A 575 -13.07 -10.91 -4.00
N CYS A 576 -13.55 -10.53 -5.18
CA CYS A 576 -14.64 -9.56 -5.29
C CYS A 576 -15.95 -10.19 -4.81
N PRO A 577 -16.92 -9.37 -4.36
CA PRO A 577 -18.21 -9.92 -3.96
C PRO A 577 -19.06 -10.40 -5.13
N ASP A 578 -20.30 -10.80 -4.84
CA ASP A 578 -21.11 -11.53 -5.82
C ASP A 578 -21.62 -10.65 -6.95
N GLY A 579 -21.59 -9.33 -6.80
CA GLY A 579 -22.13 -8.47 -7.84
C GLY A 579 -21.11 -7.82 -8.75
N GLU A 580 -19.83 -7.94 -8.42
CA GLU A 580 -18.78 -7.15 -9.06
C GLU A 580 -17.73 -8.05 -9.70
N TYR A 581 -17.01 -7.48 -10.68
CA TYR A 581 -16.06 -8.22 -11.50
C TYR A 581 -14.77 -7.43 -11.64
N SER A 582 -13.79 -8.05 -12.29
CA SER A 582 -12.59 -7.38 -12.78
C SER A 582 -12.05 -8.16 -13.96
N ASP A 583 -11.40 -7.47 -14.89
CA ASP A 583 -10.94 -8.15 -16.11
C ASP A 583 -9.45 -8.07 -16.37
N GLU A 584 -8.76 -7.00 -16.00
CA GLU A 584 -7.32 -6.93 -16.22
C GLU A 584 -6.59 -7.46 -14.99
N THR A 585 -5.26 -7.41 -15.02
CA THR A 585 -4.48 -8.20 -14.08
C THR A 585 -4.39 -7.56 -12.71
N ASP A 586 -3.73 -6.42 -12.59
CA ASP A 586 -3.47 -5.81 -11.28
C ASP A 586 -4.50 -4.71 -11.04
N ALA A 587 -5.70 -5.14 -10.68
CA ALA A 587 -6.79 -4.20 -10.48
C ALA A 587 -6.73 -3.59 -9.09
N SER A 588 -7.24 -2.36 -8.99
CA SER A 588 -7.35 -1.68 -7.70
C SER A 588 -8.75 -1.76 -7.11
N ALA A 589 -9.78 -1.94 -7.92
CA ALA A 589 -11.14 -2.03 -7.43
C ALA A 589 -11.97 -2.87 -8.39
N CYS A 590 -12.98 -3.54 -7.85
CA CYS A 590 -13.90 -4.32 -8.66
C CYS A 590 -15.00 -3.39 -9.17
N ASN A 591 -15.17 -3.37 -10.50
CA ASN A 591 -16.21 -2.54 -11.09
C ASN A 591 -17.57 -3.21 -10.91
N LYS A 592 -18.53 -2.43 -10.44
CA LYS A 592 -19.92 -2.88 -10.39
C LYS A 592 -20.52 -2.68 -11.77
N CYS A 593 -20.69 -3.78 -12.53
CA CYS A 593 -21.23 -3.62 -13.86
C CYS A 593 -22.74 -3.38 -13.79
N PRO A 594 -23.32 -2.60 -14.76
CA PRO A 594 -24.66 -2.03 -14.52
C PRO A 594 -25.82 -3.01 -14.56
N ASP A 595 -27.03 -2.46 -14.54
CA ASP A 595 -28.25 -3.24 -14.39
C ASP A 595 -28.48 -4.16 -15.58
N ASP A 596 -29.33 -5.17 -15.36
CA ASP A 596 -29.55 -6.31 -16.25
C ASP A 596 -28.27 -7.09 -16.52
N PHE A 597 -27.37 -7.13 -15.53
CA PHE A 597 -26.15 -7.92 -15.62
C PHE A 597 -25.80 -8.47 -14.26
N TRP A 598 -25.09 -9.60 -14.25
CA TRP A 598 -24.66 -10.23 -13.01
C TRP A 598 -23.41 -11.04 -13.28
N SER A 599 -22.61 -11.23 -12.23
CA SER A 599 -21.29 -11.83 -12.35
C SER A 599 -21.39 -13.33 -12.57
N ASN A 600 -20.23 -13.96 -12.74
CA ASN A 600 -20.12 -15.40 -12.86
C ASN A 600 -20.10 -16.02 -11.47
N GLU A 601 -19.80 -17.32 -11.41
CA GLU A 601 -19.38 -17.93 -10.16
C GLU A 601 -17.89 -17.72 -9.90
N ASN A 602 -17.16 -17.23 -10.89
CA ASN A 602 -15.72 -17.05 -10.83
C ASN A 602 -15.30 -15.59 -10.87
N HIS A 603 -16.25 -14.67 -11.06
CA HIS A 603 -16.09 -13.22 -10.91
C HIS A 603 -15.10 -12.61 -11.88
N THR A 604 -14.81 -13.27 -12.99
CA THR A 604 -13.88 -12.74 -13.97
C THR A 604 -14.52 -11.85 -15.02
N SER A 605 -15.84 -11.91 -15.15
CA SER A 605 -16.59 -11.02 -16.02
C SER A 605 -17.98 -10.86 -15.41
N CYS A 606 -18.92 -10.34 -16.19
CA CYS A 606 -20.32 -10.47 -15.81
C CYS A 606 -21.17 -10.66 -17.04
N ILE A 607 -22.25 -11.42 -16.88
CA ILE A 607 -23.10 -11.87 -17.97
C ILE A 607 -24.49 -11.26 -17.79
N ALA A 608 -25.28 -11.33 -18.86
CA ALA A 608 -26.60 -10.72 -18.85
C ALA A 608 -27.56 -11.52 -17.97
N LYS A 609 -28.51 -10.81 -17.36
CA LYS A 609 -29.51 -11.44 -16.53
C LYS A 609 -30.53 -12.19 -17.40
N GLU A 610 -31.30 -13.05 -16.75
CA GLU A 610 -32.29 -13.85 -17.44
C GLU A 610 -33.68 -13.27 -17.22
N ILE A 611 -34.38 -12.99 -18.31
CA ILE A 611 -35.72 -12.41 -18.26
C ILE A 611 -36.73 -13.54 -18.19
N GLU A 612 -37.60 -13.50 -17.18
CA GLU A 612 -38.54 -14.57 -16.92
C GLU A 612 -39.97 -14.09 -17.06
N PHE A 613 -40.73 -14.82 -17.86
CA PHE A 613 -42.09 -14.55 -18.32
C PHE A 613 -42.50 -15.77 -19.15
N LEU A 614 -43.79 -15.85 -19.46
CA LEU A 614 -44.33 -16.97 -20.23
C LEU A 614 -44.51 -16.49 -21.66
N SER A 615 -43.75 -17.09 -22.58
CA SER A 615 -43.72 -16.65 -23.97
C SER A 615 -44.49 -17.62 -24.86
N TRP A 616 -44.60 -17.24 -26.13
CA TRP A 616 -45.38 -18.01 -27.09
C TRP A 616 -44.62 -19.23 -27.63
N THR A 617 -43.32 -19.34 -27.37
CA THR A 617 -42.52 -20.40 -27.95
C THR A 617 -42.17 -21.50 -26.95
N GLU A 618 -42.56 -21.34 -25.68
CA GLU A 618 -42.40 -22.42 -24.72
C GLU A 618 -43.37 -23.55 -25.04
N PRO A 619 -43.06 -24.79 -24.65
CA PRO A 619 -44.04 -25.88 -24.81
C PRO A 619 -45.34 -25.65 -24.05
N PHE A 620 -45.26 -25.00 -22.89
CA PHE A 620 -46.45 -24.62 -22.14
C PHE A 620 -47.33 -23.68 -22.93
N GLY A 621 -46.71 -22.70 -23.59
CA GLY A 621 -47.47 -21.73 -24.38
C GLY A 621 -48.16 -22.37 -25.58
N ILE A 622 -47.46 -23.28 -26.26
CA ILE A 622 -48.07 -23.97 -27.41
C ILE A 622 -49.19 -24.88 -26.96
N ALA A 623 -49.03 -25.56 -25.80
CA ALA A 623 -50.10 -26.43 -25.30
C ALA A 623 -51.35 -25.63 -24.93
N LEU A 624 -51.18 -24.50 -24.24
CA LEU A 624 -52.32 -23.68 -23.88
C LEU A 624 -52.96 -23.02 -25.09
N THR A 625 -52.15 -22.67 -26.10
CA THR A 625 -52.70 -22.11 -27.33
C THR A 625 -53.50 -23.15 -28.10
N LEU A 626 -53.03 -24.39 -28.14
CA LEU A 626 -53.77 -25.47 -28.80
C LEU A 626 -55.10 -25.73 -28.10
N PHE A 627 -55.11 -25.70 -26.76
CA PHE A 627 -56.37 -25.89 -26.03
C PHE A 627 -57.34 -24.74 -26.29
N ALA A 628 -56.84 -23.50 -26.34
CA ALA A 628 -57.71 -22.36 -26.62
C ALA A 628 -58.29 -22.41 -28.03
N VAL A 629 -57.47 -22.75 -29.03
CA VAL A 629 -57.94 -22.82 -30.41
C VAL A 629 -58.93 -23.98 -30.58
N LEU A 630 -58.70 -25.09 -29.88
CA LEU A 630 -59.65 -26.21 -29.95
C LEU A 630 -60.99 -25.85 -29.32
N GLY A 631 -60.96 -25.09 -28.22
CA GLY A 631 -62.21 -24.61 -27.64
C GLY A 631 -62.96 -23.64 -28.54
N ILE A 632 -62.23 -22.74 -29.21
CA ILE A 632 -62.86 -21.80 -30.15
C ILE A 632 -63.48 -22.55 -31.32
N PHE A 633 -62.78 -23.57 -31.83
CA PHE A 633 -63.31 -24.39 -32.94
C PHE A 633 -64.56 -25.16 -32.52
N LEU A 634 -64.57 -25.70 -31.30
CA LEU A 634 -65.76 -26.44 -30.84
C LEU A 634 -66.96 -25.52 -30.66
N THR A 635 -66.73 -24.32 -30.11
CA THR A 635 -67.83 -23.36 -29.94
C THR A 635 -68.36 -22.89 -31.29
N ALA A 636 -67.47 -22.67 -32.26
CA ALA A 636 -67.90 -22.29 -33.61
C ALA A 636 -68.64 -23.43 -34.30
N PHE A 637 -68.27 -24.68 -34.02
CA PHE A 637 -69.00 -25.84 -34.57
C PHE A 637 -70.43 -25.86 -34.00
N VAL A 638 -70.57 -25.60 -32.70
CA VAL A 638 -71.90 -25.63 -32.07
C VAL A 638 -72.76 -24.49 -32.61
N LEU A 639 -72.15 -23.32 -32.84
CA LEU A 639 -72.87 -22.20 -33.44
C LEU A 639 -73.29 -22.53 -34.87
N GLY A 640 -72.44 -23.25 -35.60
CA GLY A 640 -72.78 -23.64 -36.96
C GLY A 640 -73.93 -24.63 -37.04
N VAL A 641 -73.99 -25.60 -36.12
CA VAL A 641 -75.09 -26.56 -36.20
C VAL A 641 -76.38 -25.91 -35.69
N PHE A 642 -76.29 -24.95 -34.75
CA PHE A 642 -77.47 -24.15 -34.42
C PHE A 642 -77.96 -23.31 -35.60
N ILE A 643 -77.04 -22.79 -36.42
CA ILE A 643 -77.45 -22.01 -37.58
C ILE A 643 -78.08 -22.91 -38.65
N LYS A 644 -77.50 -24.09 -38.86
CA LYS A 644 -77.98 -24.98 -39.93
C LYS A 644 -79.32 -25.61 -39.55
N PHE A 645 -79.36 -26.36 -38.46
CA PHE A 645 -80.58 -27.05 -38.03
C PHE A 645 -81.44 -26.12 -37.16
N ARG A 646 -81.92 -25.06 -37.79
CA ARG A 646 -82.91 -24.18 -37.18
C ARG A 646 -84.28 -24.64 -37.67
N ASN A 647 -85.32 -23.89 -37.28
CA ASN A 647 -86.74 -24.16 -37.61
C ASN A 647 -87.17 -25.55 -37.15
N THR A 648 -86.61 -26.01 -36.04
CA THR A 648 -86.86 -27.31 -35.44
C THR A 648 -87.21 -27.07 -33.98
N PRO A 649 -88.00 -27.97 -33.36
CA PRO A 649 -88.51 -27.67 -32.00
C PRO A 649 -87.45 -27.57 -30.91
N ILE A 650 -86.30 -28.23 -31.03
CA ILE A 650 -85.28 -28.11 -29.99
C ILE A 650 -84.66 -26.72 -29.99
N VAL A 651 -84.31 -26.21 -31.17
CA VAL A 651 -83.73 -24.87 -31.27
C VAL A 651 -84.77 -23.80 -30.98
N LYS A 652 -85.98 -23.98 -31.52
CA LYS A 652 -87.05 -23.00 -31.32
C LYS A 652 -87.55 -22.97 -29.88
N ALA A 653 -87.42 -24.07 -29.14
CA ALA A 653 -87.79 -24.08 -27.73
C ALA A 653 -86.78 -23.35 -26.86
N THR A 654 -85.54 -23.20 -27.32
CA THR A 654 -84.48 -22.54 -26.54
C THR A 654 -84.35 -21.07 -26.88
N ASN A 655 -85.44 -20.44 -27.32
CA ASN A 655 -85.73 -19.01 -27.44
C ASN A 655 -84.98 -18.38 -28.64
N ARG A 656 -84.05 -19.09 -29.28
CA ARG A 656 -83.50 -18.82 -30.61
C ARG A 656 -82.68 -17.52 -30.73
N GLU A 657 -82.63 -16.71 -29.67
CA GLU A 657 -81.87 -15.47 -29.73
C GLU A 657 -80.93 -15.34 -28.54
N LEU A 658 -81.32 -15.92 -27.41
CA LEU A 658 -80.44 -15.95 -26.26
C LEU A 658 -79.31 -16.94 -26.48
N SER A 659 -79.56 -17.99 -27.27
CA SER A 659 -78.51 -18.97 -27.56
C SER A 659 -77.43 -18.38 -28.46
N TYR A 660 -77.79 -17.52 -29.40
CA TYR A 660 -76.80 -16.88 -30.28
C TYR A 660 -75.85 -15.99 -29.47
N LEU A 661 -76.42 -15.18 -28.58
CA LEU A 661 -75.60 -14.31 -27.74
C LEU A 661 -74.81 -15.10 -26.72
N LEU A 662 -75.35 -16.24 -26.27
CA LEU A 662 -74.62 -17.11 -25.36
C LEU A 662 -73.42 -17.73 -26.03
N LEU A 663 -73.56 -18.15 -27.30
CA LEU A 663 -72.41 -18.69 -28.02
C LEU A 663 -71.39 -17.61 -28.37
N PHE A 664 -71.83 -16.39 -28.65
CA PHE A 664 -70.88 -15.30 -28.90
C PHE A 664 -70.13 -14.96 -27.62
N SER A 665 -70.83 -15.01 -26.47
CA SER A 665 -70.19 -14.78 -25.18
C SER A 665 -69.18 -15.89 -24.86
N LEU A 666 -69.49 -17.13 -25.21
CA LEU A 666 -68.56 -18.22 -25.00
C LEU A 666 -67.33 -18.10 -25.91
N LEU A 667 -67.53 -17.63 -27.15
CA LEU A 667 -66.42 -17.35 -28.05
C LEU A 667 -65.51 -16.25 -27.49
N CYS A 668 -66.09 -15.17 -26.96
CA CYS A 668 -65.29 -14.11 -26.37
C CYS A 668 -64.59 -14.56 -25.09
N CYS A 669 -65.24 -15.41 -24.29
CA CYS A 669 -64.63 -15.89 -23.07
C CYS A 669 -63.49 -16.87 -23.36
N PHE A 670 -63.62 -17.65 -24.43
CA PHE A 670 -62.51 -18.51 -24.86
C PHE A 670 -61.36 -17.69 -25.41
N SER A 671 -61.66 -16.65 -26.20
CA SER A 671 -60.61 -15.86 -26.82
C SER A 671 -60.00 -14.81 -25.90
N SER A 672 -60.58 -14.58 -24.73
CA SER A 672 -60.02 -13.61 -23.79
C SER A 672 -58.92 -14.20 -22.92
N SER A 673 -58.61 -15.48 -23.06
CA SER A 673 -57.51 -16.09 -22.33
C SER A 673 -56.18 -15.94 -23.05
N LEU A 674 -56.18 -15.34 -24.24
CA LEU A 674 -54.96 -15.17 -25.01
C LEU A 674 -54.18 -13.93 -24.62
N PHE A 675 -54.74 -13.08 -23.76
CA PHE A 675 -54.03 -11.91 -23.28
C PHE A 675 -53.06 -12.22 -22.14
N PHE A 676 -53.10 -13.43 -21.59
CA PHE A 676 -52.25 -13.79 -20.47
C PHE A 676 -50.94 -14.44 -20.92
N ILE A 677 -50.75 -14.65 -22.22
CA ILE A 677 -49.56 -15.31 -22.75
C ILE A 677 -48.77 -14.28 -23.54
N GLY A 678 -47.49 -14.18 -23.25
CA GLY A 678 -46.59 -13.27 -23.95
C GLY A 678 -45.95 -12.28 -23.01
N GLU A 679 -45.32 -11.28 -23.58
CA GLU A 679 -44.66 -10.25 -22.79
C GLU A 679 -45.69 -9.28 -22.25
N PRO A 680 -45.73 -9.06 -20.92
CA PRO A 680 -46.67 -8.08 -20.37
C PRO A 680 -46.30 -6.66 -20.73
N GLN A 681 -47.07 -6.07 -21.65
CA GLN A 681 -46.85 -4.70 -22.08
C GLN A 681 -47.82 -3.81 -21.30
N ASP A 682 -47.75 -2.50 -21.56
CA ASP A 682 -48.56 -1.56 -20.78
C ASP A 682 -50.04 -1.64 -21.12
N TRP A 683 -50.38 -2.05 -22.34
CA TRP A 683 -51.78 -2.08 -22.75
C TRP A 683 -52.44 -3.44 -22.62
N THR A 684 -51.69 -4.53 -22.75
CA THR A 684 -52.27 -5.85 -22.52
C THR A 684 -52.64 -6.05 -21.06
N CYS A 685 -51.87 -5.45 -20.15
CA CYS A 685 -52.17 -5.51 -18.73
C CYS A 685 -53.43 -4.73 -18.38
N ARG A 686 -53.81 -3.75 -19.21
CA ARG A 686 -55.07 -3.05 -19.02
C ARG A 686 -56.27 -3.89 -19.43
N LEU A 687 -56.11 -4.76 -20.44
CA LEU A 687 -57.20 -5.59 -20.94
C LEU A 687 -57.11 -7.04 -20.51
N ARG A 688 -56.23 -7.36 -19.55
CA ARG A 688 -56.17 -8.72 -19.02
C ARG A 688 -57.44 -9.08 -18.26
N GLN A 689 -57.72 -8.36 -17.19
CA GLN A 689 -58.84 -8.66 -16.29
C GLN A 689 -60.21 -8.14 -16.73
N PRO A 690 -60.38 -6.92 -17.27
CA PRO A 690 -61.74 -6.51 -17.69
C PRO A 690 -62.33 -7.33 -18.82
N ALA A 691 -61.52 -7.93 -19.70
CA ALA A 691 -62.05 -8.70 -20.81
C ALA A 691 -62.80 -9.94 -20.32
N PHE A 692 -62.17 -10.74 -19.46
CA PHE A 692 -62.85 -11.87 -18.85
C PHE A 692 -63.94 -11.40 -17.90
N GLY A 693 -63.71 -10.28 -17.20
CA GLY A 693 -64.70 -9.79 -16.25
C GLY A 693 -66.00 -9.34 -16.88
N ILE A 694 -65.97 -8.89 -18.13
CA ILE A 694 -67.22 -8.50 -18.78
C ILE A 694 -67.78 -9.65 -19.61
N SER A 695 -66.90 -10.49 -20.19
CA SER A 695 -67.38 -11.57 -21.04
C SER A 695 -68.07 -12.66 -20.23
N PHE A 696 -67.50 -13.02 -19.08
CA PHE A 696 -68.12 -14.06 -18.28
C PHE A 696 -69.39 -13.57 -17.60
N VAL A 697 -69.48 -12.28 -17.24
CA VAL A 697 -70.71 -11.80 -16.64
C VAL A 697 -71.80 -11.65 -17.69
N LEU A 698 -71.42 -11.40 -18.96
CA LEU A 698 -72.39 -11.44 -20.04
C LEU A 698 -72.93 -12.85 -20.25
N CYS A 699 -72.05 -13.85 -20.17
CA CYS A 699 -72.47 -15.23 -20.29
C CYS A 699 -73.38 -15.66 -19.14
N ILE A 700 -73.04 -15.25 -17.91
CA ILE A 700 -73.85 -15.60 -16.73
C ILE A 700 -75.22 -14.93 -16.80
N SER A 701 -75.28 -13.67 -17.27
CA SER A 701 -76.58 -13.03 -17.40
C SER A 701 -77.42 -13.67 -18.50
N CYS A 702 -76.79 -14.12 -19.59
CA CYS A 702 -77.55 -14.82 -20.63
C CYS A 702 -78.05 -16.18 -20.17
N ILE A 703 -77.31 -16.85 -19.28
CA ILE A 703 -77.82 -18.08 -18.68
C ILE A 703 -78.95 -17.79 -17.71
N LEU A 704 -78.79 -16.75 -16.87
CA LEU A 704 -79.73 -16.50 -15.79
C LEU A 704 -81.05 -15.93 -16.29
N VAL A 705 -81.06 -15.25 -17.44
CA VAL A 705 -82.29 -14.62 -17.93
C VAL A 705 -83.29 -15.63 -18.47
N LYS A 706 -82.87 -16.86 -18.79
CA LYS A 706 -83.71 -17.80 -19.51
C LYS A 706 -84.22 -18.96 -18.66
N THR A 707 -83.91 -19.01 -17.37
CA THR A 707 -84.05 -20.27 -16.65
C THR A 707 -85.51 -20.57 -16.26
N ASN A 708 -86.16 -19.69 -15.49
CA ASN A 708 -87.40 -20.07 -14.83
C ASN A 708 -88.12 -18.78 -14.40
N ARG A 709 -89.05 -18.86 -13.45
CA ARG A 709 -89.96 -17.79 -13.04
C ARG A 709 -89.33 -16.52 -12.46
N VAL A 710 -87.98 -16.43 -12.44
CA VAL A 710 -87.31 -15.17 -12.13
C VAL A 710 -87.70 -14.09 -13.13
N LEU A 711 -87.94 -14.46 -14.39
CA LEU A 711 -88.48 -13.55 -15.39
C LEU A 711 -89.91 -13.12 -15.05
N LEU A 712 -90.63 -13.89 -14.25
CA LEU A 712 -91.92 -13.45 -13.76
C LEU A 712 -91.80 -12.37 -12.69
N VAL A 713 -90.63 -12.22 -12.09
CA VAL A 713 -90.43 -11.20 -11.05
C VAL A 713 -90.20 -9.83 -11.66
N PHE A 714 -89.80 -9.78 -12.94
CA PHE A 714 -89.35 -8.58 -13.66
C PHE A 714 -88.23 -7.87 -12.92
N ASN A 730 -87.56 -6.90 -26.96
CA ASN A 730 -88.10 -7.80 -25.95
C ASN A 730 -87.70 -7.33 -24.55
N LEU A 731 -88.47 -7.74 -23.54
CA LEU A 731 -88.19 -7.34 -22.16
C LEU A 731 -87.11 -8.20 -21.51
N GLN A 732 -86.66 -9.26 -22.17
CA GLN A 732 -85.58 -10.07 -21.63
C GLN A 732 -84.22 -9.40 -21.78
N PHE A 733 -84.03 -8.68 -22.89
CA PHE A 733 -82.71 -8.15 -23.21
C PHE A 733 -82.30 -6.99 -22.32
N LEU A 734 -83.26 -6.28 -21.73
CA LEU A 734 -82.92 -5.15 -20.87
C LEU A 734 -82.25 -5.61 -19.59
N LEU A 735 -82.63 -6.78 -19.08
CA LEU A 735 -81.99 -7.33 -17.88
C LEU A 735 -80.53 -7.67 -18.15
N VAL A 736 -80.25 -8.29 -19.30
CA VAL A 736 -78.88 -8.59 -19.69
C VAL A 736 -78.10 -7.30 -19.91
N PHE A 737 -78.76 -6.29 -20.47
CA PHE A 737 -78.12 -5.00 -20.75
C PHE A 737 -77.68 -4.31 -19.46
N LEU A 738 -78.54 -4.29 -18.44
CA LEU A 738 -78.14 -3.71 -17.16
C LEU A 738 -77.07 -4.54 -16.47
N CYS A 739 -77.21 -5.87 -16.50
CA CYS A 739 -76.25 -6.74 -15.80
C CYS A 739 -74.86 -6.72 -16.42
N THR A 740 -74.72 -6.41 -17.70
CA THR A 740 -73.38 -6.21 -18.22
C THR A 740 -72.95 -4.75 -18.24
N PHE A 741 -73.90 -3.81 -18.21
CA PHE A 741 -73.53 -2.40 -18.24
C PHE A 741 -72.98 -1.93 -16.90
N MET A 742 -73.43 -2.55 -15.80
CA MET A 742 -72.81 -2.24 -14.50
C MET A 742 -71.33 -2.64 -14.48
N GLN A 743 -71.02 -3.81 -15.05
CA GLN A 743 -69.63 -4.25 -15.15
C GLN A 743 -68.83 -3.36 -16.09
N ILE A 744 -69.47 -2.88 -17.15
CA ILE A 744 -68.81 -1.99 -18.09
C ILE A 744 -68.44 -0.67 -17.41
N VAL A 745 -69.35 -0.11 -16.61
CA VAL A 745 -69.02 1.16 -15.98
C VAL A 745 -67.98 1.01 -14.86
N ILE A 746 -67.98 -0.10 -14.11
CA ILE A 746 -66.95 -0.20 -13.07
C ILE A 746 -65.59 -0.45 -13.72
N CYS A 747 -65.55 -1.18 -14.85
CA CYS A 747 -64.29 -1.37 -15.56
C CYS A 747 -63.76 -0.07 -16.16
N VAL A 748 -64.64 0.79 -16.68
CA VAL A 748 -64.10 2.01 -17.30
C VAL A 748 -63.68 3.03 -16.23
N ILE A 749 -64.37 3.09 -15.07
CA ILE A 749 -63.87 3.98 -14.02
C ILE A 749 -62.58 3.44 -13.40
N TRP A 750 -62.40 2.12 -13.35
CA TRP A 750 -61.13 1.57 -12.88
C TRP A 750 -60.01 1.87 -13.85
N LEU A 751 -60.27 1.74 -15.15
CA LEU A 751 -59.23 2.01 -16.14
C LEU A 751 -58.95 3.50 -16.32
N TYR A 752 -59.86 4.37 -15.90
CA TYR A 752 -59.60 5.80 -15.96
C TYR A 752 -59.11 6.40 -14.65
N THR A 753 -59.23 5.70 -13.52
CA THR A 753 -58.74 6.24 -12.27
C THR A 753 -57.29 5.83 -12.00
N ALA A 754 -57.02 4.52 -11.99
CA ALA A 754 -55.68 4.01 -11.69
C ALA A 754 -55.48 2.69 -12.42
N PRO A 755 -55.03 2.76 -13.68
CA PRO A 755 -54.95 1.54 -14.51
C PRO A 755 -53.81 0.64 -14.07
N PRO A 756 -53.88 -0.65 -14.36
CA PRO A 756 -52.74 -1.54 -14.13
C PRO A 756 -51.61 -1.26 -15.12
N SER A 757 -50.42 -1.72 -14.76
CA SER A 757 -49.26 -1.51 -15.61
C SER A 757 -48.24 -2.62 -15.36
N SER A 758 -47.32 -2.76 -16.30
CA SER A 758 -46.26 -3.76 -16.21
C SER A 758 -45.28 -3.40 -15.11
N TYR A 759 -44.53 -4.40 -14.65
CA TYR A 759 -43.62 -4.21 -13.53
C TYR A 759 -42.48 -5.21 -13.65
N ARG A 760 -41.25 -4.71 -13.74
CA ARG A 760 -40.06 -5.54 -13.82
C ARG A 760 -39.51 -5.73 -12.41
N ASN A 761 -39.69 -6.92 -11.85
CA ASN A 761 -39.27 -7.22 -10.50
C ASN A 761 -37.88 -7.84 -10.53
N GLN A 762 -36.93 -7.19 -9.85
CA GLN A 762 -35.58 -7.71 -9.70
C GLN A 762 -35.25 -8.07 -8.26
N GLU A 763 -36.06 -7.66 -7.29
CA GLU A 763 -35.73 -7.81 -5.88
C GLU A 763 -36.00 -9.22 -5.35
N LEU A 764 -36.71 -10.06 -6.09
CA LEU A 764 -37.07 -11.37 -5.56
C LEU A 764 -35.92 -12.35 -5.70
N GLU A 765 -35.29 -12.39 -6.86
CA GLU A 765 -34.11 -13.23 -7.09
C GLU A 765 -33.05 -12.39 -7.80
N ASP A 766 -31.78 -12.68 -7.49
CA ASP A 766 -30.70 -11.80 -7.91
C ASP A 766 -30.40 -11.94 -9.40
N GLU A 767 -30.41 -13.16 -9.92
CA GLU A 767 -29.96 -13.42 -11.28
C GLU A 767 -31.10 -13.46 -12.30
N ILE A 768 -32.33 -13.15 -11.89
CA ILE A 768 -33.48 -13.28 -12.78
C ILE A 768 -34.35 -12.03 -12.63
N ILE A 769 -34.73 -11.43 -13.76
CA ILE A 769 -35.69 -10.34 -13.79
C ILE A 769 -37.04 -10.92 -14.17
N PHE A 770 -37.98 -10.92 -13.24
CA PHE A 770 -39.34 -11.33 -13.55
C PHE A 770 -40.10 -10.17 -14.19
N ILE A 771 -40.98 -10.45 -15.14
CA ILE A 771 -41.92 -9.45 -15.61
C ILE A 771 -43.31 -9.85 -15.14
N THR A 772 -43.92 -9.01 -14.30
CA THR A 772 -45.26 -9.25 -13.81
C THR A 772 -46.14 -8.02 -14.04
N CYS A 773 -47.36 -8.05 -13.50
CA CYS A 773 -48.31 -6.96 -13.65
C CYS A 773 -48.70 -6.43 -12.28
N HIS A 774 -48.59 -5.11 -12.10
CA HIS A 774 -49.12 -4.45 -10.92
C HIS A 774 -50.51 -3.93 -11.27
N GLU A 775 -51.50 -4.31 -10.45
CA GLU A 775 -52.89 -4.03 -10.77
C GLU A 775 -53.30 -2.61 -10.47
N GLY A 776 -52.51 -1.87 -9.72
CA GLY A 776 -52.92 -0.54 -9.29
C GLY A 776 -53.80 -0.60 -8.07
N SER A 777 -55.10 -0.43 -8.27
CA SER A 777 -56.05 -0.59 -7.17
C SER A 777 -56.31 -2.08 -6.90
N LEU A 778 -56.77 -2.36 -5.69
CA LEU A 778 -57.12 -3.71 -5.28
C LEU A 778 -58.60 -3.87 -4.96
N MET A 779 -59.24 -2.83 -4.43
CA MET A 779 -60.67 -2.90 -4.14
C MET A 779 -61.51 -2.99 -5.40
N ALA A 780 -61.02 -2.46 -6.52
CA ALA A 780 -61.72 -2.62 -7.80
C ALA A 780 -61.71 -4.07 -8.26
N LEU A 781 -60.57 -4.76 -8.09
CA LEU A 781 -60.50 -6.18 -8.42
C LEU A 781 -61.38 -7.01 -7.49
N GLY A 782 -61.39 -6.66 -6.21
CA GLY A 782 -62.28 -7.34 -5.27
C GLY A 782 -63.75 -7.12 -5.59
N PHE A 783 -64.10 -5.91 -6.03
CA PHE A 783 -65.46 -5.61 -6.45
C PHE A 783 -65.85 -6.40 -7.68
N LEU A 784 -64.92 -6.54 -8.64
CA LEU A 784 -65.18 -7.31 -9.85
C LEU A 784 -65.45 -8.78 -9.54
N ILE A 785 -64.57 -9.40 -8.74
CA ILE A 785 -64.74 -10.81 -8.43
C ILE A 785 -65.96 -11.03 -7.53
N GLY A 786 -66.28 -10.07 -6.66
CA GLY A 786 -67.46 -10.19 -5.83
C GLY A 786 -68.75 -10.08 -6.62
N TYR A 787 -68.79 -9.18 -7.60
CA TYR A 787 -69.97 -9.04 -8.45
C TYR A 787 -70.20 -10.28 -9.29
N THR A 788 -69.12 -10.84 -9.86
CA THR A 788 -69.27 -12.06 -10.66
C THR A 788 -69.71 -13.25 -9.82
N CYS A 789 -69.12 -13.41 -8.62
CA CYS A 789 -69.52 -14.50 -7.74
C CYS A 789 -70.93 -14.31 -7.20
N LEU A 790 -71.38 -13.06 -7.03
CA LEU A 790 -72.74 -12.79 -6.57
C LEU A 790 -73.76 -13.20 -7.62
N LEU A 791 -73.52 -12.85 -8.89
CA LEU A 791 -74.44 -13.28 -9.94
C LEU A 791 -74.41 -14.79 -10.16
N ALA A 792 -73.23 -15.40 -10.01
CA ALA A 792 -73.15 -16.87 -10.12
C ALA A 792 -73.91 -17.57 -9.00
N ALA A 793 -73.82 -17.04 -7.77
CA ALA A 793 -74.56 -17.62 -6.66
C ALA A 793 -76.06 -17.44 -6.81
N ILE A 794 -76.49 -16.28 -7.33
CA ILE A 794 -77.91 -16.04 -7.56
C ILE A 794 -78.46 -17.00 -8.61
N CYS A 795 -77.70 -17.23 -9.69
CA CYS A 795 -78.12 -18.16 -10.72
C CYS A 795 -78.16 -19.59 -10.21
N PHE A 796 -77.18 -19.98 -9.38
CA PHE A 796 -77.13 -21.33 -8.81
C PHE A 796 -78.32 -21.56 -7.88
N PHE A 797 -78.66 -20.55 -7.07
CA PHE A 797 -79.76 -20.66 -6.11
C PHE A 797 -81.11 -20.78 -6.81
N PHE A 798 -81.36 -19.88 -7.78
CA PHE A 798 -82.63 -19.90 -8.50
C PHE A 798 -82.78 -21.12 -9.40
N ALA A 799 -81.69 -21.63 -9.97
CA ALA A 799 -81.77 -22.89 -10.70
C ALA A 799 -81.76 -24.10 -9.79
N PHE A 800 -81.37 -23.93 -8.52
CA PHE A 800 -81.37 -25.03 -7.58
C PHE A 800 -82.76 -25.34 -7.07
N LYS A 801 -83.66 -24.34 -7.06
CA LYS A 801 -85.07 -24.71 -6.82
C LYS A 801 -85.65 -25.59 -7.92
N SER A 802 -85.34 -25.33 -9.19
CA SER A 802 -86.11 -25.86 -10.30
C SER A 802 -85.48 -27.10 -10.92
N ARG A 803 -84.74 -27.89 -10.14
CA ARG A 803 -84.05 -29.03 -10.72
C ARG A 803 -84.95 -30.21 -11.01
N LYS A 804 -86.16 -30.24 -10.45
CA LYS A 804 -87.06 -31.38 -10.60
C LYS A 804 -88.00 -31.26 -11.79
N LEU A 805 -87.96 -30.15 -12.52
CA LEU A 805 -88.82 -30.00 -13.69
C LEU A 805 -88.19 -30.72 -14.87
N PRO A 806 -88.83 -31.76 -15.42
CA PRO A 806 -88.24 -32.54 -16.51
C PRO A 806 -88.61 -32.01 -17.90
N GLU A 807 -88.37 -30.73 -18.13
CA GLU A 807 -88.64 -30.10 -19.40
C GLU A 807 -87.35 -29.60 -20.04
N ASN A 808 -87.39 -29.46 -21.37
CA ASN A 808 -86.28 -28.98 -22.19
C ASN A 808 -85.03 -29.85 -22.00
N PHE A 809 -85.25 -31.17 -21.94
CA PHE A 809 -84.21 -32.19 -21.72
C PHE A 809 -83.44 -31.95 -20.43
N ASN A 810 -84.17 -31.57 -19.38
CA ASN A 810 -83.68 -31.42 -18.00
C ASN A 810 -82.54 -30.40 -17.91
N GLU A 811 -82.85 -29.17 -18.31
CA GLU A 811 -81.84 -28.15 -18.48
C GLU A 811 -81.34 -27.58 -17.15
N ALA A 812 -82.22 -27.48 -16.16
CA ALA A 812 -81.85 -26.83 -14.90
C ALA A 812 -80.85 -27.65 -14.09
N LYS A 813 -80.89 -28.97 -14.24
CA LYS A 813 -79.89 -29.83 -13.62
C LYS A 813 -78.50 -29.54 -14.16
N PHE A 814 -78.39 -29.36 -15.48
CA PHE A 814 -77.10 -29.05 -16.07
C PHE A 814 -76.67 -27.61 -15.78
N ILE A 815 -77.63 -26.70 -15.59
CA ILE A 815 -77.27 -25.34 -15.16
C ILE A 815 -76.67 -25.35 -13.76
N THR A 816 -77.26 -26.12 -12.84
CA THR A 816 -76.68 -26.26 -11.51
C THR A 816 -75.33 -26.98 -11.55
N PHE A 817 -75.18 -27.95 -12.45
CA PHE A 817 -73.88 -28.62 -12.60
C PHE A 817 -72.80 -27.67 -13.11
N SER A 818 -73.15 -26.78 -14.04
CA SER A 818 -72.19 -25.82 -14.56
C SER A 818 -71.81 -24.78 -13.49
N MET A 819 -72.79 -24.36 -12.68
CA MET A 819 -72.49 -23.41 -11.61
C MET A 819 -71.60 -24.05 -10.54
N LEU A 820 -71.87 -25.32 -10.22
CA LEU A 820 -71.03 -26.06 -9.29
C LEU A 820 -69.62 -26.24 -9.82
N ILE A 821 -69.48 -26.49 -11.13
CA ILE A 821 -68.17 -26.64 -11.75
C ILE A 821 -67.38 -25.33 -11.66
N PHE A 822 -68.05 -24.20 -11.92
CA PHE A 822 -67.43 -22.89 -11.83
C PHE A 822 -66.91 -22.60 -10.42
N PHE A 823 -67.78 -22.81 -9.41
CA PHE A 823 -67.38 -22.54 -8.03
C PHE A 823 -66.30 -23.49 -7.55
N ILE A 824 -66.39 -24.77 -7.93
CA ILE A 824 -65.40 -25.76 -7.48
C ILE A 824 -64.03 -25.47 -8.07
N VAL A 825 -63.97 -25.08 -9.36
CA VAL A 825 -62.68 -24.78 -9.99
C VAL A 825 -62.07 -23.51 -9.38
N TRP A 826 -62.85 -22.44 -9.30
CA TRP A 826 -62.29 -21.20 -8.76
C TRP A 826 -62.10 -21.22 -7.24
N ILE A 827 -62.61 -22.23 -6.53
CA ILE A 827 -62.27 -22.38 -5.13
C ILE A 827 -61.05 -23.28 -4.95
N SER A 828 -60.97 -24.38 -5.70
CA SER A 828 -59.85 -25.30 -5.58
C SER A 828 -58.57 -24.77 -6.20
N PHE A 829 -58.62 -23.70 -7.00
CA PHE A 829 -57.40 -23.10 -7.51
C PHE A 829 -56.81 -22.04 -6.59
N ILE A 830 -57.39 -21.84 -5.41
CA ILE A 830 -56.90 -20.85 -4.43
C ILE A 830 -55.51 -21.21 -3.87
N PRO A 831 -55.19 -22.45 -3.42
CA PRO A 831 -53.81 -22.66 -2.91
C PRO A 831 -52.74 -22.62 -3.99
N ALA A 832 -53.09 -22.87 -5.26
CA ALA A 832 -52.12 -22.70 -6.32
C ALA A 832 -51.88 -21.23 -6.64
N TYR A 833 -52.85 -20.37 -6.35
CA TYR A 833 -52.72 -18.96 -6.68
C TYR A 833 -51.83 -18.23 -5.69
N ALA A 834 -51.83 -18.63 -4.42
CA ALA A 834 -51.09 -17.90 -3.40
C ALA A 834 -49.67 -18.41 -3.19
N SER A 835 -49.37 -19.64 -3.63
CA SER A 835 -48.04 -20.20 -3.38
C SER A 835 -47.03 -19.69 -4.39
N THR A 836 -47.34 -19.79 -5.68
CA THR A 836 -46.43 -19.39 -6.75
C THR A 836 -46.72 -17.96 -7.25
N TYR A 837 -47.23 -17.10 -6.38
CA TYR A 837 -47.45 -15.70 -6.71
C TYR A 837 -46.14 -15.00 -7.03
N GLY A 838 -46.12 -14.30 -8.16
CA GLY A 838 -44.91 -13.70 -8.68
C GLY A 838 -44.11 -14.59 -9.60
N LYS A 839 -44.48 -15.87 -9.74
CA LYS A 839 -43.76 -16.82 -10.56
C LYS A 839 -44.77 -17.54 -11.47
N PHE A 840 -44.95 -17.02 -12.69
CA PHE A 840 -45.65 -17.71 -13.79
C PHE A 840 -47.10 -18.10 -13.47
N VAL A 841 -47.74 -17.33 -12.59
CA VAL A 841 -49.13 -17.56 -12.15
C VAL A 841 -50.14 -17.36 -13.30
N SER A 842 -49.73 -16.69 -14.38
CA SER A 842 -50.60 -16.52 -15.54
C SER A 842 -50.94 -17.84 -16.23
N ALA A 843 -50.11 -18.88 -16.07
CA ALA A 843 -50.47 -20.21 -16.54
C ALA A 843 -51.66 -20.76 -15.76
N VAL A 844 -51.67 -20.57 -14.43
CA VAL A 844 -52.79 -20.99 -13.59
C VAL A 844 -54.04 -20.20 -13.96
N GLU A 845 -53.89 -18.90 -14.23
CA GLU A 845 -55.02 -18.09 -14.64
C GLU A 845 -55.55 -18.48 -16.02
N VAL A 846 -54.69 -19.01 -16.91
CA VAL A 846 -55.20 -19.53 -18.17
C VAL A 846 -55.96 -20.83 -17.97
N ILE A 847 -55.40 -21.74 -17.15
CA ILE A 847 -56.00 -23.07 -16.95
C ILE A 847 -57.38 -22.97 -16.30
N ALA A 848 -57.53 -22.06 -15.32
CA ALA A 848 -58.83 -21.93 -14.65
C ALA A 848 -59.90 -21.38 -15.59
N ILE A 849 -59.55 -20.40 -16.42
CA ILE A 849 -60.48 -19.83 -17.40
C ILE A 849 -60.91 -20.89 -18.41
N LEU A 850 -59.95 -21.65 -18.93
CA LEU A 850 -60.26 -22.70 -19.90
C LEU A 850 -61.13 -23.80 -19.30
N ALA A 851 -60.85 -24.18 -18.04
CA ALA A 851 -61.64 -25.22 -17.39
C ALA A 851 -63.07 -24.77 -17.15
N ALA A 852 -63.26 -23.53 -16.69
CA ALA A 852 -64.61 -23.02 -16.46
C ALA A 852 -65.40 -22.89 -17.76
N SER A 853 -64.76 -22.40 -18.83
CA SER A 853 -65.45 -22.26 -20.12
C SER A 853 -65.82 -23.62 -20.71
N PHE A 854 -64.90 -24.59 -20.65
CA PHE A 854 -65.18 -25.92 -21.17
C PHE A 854 -66.29 -26.60 -20.37
N GLY A 855 -66.28 -26.43 -19.05
CA GLY A 855 -67.34 -27.01 -18.22
C GLY A 855 -68.70 -26.44 -18.52
N LEU A 856 -68.78 -25.10 -18.70
CA LEU A 856 -70.08 -24.49 -18.99
C LEU A 856 -70.60 -24.87 -20.37
N LEU A 857 -69.72 -24.88 -21.38
CA LEU A 857 -70.15 -25.22 -22.73
C LEU A 857 -70.58 -26.68 -22.83
N ALA A 858 -69.80 -27.59 -22.22
CA ALA A 858 -70.15 -29.01 -22.26
C ALA A 858 -71.38 -29.31 -21.40
N CYS A 859 -71.63 -28.52 -20.36
CA CYS A 859 -72.84 -28.71 -19.57
C CYS A 859 -74.07 -28.25 -20.34
N ILE A 860 -73.97 -27.16 -21.09
CA ILE A 860 -75.18 -26.57 -21.66
C ILE A 860 -75.50 -27.15 -23.03
N PHE A 861 -74.54 -27.20 -23.98
CA PHE A 861 -74.95 -27.38 -25.37
C PHE A 861 -74.82 -28.80 -25.91
N PHE A 862 -73.85 -29.59 -25.43
CA PHE A 862 -73.51 -30.87 -26.05
C PHE A 862 -74.65 -31.88 -25.95
N ASN A 863 -75.45 -31.77 -24.89
CA ASN A 863 -76.61 -32.65 -24.72
C ASN A 863 -77.61 -32.47 -25.86
N LYS A 864 -77.99 -31.22 -26.15
CA LYS A 864 -78.93 -30.96 -27.24
C LYS A 864 -78.30 -31.25 -28.60
N ILE A 865 -76.99 -31.01 -28.73
CA ILE A 865 -76.26 -31.31 -29.96
C ILE A 865 -76.33 -32.80 -30.31
N TYR A 866 -76.36 -33.67 -29.28
CA TYR A 866 -76.37 -35.11 -29.57
C TYR A 866 -77.68 -35.57 -30.21
N ILE A 867 -78.83 -35.05 -29.76
CA ILE A 867 -80.08 -35.40 -30.47
C ILE A 867 -80.16 -34.68 -31.81
N ILE A 868 -79.66 -33.44 -31.89
CA ILE A 868 -79.78 -32.68 -33.14
C ILE A 868 -78.98 -33.32 -34.27
N LEU A 869 -77.78 -33.80 -33.99
CA LEU A 869 -76.93 -34.30 -35.07
C LEU A 869 -77.09 -35.79 -35.32
N PHE A 870 -77.01 -36.63 -34.28
CA PHE A 870 -76.82 -38.06 -34.50
C PHE A 870 -78.09 -38.89 -34.38
N LYS A 871 -79.15 -38.39 -33.75
CA LYS A 871 -80.45 -39.05 -33.79
C LYS A 871 -81.56 -38.06 -34.14
N PRO A 872 -81.73 -37.77 -35.43
CA PRO A 872 -82.91 -36.98 -35.85
C PRO A 872 -84.19 -37.80 -35.77
N SER A 873 -85.30 -37.13 -36.08
CA SER A 873 -86.68 -37.60 -35.91
C SER A 873 -87.03 -37.90 -34.45
N ARG A 874 -86.23 -37.36 -33.53
CA ARG A 874 -86.58 -37.25 -32.12
C ARG A 874 -86.75 -35.79 -31.72
N ASN A 875 -86.29 -34.87 -32.57
CA ASN A 875 -86.50 -33.43 -32.38
C ASN A 875 -87.96 -33.12 -32.68
N THR A 876 -88.79 -33.32 -31.67
CA THR A 876 -90.23 -33.17 -31.81
C THR A 876 -90.73 -32.43 -30.57
N ILE A 877 -91.88 -31.76 -30.70
CA ILE A 877 -92.46 -30.97 -29.62
C ILE A 877 -92.83 -31.85 -28.43
N GLU A 878 -93.14 -33.12 -28.65
CA GLU A 878 -93.55 -34.00 -27.56
C GLU A 878 -92.39 -34.39 -26.65
N GLU A 879 -91.15 -34.22 -27.10
CA GLU A 879 -90.00 -34.54 -26.26
C GLU A 879 -89.54 -33.39 -25.40
N VAL A 880 -89.77 -32.14 -25.86
CA VAL A 880 -89.37 -30.98 -25.07
C VAL A 880 -90.26 -30.84 -23.84
N ARG A 881 -91.57 -31.00 -24.03
CA ARG A 881 -92.52 -30.87 -22.93
C ARG A 881 -92.47 -32.05 -21.97
N CYS A 882 -91.92 -33.18 -22.40
CA CYS A 882 -91.83 -34.36 -21.55
C CYS A 882 -90.58 -35.12 -21.94
N SER A 883 -89.57 -35.11 -21.07
CA SER A 883 -88.32 -35.82 -21.34
C SER A 883 -88.55 -37.33 -21.30
N THR A 884 -87.91 -38.04 -22.22
CA THR A 884 -88.13 -39.46 -22.42
C THR A 884 -86.97 -40.29 -21.85
N ALA A 885 -86.14 -39.67 -21.00
CA ALA A 885 -85.09 -40.32 -20.20
C ALA A 885 -84.04 -41.00 -21.07
N ALA A 886 -83.39 -40.22 -21.93
CA ALA A 886 -82.26 -40.68 -22.71
C ALA A 886 -81.19 -39.59 -22.67
N HIS A 887 -80.02 -39.92 -22.12
CA HIS A 887 -78.97 -38.95 -21.91
C HIS A 887 -77.84 -39.14 -22.91
N ALA A 888 -77.16 -38.04 -23.23
CA ALA A 888 -76.06 -38.08 -24.19
C ALA A 888 -74.80 -38.69 -23.60
N PHE A 889 -74.48 -38.35 -22.36
CA PHE A 889 -73.18 -38.71 -21.80
C PHE A 889 -73.08 -40.18 -21.45
N LYS A 890 -74.19 -40.82 -21.06
CA LYS A 890 -74.16 -42.25 -20.80
C LYS A 890 -74.01 -43.04 -22.09
N VAL A 891 -74.67 -42.59 -23.16
CA VAL A 891 -74.56 -43.26 -24.46
C VAL A 891 -73.17 -43.05 -25.04
N ALA A 892 -72.59 -41.87 -24.86
CA ALA A 892 -71.24 -41.61 -25.34
C ALA A 892 -70.20 -42.35 -24.51
N ALA A 893 -70.43 -42.52 -23.21
CA ALA A 893 -69.53 -43.28 -22.37
C ALA A 893 -69.71 -44.78 -22.52
N ARG A 894 -70.81 -45.23 -23.13
CA ARG A 894 -70.99 -46.65 -23.38
C ARG A 894 -70.07 -47.17 -24.47
N ALA A 895 -69.56 -46.30 -25.34
CA ALA A 895 -68.64 -46.71 -26.39
C ALA A 895 -67.26 -47.02 -25.82
N TYR B 28 53.91 35.36 11.65
CA TYR B 28 53.82 34.77 10.32
C TYR B 28 52.44 34.13 10.14
N GLY B 29 51.91 34.19 8.93
CA GLY B 29 50.58 33.69 8.66
C GLY B 29 49.61 34.79 8.29
N PRO B 30 48.32 34.57 8.55
CA PRO B 30 47.33 35.62 8.29
C PRO B 30 47.52 36.83 9.19
N ASP B 31 47.09 37.98 8.68
CA ASP B 31 47.43 39.27 9.27
C ASP B 31 46.53 39.67 10.43
N GLN B 32 45.22 39.47 10.30
CA GLN B 32 44.27 39.82 11.35
C GLN B 32 44.15 38.65 12.31
N ARG B 33 44.48 38.88 13.58
CA ARG B 33 44.61 37.79 14.54
C ARG B 33 44.47 38.33 15.96
N ALA B 34 44.23 37.41 16.88
CA ALA B 34 44.38 37.67 18.31
C ALA B 34 45.53 36.83 18.83
N GLN B 35 46.43 37.43 19.61
CA GLN B 35 47.67 36.76 19.91
C GLN B 35 48.24 37.23 21.23
N LYS B 36 48.55 36.27 22.11
CA LYS B 36 49.27 36.54 23.35
C LYS B 36 50.29 35.43 23.58
N LYS B 37 51.41 35.80 24.19
CA LYS B 37 52.52 34.90 24.45
C LYS B 37 52.32 34.14 25.76
N GLY B 38 53.10 33.08 25.93
CA GLY B 38 53.01 32.26 27.12
C GLY B 38 53.93 31.07 27.02
N ASP B 39 53.92 30.26 28.07
CA ASP B 39 54.71 29.03 28.07
C ASP B 39 54.06 27.97 27.18
N ILE B 40 52.73 27.85 27.26
CA ILE B 40 51.96 26.88 26.50
C ILE B 40 50.93 27.63 25.68
N ILE B 41 50.82 27.31 24.39
CA ILE B 41 50.06 28.10 23.43
C ILE B 41 48.92 27.26 22.88
N LEU B 42 47.71 27.82 22.91
CA LEU B 42 46.51 27.20 22.36
C LEU B 42 46.11 27.92 21.07
N GLY B 43 45.38 27.22 20.21
CA GLY B 43 44.91 27.82 18.98
C GLY B 43 43.40 27.86 18.90
N GLY B 44 42.85 28.72 18.06
CA GLY B 44 41.40 28.87 17.99
C GLY B 44 40.93 29.37 16.64
N LEU B 45 39.71 28.98 16.29
CA LEU B 45 39.11 29.29 14.99
C LEU B 45 37.65 29.65 15.19
N PHE B 46 37.27 30.87 14.85
CA PHE B 46 35.92 31.37 15.03
C PHE B 46 35.46 32.13 13.80
N PRO B 47 34.17 32.04 13.43
CA PRO B 47 33.67 32.84 12.29
C PRO B 47 33.34 34.28 12.63
N ILE B 48 34.19 35.21 12.22
CA ILE B 48 33.94 36.62 12.51
C ILE B 48 33.17 37.28 11.38
N HIS B 49 33.20 36.72 10.18
CA HIS B 49 32.37 37.12 9.07
C HIS B 49 31.53 35.93 8.63
N PHE B 50 30.37 36.22 8.02
CA PHE B 50 29.48 35.15 7.62
C PHE B 50 29.91 34.46 6.33
N GLY B 51 30.79 35.06 5.55
CA GLY B 51 31.22 34.43 4.32
C GLY B 51 32.18 35.32 3.57
N VAL B 52 32.42 34.96 2.31
CA VAL B 52 33.35 35.68 1.46
C VAL B 52 32.58 36.29 0.29
N ALA B 53 33.23 37.26 -0.35
CA ALA B 53 32.58 38.00 -1.44
C ALA B 53 32.44 37.13 -2.69
N ALA B 54 31.23 37.10 -3.23
CA ALA B 54 30.92 36.26 -4.38
C ALA B 54 31.45 36.93 -5.64
N LYS B 55 32.64 36.50 -6.07
CA LYS B 55 33.23 36.98 -7.30
C LYS B 55 33.72 35.79 -8.12
N ASP B 56 33.65 35.93 -9.44
CA ASP B 56 34.06 34.88 -10.36
C ASP B 56 35.46 35.19 -10.87
N GLN B 57 36.38 34.24 -10.72
CA GLN B 57 37.73 34.39 -11.21
C GLN B 57 37.80 33.91 -12.65
N ASP B 58 38.07 34.83 -13.56
CA ASP B 58 38.33 34.48 -14.95
C ASP B 58 39.76 34.02 -15.18
N LEU B 59 40.63 34.19 -14.18
CA LEU B 59 42.04 33.81 -14.20
C LEU B 59 42.81 34.50 -15.33
N LYS B 60 42.39 35.71 -15.70
CA LYS B 60 43.14 36.51 -16.65
C LYS B 60 44.30 37.24 -16.00
N SER B 61 44.34 37.29 -14.67
CA SER B 61 45.48 37.79 -13.93
C SER B 61 45.71 36.89 -12.72
N ARG B 62 46.82 37.12 -12.02
CA ARG B 62 47.19 36.29 -10.88
C ARG B 62 46.19 36.47 -9.74
N PRO B 63 45.72 35.39 -9.12
CA PRO B 63 44.65 35.51 -8.12
C PRO B 63 45.12 36.17 -6.83
N GLU B 64 44.28 37.07 -6.31
CA GLU B 64 44.50 37.73 -5.03
C GLU B 64 43.76 36.97 -3.93
N SER B 65 43.95 37.42 -2.69
CA SER B 65 43.22 36.85 -1.57
C SER B 65 41.78 37.34 -1.58
N VAL B 66 40.84 36.43 -1.32
CA VAL B 66 39.43 36.78 -1.30
C VAL B 66 39.10 37.53 -0.02
N GLU B 67 38.04 38.33 -0.07
CA GLU B 67 37.70 39.26 0.98
C GLU B 67 36.50 38.76 1.77
N CYS B 68 36.47 39.06 3.06
CA CYS B 68 35.45 38.55 3.98
C CYS B 68 34.40 39.62 4.23
N ILE B 69 33.13 39.21 4.27
CA ILE B 69 32.01 40.13 4.24
C ILE B 69 30.98 39.69 5.28
N ARG B 70 30.12 40.66 5.70
CA ARG B 70 29.06 40.48 6.69
C ARG B 70 29.51 40.08 8.09
N TYR B 71 30.00 41.05 8.88
CA TYR B 71 30.39 40.87 10.28
C TYR B 71 29.35 40.10 11.12
N ASN B 72 29.86 39.30 12.05
CA ASN B 72 29.10 38.34 12.84
C ASN B 72 29.43 38.63 14.31
N PHE B 73 28.50 39.29 15.02
CA PHE B 73 28.74 39.73 16.39
C PHE B 73 28.70 38.58 17.39
N ARG B 74 27.84 37.60 17.14
CA ARG B 74 27.77 36.39 17.96
C ARG B 74 29.09 35.61 17.91
N GLY B 75 29.70 35.54 16.73
CA GLY B 75 31.02 34.92 16.63
C GLY B 75 32.10 35.64 17.39
N PHE B 76 32.04 36.97 17.45
CA PHE B 76 33.01 37.73 18.22
C PHE B 76 32.79 37.53 19.72
N ARG B 77 31.53 37.36 20.15
CA ARG B 77 31.26 36.95 21.54
C ARG B 77 31.83 35.56 21.83
N TRP B 78 31.71 34.64 20.86
CA TRP B 78 32.28 33.30 21.01
C TRP B 78 33.79 33.36 21.14
N LEU B 79 34.45 34.23 20.36
CA LEU B 79 35.89 34.40 20.49
C LEU B 79 36.27 35.01 21.83
N GLN B 80 35.43 35.91 22.36
CA GLN B 80 35.73 36.54 23.65
C GLN B 80 35.61 35.56 24.80
N ALA B 81 34.77 34.51 24.64
CA ALA B 81 34.64 33.48 25.67
C ALA B 81 35.96 32.75 25.92
N MET B 82 36.71 32.45 24.85
CA MET B 82 38.00 31.77 24.98
C MET B 82 39.03 32.62 25.71
N ILE B 83 39.09 33.92 25.41
CA ILE B 83 40.05 34.79 26.05
C ILE B 83 39.70 35.02 27.51
N PHE B 84 38.41 35.15 27.82
CA PHE B 84 37.98 35.26 29.22
C PHE B 84 38.32 34.01 30.02
N ALA B 85 38.13 32.83 29.41
CA ALA B 85 38.49 31.58 30.07
C ALA B 85 39.99 31.48 30.33
N ILE B 86 40.81 31.90 29.36
CA ILE B 86 42.25 31.76 29.51
C ILE B 86 42.78 32.75 30.56
N GLU B 87 42.22 33.96 30.61
CA GLU B 87 42.62 34.92 31.65
C GLU B 87 42.19 34.46 33.04
N GLU B 88 41.00 33.85 33.16
CA GLU B 88 40.54 33.32 34.44
C GLU B 88 41.42 32.19 34.93
N ILE B 89 41.86 31.32 34.01
CA ILE B 89 42.78 30.24 34.38
C ILE B 89 44.14 30.80 34.79
N ASN B 90 44.63 31.79 34.05
CA ASN B 90 45.93 32.39 34.35
C ASN B 90 45.94 33.15 35.66
N SER B 91 44.80 33.64 36.13
CA SER B 91 44.77 34.37 37.38
C SER B 91 44.49 33.50 38.61
N SER B 92 44.35 32.18 38.43
CA SER B 92 43.99 31.31 39.54
C SER B 92 45.18 30.48 40.00
N PRO B 93 45.50 30.48 41.30
CA PRO B 93 46.67 29.72 41.76
C PRO B 93 46.41 28.23 41.94
N ALA B 94 45.15 27.80 41.90
CA ALA B 94 44.79 26.40 42.10
C ALA B 94 44.82 25.58 40.82
N LEU B 95 45.08 26.21 39.66
CA LEU B 95 45.10 25.50 38.39
C LEU B 95 46.28 26.01 37.60
N LEU B 96 47.26 25.14 37.36
CA LEU B 96 48.53 25.39 36.70
C LEU B 96 49.31 26.56 37.32
N PRO B 97 49.86 26.41 38.52
CA PRO B 97 50.65 27.50 39.09
C PRO B 97 52.01 27.63 38.43
N ASN B 98 52.50 28.87 38.39
CA ASN B 98 53.80 29.23 37.81
C ASN B 98 53.95 28.78 36.37
N LEU B 99 52.89 28.96 35.58
CA LEU B 99 52.83 28.50 34.20
C LEU B 99 51.73 29.25 33.49
N THR B 100 52.07 29.96 32.41
CA THR B 100 51.13 30.80 31.69
C THR B 100 50.62 30.13 30.43
N LEU B 101 49.43 30.53 30.01
CA LEU B 101 48.84 30.11 28.74
C LEU B 101 48.75 31.30 27.79
N GLY B 102 49.09 31.06 26.53
CA GLY B 102 48.92 32.04 25.47
C GLY B 102 48.01 31.52 24.37
N TYR B 103 47.79 32.36 23.37
CA TYR B 103 46.87 31.98 22.31
C TYR B 103 47.23 32.63 20.98
N ARG B 104 46.82 31.95 19.90
CA ARG B 104 46.79 32.47 18.55
C ARG B 104 45.45 32.11 17.94
N ILE B 105 44.64 33.12 17.63
CA ILE B 105 43.25 32.94 17.21
C ILE B 105 43.05 33.63 15.87
N PHE B 106 42.39 32.93 14.93
CA PHE B 106 42.19 33.38 13.56
C PHE B 106 40.73 33.30 13.16
N ASP B 107 40.39 34.03 12.09
CA ASP B 107 39.05 34.06 11.51
C ASP B 107 38.97 33.08 10.34
N THR B 108 37.85 32.37 10.23
CA THR B 108 37.65 31.39 9.18
C THR B 108 36.69 31.85 8.09
N CYS B 109 35.77 32.76 8.41
CA CYS B 109 34.75 33.31 7.50
C CYS B 109 33.85 32.22 6.93
N ASN B 110 33.60 31.16 7.71
CA ASN B 110 32.79 29.99 7.33
C ASN B 110 33.33 29.28 6.09
N THR B 111 34.64 29.30 5.88
CA THR B 111 35.23 28.87 4.63
C THR B 111 36.37 27.89 4.90
N VAL B 112 36.50 26.89 4.03
CA VAL B 112 37.51 25.86 4.19
C VAL B 112 38.91 26.42 3.95
N SER B 113 39.06 27.30 2.96
CA SER B 113 40.38 27.75 2.52
C SER B 113 41.05 28.65 3.56
N LYS B 114 40.30 29.57 4.16
CA LYS B 114 40.84 30.46 5.20
C LYS B 114 41.27 29.66 6.43
N ALA B 115 40.44 28.71 6.85
CA ALA B 115 40.77 27.85 7.96
C ALA B 115 41.96 26.95 7.65
N LEU B 116 42.15 26.58 6.39
CA LEU B 116 43.31 25.78 6.02
C LEU B 116 44.60 26.60 6.04
N GLU B 117 44.57 27.87 5.63
CA GLU B 117 45.75 28.74 5.82
C GLU B 117 46.10 28.90 7.30
N ALA B 118 45.08 29.10 8.14
CA ALA B 118 45.31 29.20 9.58
C ALA B 118 45.88 27.90 10.16
N THR B 119 45.39 26.76 9.69
CA THR B 119 45.85 25.48 10.19
C THR B 119 47.27 25.18 9.72
N LEU B 120 47.65 25.62 8.53
CA LEU B 120 49.04 25.50 8.10
C LEU B 120 49.95 26.41 8.91
N SER B 121 49.43 27.54 9.37
CA SER B 121 50.20 28.34 10.33
C SER B 121 50.33 27.63 11.68
N PHE B 122 49.34 26.82 12.06
CA PHE B 122 49.41 26.10 13.34
C PHE B 122 50.49 25.03 13.36
N VAL B 123 50.73 24.35 12.24
CA VAL B 123 51.54 23.13 12.23
C VAL B 123 52.91 23.35 11.58
N ALA B 124 53.39 24.60 11.54
CA ALA B 124 54.59 24.93 10.79
C ALA B 124 55.86 24.34 11.42
N GLN B 125 55.89 24.17 12.73
CA GLN B 125 57.04 23.54 13.37
C GLN B 125 57.06 22.04 13.12
N ASN B 126 55.92 21.38 13.28
CA ASN B 126 55.85 19.91 13.19
C ASN B 126 56.08 19.42 11.77
N LYS B 127 55.67 20.22 10.78
CA LYS B 127 55.76 19.83 9.38
C LYS B 127 57.20 19.91 8.86
N ILE B 128 57.99 20.84 9.39
CA ILE B 128 59.41 20.96 9.00
C ILE B 128 60.17 19.71 9.41
N ASP B 129 59.92 19.20 10.62
CA ASP B 129 60.59 18.00 11.11
C ASP B 129 60.17 16.76 10.33
N SER B 130 58.94 16.72 9.83
CA SER B 130 58.48 15.55 9.08
C SER B 130 59.04 15.54 7.65
N LEU B 131 59.21 16.70 7.03
CA LEU B 131 59.79 16.77 5.70
C LEU B 131 61.31 16.85 5.71
N ASN B 132 61.92 17.08 6.88
CA ASN B 132 63.35 17.39 7.03
C ASN B 132 63.76 18.58 6.16
N LEU B 133 62.90 19.58 6.10
CA LEU B 133 63.08 20.72 5.21
C LEU B 133 63.83 21.85 5.89
N CYS B 139 64.07 27.99 8.90
CA CYS B 139 64.92 29.15 8.72
C CYS B 139 64.94 30.04 9.96
N SER B 140 63.75 30.36 10.47
CA SER B 140 63.65 31.26 11.62
C SER B 140 64.12 30.58 12.90
N GLU B 141 63.81 29.29 13.06
CA GLU B 141 64.21 28.40 14.14
C GLU B 141 63.71 28.84 15.52
N HIS B 142 62.84 29.85 15.60
CA HIS B 142 62.18 30.28 16.83
C HIS B 142 60.67 30.17 16.68
N ILE B 143 60.23 29.13 16.00
CA ILE B 143 58.81 28.96 15.67
C ILE B 143 58.07 28.46 16.91
N PRO B 144 56.98 29.11 17.30
CA PRO B 144 56.18 28.61 18.43
C PRO B 144 55.43 27.35 18.06
N SER B 145 55.10 26.56 19.08
CA SER B 145 54.47 25.26 18.88
C SER B 145 53.08 25.26 19.52
N THR B 146 52.06 25.02 18.70
CA THR B 146 50.70 24.86 19.18
C THR B 146 50.50 23.44 19.69
N ILE B 147 49.91 23.30 20.88
CA ILE B 147 49.67 21.98 21.44
C ILE B 147 48.20 21.57 21.43
N ALA B 148 47.27 22.48 21.15
CA ALA B 148 45.86 22.15 21.03
C ALA B 148 45.16 23.27 20.28
N VAL B 149 44.05 22.92 19.63
CA VAL B 149 43.26 23.86 18.84
C VAL B 149 41.81 23.76 19.31
N VAL B 150 41.23 24.89 19.66
CA VAL B 150 39.78 24.97 19.88
C VAL B 150 39.10 25.11 18.53
N GLY B 151 38.14 24.23 18.26
CA GLY B 151 37.81 23.81 16.91
C GLY B 151 37.00 24.81 16.12
N ALA B 152 36.42 24.33 15.04
CA ALA B 152 35.65 25.21 14.17
C ALA B 152 34.15 25.08 14.47
N THR B 153 33.34 25.81 13.69
CA THR B 153 31.89 25.85 13.87
C THR B 153 31.18 24.85 12.96
N GLY B 154 31.44 24.92 11.65
CA GLY B 154 30.76 24.06 10.69
C GLY B 154 31.54 22.78 10.42
N SER B 155 30.80 21.74 10.06
CA SER B 155 31.38 20.40 10.04
C SER B 155 32.29 20.15 8.85
N GLY B 156 32.05 20.83 7.72
CA GLY B 156 32.98 20.72 6.60
C GLY B 156 34.32 21.35 6.91
N VAL B 157 34.29 22.50 7.58
CA VAL B 157 35.51 23.18 8.03
C VAL B 157 36.23 22.34 9.08
N SER B 158 35.48 21.70 9.98
CA SER B 158 36.09 20.85 10.99
C SER B 158 36.69 19.58 10.39
N THR B 159 36.04 18.99 9.38
CA THR B 159 36.61 17.81 8.73
C THR B 159 37.89 18.15 7.98
N ALA B 160 37.90 19.29 7.27
CA ALA B 160 39.11 19.69 6.55
C ALA B 160 40.24 20.06 7.49
N VAL B 161 39.93 20.68 8.63
CA VAL B 161 40.98 21.03 9.60
C VAL B 161 41.47 19.78 10.33
N ALA B 162 40.57 18.84 10.62
CA ALA B 162 40.93 17.64 11.36
C ALA B 162 41.77 16.69 10.51
N ASN B 163 41.55 16.68 9.19
CA ASN B 163 42.37 15.87 8.28
C ASN B 163 43.84 16.24 8.35
N LEU B 164 44.13 17.52 8.53
CA LEU B 164 45.52 17.97 8.62
C LEU B 164 46.04 17.94 10.05
N LEU B 165 45.20 18.19 11.05
CA LEU B 165 45.68 18.15 12.43
C LEU B 165 45.90 16.73 12.94
N GLY B 166 45.26 15.72 12.34
CA GLY B 166 45.51 14.35 12.74
C GLY B 166 46.81 13.76 12.23
N LEU B 167 47.49 14.43 11.29
CA LEU B 167 48.78 13.95 10.81
C LEU B 167 49.85 14.08 11.87
N PHE B 168 49.71 15.03 12.79
CA PHE B 168 50.73 15.32 13.77
C PHE B 168 50.27 15.02 15.19
N TYR B 169 49.08 14.43 15.35
CA TYR B 169 48.46 14.07 16.63
C TYR B 169 48.29 15.28 17.56
N ILE B 170 47.80 16.39 16.99
CA ILE B 170 47.48 17.59 17.74
C ILE B 170 46.00 17.52 18.15
N PRO B 171 45.68 17.67 19.43
CA PRO B 171 44.27 17.58 19.86
C PRO B 171 43.43 18.76 19.39
N GLN B 172 42.22 18.46 18.92
CA GLN B 172 41.28 19.45 18.44
C GLN B 172 39.96 19.26 19.16
N VAL B 173 39.48 20.29 19.84
CA VAL B 173 38.20 20.26 20.55
C VAL B 173 37.28 21.28 19.90
N SER B 174 36.20 20.81 19.28
CA SER B 174 35.22 21.66 18.63
C SER B 174 34.07 21.99 19.56
N TYR B 175 33.52 23.20 19.42
CA TYR B 175 32.41 23.65 20.25
C TYR B 175 31.05 23.56 19.57
N ALA B 176 31.01 23.39 18.24
CA ALA B 176 29.74 23.46 17.52
C ALA B 176 29.50 22.33 16.53
N SER B 177 30.53 21.65 16.03
CA SER B 177 30.36 20.66 14.97
C SER B 177 29.68 19.41 15.50
N SER B 178 28.52 19.06 14.94
CA SER B 178 27.70 17.98 15.47
C SER B 178 27.42 16.88 14.45
N SER B 179 28.21 16.79 13.39
CA SER B 179 28.02 15.74 12.40
C SER B 179 28.45 14.38 12.94
N ARG B 180 27.72 13.33 12.52
CA ARG B 180 28.07 11.97 12.92
C ARG B 180 29.35 11.48 12.25
N LEU B 181 29.73 12.06 11.11
CA LEU B 181 30.89 11.59 10.37
C LEU B 181 32.20 11.91 11.08
N LEU B 182 32.18 12.81 12.04
CA LEU B 182 33.34 13.11 12.85
C LEU B 182 33.44 12.19 14.06
N SER B 183 32.56 11.21 14.20
CA SER B 183 32.66 10.21 15.25
C SER B 183 33.48 9.00 14.85
N ASN B 184 34.11 9.04 13.68
CA ASN B 184 34.86 7.90 13.15
C ASN B 184 36.32 8.10 13.51
N LYS B 185 36.82 7.28 14.43
CA LYS B 185 38.17 7.42 14.94
C LYS B 185 39.23 6.74 14.07
N ASN B 186 38.82 6.02 13.03
CA ASN B 186 39.80 5.57 12.05
C ASN B 186 40.29 6.72 11.19
N GLN B 187 39.41 7.63 10.81
CA GLN B 187 39.81 8.78 10.01
C GLN B 187 40.18 9.99 10.86
N PHE B 188 39.46 10.26 11.93
CA PHE B 188 39.61 11.48 12.71
C PHE B 188 40.18 11.11 14.08
N LYS B 189 41.50 11.03 14.17
CA LYS B 189 42.17 10.44 15.32
C LYS B 189 42.17 11.33 16.55
N SER B 190 42.28 12.65 16.38
CA SER B 190 42.49 13.54 17.50
C SER B 190 41.36 14.55 17.67
N PHE B 191 40.12 14.17 17.37
CA PHE B 191 38.98 15.08 17.39
C PHE B 191 38.11 14.79 18.61
N LEU B 192 37.74 15.85 19.33
CA LEU B 192 36.83 15.81 20.45
C LEU B 192 35.83 16.95 20.30
N ARG B 193 34.70 16.84 20.98
CA ARG B 193 33.70 17.91 20.90
C ARG B 193 32.93 18.04 22.21
N THR B 194 32.61 19.27 22.57
CA THR B 194 31.78 19.58 23.72
C THR B 194 30.32 19.83 23.35
N ILE B 195 29.89 19.37 22.17
CA ILE B 195 28.51 19.48 21.73
C ILE B 195 28.00 18.07 21.40
N PRO B 196 26.76 17.72 21.73
CA PRO B 196 26.21 16.43 21.30
C PRO B 196 26.02 16.36 19.79
N ASN B 197 26.17 15.15 19.26
CA ASN B 197 26.01 14.95 17.82
C ASN B 197 24.53 14.82 17.46
N ASP B 198 24.25 14.78 16.17
CA ASP B 198 22.93 15.12 15.63
C ASP B 198 21.97 13.95 15.52
N GLU B 199 22.34 12.76 15.99
CA GLU B 199 21.43 11.63 15.83
C GLU B 199 20.28 11.67 16.80
N HIS B 200 20.51 12.14 18.03
CA HIS B 200 19.44 12.36 18.99
C HIS B 200 18.48 13.43 18.51
N GLN B 201 18.99 14.46 17.85
CA GLN B 201 18.14 15.52 17.32
C GLN B 201 17.23 15.00 16.22
N ALA B 202 17.78 14.19 15.30
CA ALA B 202 17.01 13.65 14.20
C ALA B 202 15.99 12.61 14.67
N THR B 203 16.29 11.89 15.75
CA THR B 203 15.26 11.04 16.35
C THR B 203 14.18 11.87 17.03
N ALA B 204 14.57 13.01 17.62
CA ALA B 204 13.62 13.86 18.33
C ALA B 204 12.64 14.53 17.38
N MET B 205 13.06 14.88 16.16
CA MET B 205 12.12 15.45 15.19
C MET B 205 11.03 14.45 14.83
N ALA B 206 11.40 13.18 14.65
CA ALA B 206 10.42 12.14 14.36
C ALA B 206 9.51 11.88 15.55
N ASP B 207 10.05 12.02 16.78
CA ASP B 207 9.20 11.92 17.96
C ASP B 207 8.18 13.05 18.04
N ILE B 208 8.58 14.27 17.68
CA ILE B 208 7.68 15.41 17.63
C ILE B 208 6.58 15.20 16.60
N ILE B 209 6.95 14.68 15.43
CA ILE B 209 5.96 14.43 14.37
C ILE B 209 5.00 13.32 14.76
N GLU B 210 5.50 12.29 15.45
CA GLU B 210 4.64 11.22 15.94
C GLU B 210 3.70 11.70 17.05
N TYR B 211 4.12 12.68 17.85
CA TYR B 211 3.29 13.16 18.96
C TYR B 211 2.07 13.90 18.45
N PHE B 212 2.21 14.74 17.44
CA PHE B 212 1.11 15.55 16.93
C PHE B 212 0.32 14.85 15.83
N ARG B 213 0.63 13.59 15.54
CA ARG B 213 -0.18 12.68 14.72
C ARG B 213 -0.27 13.16 13.28
N TRP B 214 0.90 13.35 12.67
CA TRP B 214 1.05 13.74 11.27
C TRP B 214 1.71 12.61 10.51
N ASN B 215 1.37 12.48 9.22
CA ASN B 215 2.04 11.47 8.41
C ASN B 215 2.37 11.94 7.01
N TRP B 216 2.44 13.26 6.78
CA TRP B 216 2.63 13.79 5.42
C TRP B 216 3.44 15.08 5.55
N VAL B 217 4.77 14.94 5.44
CA VAL B 217 5.71 16.02 5.68
C VAL B 217 6.66 16.16 4.48
N GLY B 218 7.40 17.26 4.46
CA GLY B 218 8.48 17.47 3.51
C GLY B 218 9.79 17.80 4.17
N THR B 219 10.92 17.64 3.49
CA THR B 219 12.24 17.90 4.07
C THR B 219 13.04 18.85 3.19
N ILE B 220 13.90 19.63 3.84
CA ILE B 220 14.87 20.50 3.18
C ILE B 220 16.20 20.37 3.92
N ALA B 221 17.28 20.07 3.19
CA ALA B 221 18.61 19.94 3.76
C ALA B 221 19.55 20.98 3.16
N ALA B 222 20.66 21.21 3.85
CA ALA B 222 21.77 21.96 3.28
C ALA B 222 22.79 20.98 2.71
N ASP B 223 23.36 21.31 1.56
CA ASP B 223 24.26 20.40 0.85
C ASP B 223 25.67 20.54 1.41
N ASP B 224 25.88 19.94 2.57
CA ASP B 224 27.20 19.87 3.20
C ASP B 224 27.24 18.65 4.11
N ASP B 225 28.25 18.60 4.98
CA ASP B 225 28.42 17.50 5.91
C ASP B 225 27.54 17.61 7.15
N TYR B 226 26.77 18.68 7.28
CA TYR B 226 25.84 18.85 8.39
C TYR B 226 24.43 18.37 8.05
N GLY B 227 23.88 18.84 6.93
CA GLY B 227 22.51 18.54 6.55
C GLY B 227 22.25 17.14 6.00
N ARG B 228 23.20 16.60 5.24
CA ARG B 228 22.97 15.29 4.61
C ARG B 228 22.87 14.13 5.61
N PRO B 229 23.78 13.95 6.59
CA PRO B 229 23.53 12.85 7.56
C PRO B 229 22.33 13.08 8.46
N GLY B 230 22.00 14.34 8.77
CA GLY B 230 20.82 14.63 9.56
C GLY B 230 19.53 14.23 8.87
N ILE B 231 19.40 14.59 7.59
CA ILE B 231 18.22 14.18 6.84
C ILE B 231 18.21 12.69 6.51
N GLU B 232 19.38 12.05 6.39
CA GLU B 232 19.38 10.61 6.19
C GLU B 232 18.92 9.85 7.43
N LYS B 233 19.39 10.28 8.61
CA LYS B 233 18.93 9.67 9.85
C LYS B 233 17.47 9.97 10.12
N PHE B 234 17.00 11.17 9.76
CA PHE B 234 15.58 11.48 9.90
C PHE B 234 14.72 10.65 8.96
N ARG B 235 15.19 10.42 7.74
CA ARG B 235 14.43 9.62 6.78
C ARG B 235 14.30 8.18 7.23
N GLU B 236 15.39 7.62 7.78
CA GLU B 236 15.32 6.26 8.32
C GLU B 236 14.40 6.17 9.54
N GLU B 237 14.49 7.14 10.45
CA GLU B 237 13.65 7.12 11.65
C GLU B 237 12.19 7.37 11.33
N ALA B 238 11.89 8.20 10.32
CA ALA B 238 10.52 8.45 9.92
C ALA B 238 9.93 7.28 9.14
N GLU B 239 10.75 6.56 8.38
CA GLU B 239 10.24 5.35 7.75
C GLU B 239 10.02 4.23 8.76
N GLU B 240 10.69 4.27 9.91
CA GLU B 240 10.38 3.31 10.97
C GLU B 240 8.99 3.53 11.57
N ARG B 241 8.50 4.77 11.60
CA ARG B 241 7.26 5.11 12.31
C ARG B 241 6.08 5.37 11.38
N ASP B 242 6.15 4.91 10.13
CA ASP B 242 5.09 5.03 9.12
C ASP B 242 4.73 6.49 8.81
N ILE B 243 5.74 7.33 8.65
CA ILE B 243 5.56 8.70 8.20
C ILE B 243 6.00 8.79 6.74
N CYS B 244 5.14 9.31 5.88
CA CYS B 244 5.42 9.42 4.46
C CYS B 244 6.02 10.79 4.14
N ILE B 245 7.14 10.79 3.42
CA ILE B 245 7.85 12.01 3.04
C ILE B 245 7.47 12.34 1.60
N ASP B 246 6.96 13.55 1.38
CA ASP B 246 6.49 13.93 0.06
C ASP B 246 7.63 14.40 -0.84
N PHE B 247 8.31 15.47 -0.45
CA PHE B 247 9.43 15.99 -1.24
C PHE B 247 10.70 15.98 -0.41
N SER B 248 11.81 16.26 -1.08
CA SER B 248 13.14 16.26 -0.47
C SER B 248 14.05 17.10 -1.35
N GLU B 249 14.57 18.20 -0.82
CA GLU B 249 15.33 19.15 -1.61
C GLU B 249 16.62 19.55 -0.90
N LEU B 250 17.60 19.97 -1.69
CA LEU B 250 18.88 20.47 -1.20
C LEU B 250 19.03 21.93 -1.55
N ILE B 251 19.57 22.72 -0.62
CA ILE B 251 19.82 24.13 -0.82
C ILE B 251 21.24 24.43 -0.37
N SER B 252 21.68 25.66 -0.64
CA SER B 252 23.02 26.10 -0.27
C SER B 252 23.03 27.62 -0.19
N GLN B 253 24.16 28.17 0.22
CA GLN B 253 24.33 29.62 0.28
C GLN B 253 24.58 30.19 -1.12
N TYR B 254 25.18 29.40 -2.01
CA TYR B 254 25.57 29.86 -3.33
C TYR B 254 24.67 29.30 -4.43
N SER B 255 23.41 29.02 -4.09
CA SER B 255 22.44 28.64 -5.09
C SER B 255 21.99 29.87 -5.88
N ASP B 256 21.76 29.68 -7.17
CA ASP B 256 21.36 30.76 -8.06
C ASP B 256 19.83 30.84 -8.15
N GLU B 257 19.33 31.65 -9.08
CA GLU B 257 17.91 31.96 -9.15
C GLU B 257 17.08 30.74 -9.56
N GLU B 258 17.56 29.96 -10.52
CA GLU B 258 16.74 28.87 -11.06
C GLU B 258 16.59 27.72 -10.07
N GLU B 259 17.62 27.46 -9.26
CA GLU B 259 17.52 26.42 -8.25
C GLU B 259 16.54 26.81 -7.14
N ILE B 260 16.58 28.07 -6.71
CA ILE B 260 15.65 28.56 -5.70
C ILE B 260 14.22 28.56 -6.22
N GLN B 261 14.03 28.97 -7.48
CA GLN B 261 12.71 28.90 -8.11
C GLN B 261 12.18 27.48 -8.19
N HIS B 262 13.05 26.53 -8.53
CA HIS B 262 12.64 25.12 -8.55
C HIS B 262 12.22 24.62 -7.17
N VAL B 263 12.96 24.99 -6.12
CA VAL B 263 12.62 24.51 -4.78
C VAL B 263 11.31 25.15 -4.29
N VAL B 264 11.11 26.44 -4.58
CA VAL B 264 9.85 27.10 -4.21
C VAL B 264 8.68 26.51 -4.98
N GLU B 265 8.87 26.13 -6.25
CA GLU B 265 7.82 25.46 -6.99
C GLU B 265 7.52 24.06 -6.47
N VAL B 266 8.55 23.35 -5.99
CA VAL B 266 8.34 22.04 -5.38
C VAL B 266 7.53 22.17 -4.09
N ILE B 267 7.81 23.20 -3.30
CA ILE B 267 7.04 23.47 -2.08
C ILE B 267 5.59 23.85 -2.42
N GLN B 268 5.40 24.72 -3.40
CA GLN B 268 4.06 25.22 -3.70
C GLN B 268 3.16 24.24 -4.43
N ASN B 269 3.69 23.10 -4.89
CA ASN B 269 2.88 22.08 -5.54
C ASN B 269 2.43 20.98 -4.60
N SER B 270 2.74 21.09 -3.31
CA SER B 270 2.55 20.01 -2.36
C SER B 270 1.49 20.37 -1.32
N THR B 271 0.76 19.35 -0.87
CA THR B 271 -0.25 19.53 0.16
C THR B 271 0.29 19.32 1.57
N ALA B 272 1.54 18.91 1.70
CA ALA B 272 2.15 18.76 3.02
C ALA B 272 2.42 20.12 3.63
N LYS B 273 2.06 20.28 4.90
CA LYS B 273 2.26 21.54 5.62
C LYS B 273 3.49 21.55 6.50
N VAL B 274 3.83 20.42 7.11
CA VAL B 274 4.98 20.34 8.00
C VAL B 274 6.24 20.13 7.17
N ILE B 275 7.22 21.02 7.34
CA ILE B 275 8.50 20.94 6.63
C ILE B 275 9.62 20.91 7.66
N VAL B 276 10.49 19.90 7.55
CA VAL B 276 11.62 19.71 8.45
C VAL B 276 12.87 20.24 7.77
N VAL B 277 13.57 21.19 8.39
CA VAL B 277 14.72 21.83 7.77
C VAL B 277 15.97 21.53 8.58
N PHE B 278 17.00 20.99 7.91
CA PHE B 278 18.33 20.75 8.47
C PHE B 278 19.33 21.63 7.73
N SER B 279 19.59 22.82 8.27
CA SER B 279 20.44 23.78 7.62
C SER B 279 20.94 24.78 8.65
N SER B 280 21.91 25.58 8.25
CA SER B 280 22.32 26.75 9.01
C SER B 280 21.64 28.00 8.44
N GLY B 281 21.81 29.11 9.15
CA GLY B 281 21.26 30.40 8.76
C GLY B 281 21.70 30.97 7.41
N PRO B 282 23.01 31.08 7.18
CA PRO B 282 23.48 31.54 5.85
C PRO B 282 23.08 30.64 4.70
N ASP B 283 22.95 29.34 4.92
CA ASP B 283 22.55 28.43 3.86
C ASP B 283 21.06 28.49 3.56
N LEU B 284 20.24 29.04 4.47
CA LEU B 284 18.80 29.04 4.31
C LEU B 284 18.23 30.42 3.99
N GLU B 285 19.02 31.48 4.19
CA GLU B 285 18.54 32.84 3.93
C GLU B 285 18.01 33.15 2.51
N PRO B 286 18.63 32.71 1.39
CA PRO B 286 18.02 33.04 0.08
C PRO B 286 16.68 32.40 -0.18
N LEU B 287 16.50 31.14 0.25
CA LEU B 287 15.21 30.46 0.10
C LEU B 287 14.13 31.16 0.88
N ILE B 288 14.44 31.59 2.11
CA ILE B 288 13.47 32.28 2.96
C ILE B 288 13.12 33.63 2.36
N LYS B 289 14.10 34.35 1.80
CA LYS B 289 13.82 35.62 1.15
C LYS B 289 12.90 35.46 -0.05
N GLU B 290 13.09 34.40 -0.83
CA GLU B 290 12.23 34.19 -1.98
C GLU B 290 10.82 33.74 -1.57
N ILE B 291 10.70 32.96 -0.50
CA ILE B 291 9.38 32.57 0.00
C ILE B 291 8.64 33.79 0.55
N VAL B 292 9.36 34.71 1.21
CA VAL B 292 8.75 35.94 1.72
C VAL B 292 8.29 36.83 0.57
N ARG B 293 9.04 36.85 -0.53
CA ARG B 293 8.65 37.66 -1.68
C ARG B 293 7.37 37.18 -2.36
N ARG B 294 7.00 35.92 -2.21
CA ARG B 294 5.80 35.35 -2.82
C ARG B 294 4.62 35.17 -1.86
N ASN B 295 4.77 35.54 -0.58
CA ASN B 295 3.72 35.49 0.44
C ASN B 295 3.15 34.09 0.64
N ILE B 296 4.04 33.09 0.71
CA ILE B 296 3.61 31.71 0.90
C ILE B 296 3.42 31.49 2.40
N THR B 297 2.17 31.47 2.85
CA THR B 297 1.85 31.36 4.25
C THR B 297 1.21 30.01 4.56
N GLY B 298 1.25 29.63 5.82
CA GLY B 298 0.56 28.44 6.28
C GLY B 298 1.41 27.21 6.49
N LYS B 299 2.73 27.31 6.37
CA LYS B 299 3.59 26.15 6.60
C LYS B 299 4.04 26.07 8.04
N ILE B 300 4.34 24.85 8.48
CA ILE B 300 4.79 24.58 9.84
C ILE B 300 6.26 24.18 9.74
N TRP B 301 7.14 25.09 10.12
CA TRP B 301 8.58 24.88 10.00
C TRP B 301 9.12 24.20 11.25
N LEU B 302 9.89 23.13 11.05
CA LEU B 302 10.55 22.42 12.14
C LEU B 302 12.06 22.65 12.02
N ALA B 303 12.62 23.32 13.02
CA ALA B 303 13.96 23.91 12.95
C ALA B 303 14.99 23.03 13.64
N SER B 304 16.10 22.80 12.97
CA SER B 304 17.27 22.24 13.63
C SER B 304 17.99 23.34 14.40
N GLU B 305 18.98 22.91 15.19
CA GLU B 305 19.56 23.78 16.23
C GLU B 305 20.37 24.93 15.65
N ALA B 306 20.90 24.77 14.44
CA ALA B 306 21.76 25.80 13.85
C ALA B 306 21.00 27.02 13.35
N TRP B 307 19.73 26.90 12.96
CA TRP B 307 18.96 28.07 12.55
C TRP B 307 17.76 28.37 13.45
N ALA B 308 17.56 27.63 14.54
CA ALA B 308 16.43 27.87 15.42
C ALA B 308 16.60 29.10 16.29
N SER B 309 17.78 29.71 16.33
CA SER B 309 18.01 30.92 17.11
C SER B 309 18.82 31.93 16.31
N SER B 310 18.61 32.00 15.01
CA SER B 310 19.46 32.76 14.10
C SER B 310 18.86 34.13 13.85
N SER B 311 19.67 35.18 14.02
CA SER B 311 19.20 36.54 13.79
C SER B 311 18.99 36.84 12.31
N LEU B 312 19.63 36.07 11.42
CA LEU B 312 19.43 36.24 9.99
C LEU B 312 18.05 35.85 9.52
N ILE B 313 17.33 35.03 10.28
CA ILE B 313 16.07 34.46 9.82
C ILE B 313 14.94 34.94 10.73
N ALA B 314 15.25 35.12 12.01
CA ALA B 314 14.24 35.57 12.98
C ALA B 314 14.17 37.09 12.97
N MET B 315 13.52 37.62 11.93
CA MET B 315 13.32 39.04 11.71
C MET B 315 11.82 39.36 11.72
N PRO B 316 11.42 40.58 12.11
CA PRO B 316 9.98 40.92 12.14
C PRO B 316 9.29 40.87 10.79
N GLN B 317 9.96 41.36 9.75
CA GLN B 317 9.41 41.42 8.40
C GLN B 317 9.18 40.05 7.77
N TYR B 318 9.71 38.99 8.37
CA TYR B 318 9.48 37.65 7.87
C TYR B 318 8.47 36.89 8.71
N PHE B 319 7.85 37.52 9.72
CA PHE B 319 7.01 36.80 10.67
C PHE B 319 5.72 36.29 10.06
N HIS B 320 5.29 36.82 8.92
CA HIS B 320 4.14 36.29 8.21
C HIS B 320 4.45 34.99 7.47
N VAL B 321 5.70 34.53 7.47
CA VAL B 321 6.09 33.28 6.82
C VAL B 321 6.61 32.27 7.83
N VAL B 322 7.60 32.68 8.64
CA VAL B 322 8.28 31.76 9.54
C VAL B 322 7.81 31.92 10.99
N GLY B 323 6.69 32.60 11.21
CA GLY B 323 6.14 32.70 12.55
C GLY B 323 5.60 31.37 13.04
N GLY B 324 5.73 31.13 14.34
CA GLY B 324 5.29 29.89 14.92
C GLY B 324 6.19 28.70 14.65
N THR B 325 7.50 28.92 14.54
CA THR B 325 8.45 27.85 14.28
C THR B 325 8.76 27.11 15.58
N ILE B 326 8.74 25.78 15.51
CA ILE B 326 9.11 24.92 16.63
C ILE B 326 10.52 24.41 16.37
N GLY B 327 11.45 24.67 17.28
CA GLY B 327 12.84 24.36 17.06
C GLY B 327 13.54 23.84 18.30
N PHE B 328 14.83 23.56 18.15
CA PHE B 328 15.67 22.95 19.18
C PHE B 328 16.74 23.92 19.64
N ALA B 329 17.11 23.80 20.91
CA ALA B 329 18.18 24.60 21.50
C ALA B 329 18.95 23.74 22.50
N LEU B 330 20.21 24.10 22.73
CA LEU B 330 21.02 23.41 23.72
C LEU B 330 20.69 23.90 25.12
N LYS B 331 21.33 23.30 26.12
CA LYS B 331 21.14 23.72 27.50
C LYS B 331 22.04 24.89 27.84
N ALA B 332 21.51 25.84 28.59
CA ALA B 332 22.24 27.06 28.92
C ALA B 332 23.17 26.84 30.12
N GLY B 333 24.33 27.49 30.08
CA GLY B 333 25.26 27.49 31.18
C GLY B 333 25.42 28.87 31.78
N GLN B 334 26.23 28.93 32.84
CA GLN B 334 26.48 30.17 33.57
C GLN B 334 27.97 30.45 33.64
N ILE B 335 28.38 31.64 33.22
CA ILE B 335 29.75 32.12 33.36
C ILE B 335 29.72 33.43 34.12
N PRO B 336 30.07 33.42 35.41
CA PRO B 336 29.64 34.48 36.33
C PRO B 336 30.44 35.79 36.30
N GLY B 337 31.25 36.09 35.29
CA GLY B 337 31.82 37.41 35.22
C GLY B 337 31.93 37.92 33.80
N PHE B 338 31.25 37.22 32.88
CA PHE B 338 31.53 37.34 31.46
C PHE B 338 30.94 38.59 30.82
N ARG B 339 29.79 39.08 31.31
CA ARG B 339 29.17 40.27 30.72
C ARG B 339 29.99 41.53 30.99
N GLU B 340 30.59 41.64 32.18
CA GLU B 340 31.47 42.76 32.50
C GLU B 340 32.71 42.77 31.60
N PHE B 341 33.26 41.58 31.35
CA PHE B 341 34.39 41.44 30.43
C PHE B 341 34.00 41.85 29.02
N LEU B 342 32.80 41.48 28.59
CA LEU B 342 32.31 41.90 27.28
C LEU B 342 32.15 43.40 27.18
N LYS B 343 31.80 44.06 28.28
CA LYS B 343 31.66 45.50 28.24
C LYS B 343 32.98 46.25 28.44
N LYS B 344 34.06 45.58 28.83
CA LYS B 344 35.34 46.30 28.92
C LYS B 344 36.07 46.47 27.58
N VAL B 345 35.49 46.04 26.45
CA VAL B 345 36.20 46.07 25.17
C VAL B 345 36.38 47.49 24.68
N HIS B 346 37.50 47.73 23.98
CA HIS B 346 37.90 49.05 23.50
C HIS B 346 38.89 48.86 22.36
N PRO B 347 38.87 49.72 21.34
CA PRO B 347 39.80 49.54 20.21
C PRO B 347 41.26 49.87 20.53
N ARG B 348 41.52 50.78 21.44
CA ARG B 348 42.88 51.19 21.76
C ARG B 348 43.39 50.61 23.08
N LYS B 349 42.56 49.88 23.83
CA LYS B 349 43.01 49.25 25.06
C LYS B 349 43.18 47.75 24.92
N SER B 350 42.53 47.11 23.94
CA SER B 350 42.74 45.70 23.66
C SER B 350 43.89 45.60 22.65
N VAL B 351 45.11 45.49 23.17
CA VAL B 351 46.31 45.44 22.35
C VAL B 351 46.67 44.03 21.92
N HIS B 352 45.97 43.02 22.43
CA HIS B 352 46.15 41.65 22.01
C HIS B 352 45.02 41.14 21.12
N ASN B 353 44.00 41.95 20.89
CA ASN B 353 42.86 41.59 20.06
C ASN B 353 42.87 42.47 18.83
N GLY B 354 43.23 41.89 17.69
CA GLY B 354 43.20 42.63 16.44
C GLY B 354 41.82 42.78 15.85
N PHE B 355 40.86 42.00 16.33
CA PHE B 355 39.50 42.02 15.83
C PHE B 355 38.64 43.11 16.47
N ALA B 356 39.18 43.85 17.43
CA ALA B 356 38.39 44.86 18.14
C ALA B 356 38.14 46.11 17.32
N LYS B 357 39.05 46.44 16.39
CA LYS B 357 38.93 47.66 15.61
C LYS B 357 37.78 47.58 14.60
N GLU B 358 37.63 46.44 13.92
CA GLU B 358 36.53 46.28 12.98
C GLU B 358 35.21 46.09 13.69
N PHE B 359 35.23 45.46 14.87
CA PHE B 359 34.05 45.41 15.74
C PHE B 359 33.57 46.81 16.09
N TRP B 360 34.51 47.69 16.46
CA TRP B 360 34.15 49.04 16.87
C TRP B 360 33.64 49.85 15.70
N GLU B 361 34.24 49.70 14.53
CA GLU B 361 33.74 50.39 13.34
C GLU B 361 32.36 49.89 12.93
N GLU B 362 32.14 48.57 12.97
CA GLU B 362 30.84 48.03 12.58
C GLU B 362 29.75 48.27 13.63
N THR B 363 30.13 48.57 14.87
CA THR B 363 29.12 48.80 15.90
C THR B 363 28.60 50.24 15.86
N PHE B 364 29.49 51.21 15.75
CA PHE B 364 29.12 52.60 15.88
C PHE B 364 29.06 53.34 14.55
N ASN B 365 29.36 52.64 13.45
CA ASN B 365 29.23 53.13 12.07
C ASN B 365 30.06 54.40 11.85
N CYS B 366 31.37 54.20 11.94
CA CYS B 366 32.31 55.31 11.79
C CYS B 366 33.62 54.75 11.25
N HIS B 367 34.61 55.63 11.13
CA HIS B 367 35.94 55.25 10.68
C HIS B 367 36.95 55.56 11.78
N LEU B 368 37.85 54.61 12.04
CA LEU B 368 38.83 54.74 13.10
C LEU B 368 40.12 55.32 12.55
N GLN B 369 40.56 56.44 13.12
CA GLN B 369 41.79 57.10 12.69
C GLN B 369 42.99 56.25 13.05
N GLU B 370 43.81 55.92 12.06
CA GLU B 370 44.86 54.93 12.21
C GLU B 370 46.09 55.55 12.88
N GLY B 371 47.18 54.80 12.91
CA GLY B 371 48.41 55.26 13.53
C GLY B 371 49.65 54.69 12.87
N PHE B 399 29.11 58.65 3.64
CA PHE B 399 30.14 59.15 4.54
C PHE B 399 30.16 58.42 5.87
N ARG B 400 31.36 58.17 6.39
CA ARG B 400 31.54 57.62 7.72
C ARG B 400 32.31 58.64 8.57
N PRO B 401 31.77 59.07 9.71
CA PRO B 401 32.48 60.04 10.55
C PRO B 401 33.71 59.43 11.21
N LEU B 402 34.51 60.30 11.81
CA LEU B 402 35.64 59.85 12.61
C LEU B 402 35.17 59.38 13.98
N CYS B 403 35.53 58.16 14.36
CA CYS B 403 35.19 57.68 15.70
C CYS B 403 36.05 58.38 16.73
N THR B 404 35.46 58.64 17.89
CA THR B 404 36.19 58.94 19.09
C THR B 404 36.31 57.68 19.94
N GLY B 405 37.18 57.73 20.94
CA GLY B 405 37.26 56.57 21.82
C GLY B 405 36.14 56.47 22.83
N ASP B 406 35.32 57.50 22.94
CA ASP B 406 34.31 57.60 24.00
C ASP B 406 32.93 57.30 23.40
N GLU B 407 32.60 56.02 23.33
CA GLU B 407 31.27 55.59 22.96
C GLU B 407 30.86 54.45 23.89
N ASN B 408 29.56 54.29 24.04
CA ASN B 408 28.98 53.38 25.02
C ASN B 408 28.38 52.19 24.30
N ILE B 409 28.77 50.98 24.70
CA ILE B 409 28.36 49.75 24.01
C ILE B 409 26.87 49.50 24.19
N SER B 410 26.27 50.00 25.27
CA SER B 410 24.86 49.79 25.54
C SER B 410 23.93 50.59 24.63
N SER B 411 24.45 51.54 23.86
CA SER B 411 23.59 52.40 23.04
C SER B 411 23.13 51.75 21.75
N VAL B 412 23.72 50.62 21.34
CA VAL B 412 23.43 49.99 20.05
C VAL B 412 23.03 48.54 20.31
N GLU B 413 21.97 48.09 19.65
CA GLU B 413 21.43 46.74 19.79
C GLU B 413 22.01 45.84 18.70
N THR B 414 23.12 45.20 19.01
CA THR B 414 23.70 44.12 18.23
C THR B 414 23.66 42.86 19.08
N PRO B 415 23.76 41.65 18.47
CA PRO B 415 23.80 40.41 19.27
C PRO B 415 24.99 40.21 20.21
N TYR B 416 25.87 41.21 20.35
CA TYR B 416 27.04 41.08 21.22
C TYR B 416 26.64 41.02 22.69
N ILE B 417 25.92 42.02 23.19
CA ILE B 417 25.46 41.96 24.57
C ILE B 417 23.95 41.91 24.66
N ASP B 418 23.30 41.39 23.62
CA ASP B 418 21.85 41.30 23.57
C ASP B 418 21.50 39.83 23.42
N TYR B 419 21.43 39.15 24.56
CA TYR B 419 21.17 37.72 24.59
C TYR B 419 20.43 37.42 25.89
N THR B 420 19.83 36.23 25.94
CA THR B 420 19.22 35.72 27.15
C THR B 420 20.08 34.65 27.81
N HIS B 421 20.53 33.67 27.04
CA HIS B 421 21.25 32.52 27.57
C HIS B 421 22.54 32.28 26.80
N LEU B 422 23.57 31.84 27.52
CA LEU B 422 24.84 31.46 26.92
C LEU B 422 24.83 29.96 26.66
N ARG B 423 24.87 29.56 25.39
CA ARG B 423 24.81 28.17 25.01
C ARG B 423 26.04 27.68 24.25
N ILE B 424 26.43 28.36 23.17
CA ILE B 424 27.67 28.00 22.48
C ILE B 424 28.88 28.60 23.19
N SER B 425 28.70 29.76 23.82
CA SER B 425 29.77 30.40 24.58
C SER B 425 30.19 29.53 25.75
N TYR B 426 29.23 28.86 26.38
CA TYR B 426 29.53 27.90 27.42
C TYR B 426 30.27 26.68 26.89
N ASN B 427 30.01 26.27 25.64
CA ASN B 427 30.77 25.20 25.02
C ASN B 427 32.22 25.60 24.78
N VAL B 428 32.46 26.85 24.39
CA VAL B 428 33.83 27.36 24.24
C VAL B 428 34.56 27.35 25.58
N TYR B 429 33.86 27.78 26.62
CA TYR B 429 34.40 27.80 27.98
C TYR B 429 34.76 26.39 28.45
N LEU B 430 33.90 25.41 28.18
CA LEU B 430 34.18 24.02 28.54
C LEU B 430 35.35 23.43 27.75
N ALA B 431 35.50 23.79 26.47
CA ALA B 431 36.63 23.29 25.69
C ALA B 431 37.96 23.77 26.26
N VAL B 432 38.04 25.05 26.62
CA VAL B 432 39.27 25.58 27.21
C VAL B 432 39.55 24.94 28.56
N TYR B 433 38.51 24.74 29.38
CA TYR B 433 38.74 24.13 30.68
C TYR B 433 39.08 22.66 30.60
N SER B 434 38.60 21.95 29.56
CA SER B 434 39.00 20.56 29.35
C SER B 434 40.49 20.46 29.03
N ILE B 435 40.98 21.35 28.16
CA ILE B 435 42.41 21.35 27.81
C ILE B 435 43.26 21.67 29.04
N ALA B 436 42.83 22.64 29.85
CA ALA B 436 43.61 23.00 31.04
C ALA B 436 43.57 21.92 32.11
N HIS B 437 42.46 21.20 32.26
CA HIS B 437 42.42 20.13 33.24
C HIS B 437 43.24 18.92 32.80
N ALA B 438 43.35 18.69 31.49
CA ALA B 438 44.31 17.69 31.01
C ALA B 438 45.74 18.09 31.33
N LEU B 439 46.10 19.37 31.13
CA LEU B 439 47.44 19.83 31.48
C LEU B 439 47.71 19.74 32.99
N GLN B 440 46.70 20.01 33.81
CA GLN B 440 46.84 19.87 35.26
C GLN B 440 46.98 18.41 35.67
N ASP B 441 46.31 17.50 34.97
CA ASP B 441 46.51 16.07 35.19
C ASP B 441 47.93 15.65 34.85
N ILE B 442 48.54 16.27 33.84
CA ILE B 442 49.96 16.03 33.57
C ILE B 442 50.82 16.54 34.73
N TYR B 443 50.52 17.75 35.22
CA TYR B 443 51.40 18.44 36.17
C TYR B 443 51.51 17.73 37.52
N THR B 444 50.48 16.99 37.92
CA THR B 444 50.43 16.37 39.25
C THR B 444 50.63 14.85 39.21
N CYS B 445 51.18 14.31 38.12
CA CYS B 445 51.41 12.87 38.02
C CYS B 445 52.52 12.45 38.98
N LEU B 446 52.30 11.31 39.66
CA LEU B 446 53.26 10.78 40.63
C LEU B 446 54.09 9.69 39.99
N PRO B 447 55.42 9.68 40.22
CA PRO B 447 56.32 8.80 39.45
C PRO B 447 56.15 7.32 39.73
N GLY B 448 55.64 6.58 38.77
CA GLY B 448 55.34 5.18 38.94
C GLY B 448 53.90 4.81 38.72
N ARG B 449 53.04 5.77 38.39
CA ARG B 449 51.62 5.54 38.21
C ARG B 449 51.09 6.34 37.03
N GLY B 450 51.95 6.60 36.04
CA GLY B 450 51.57 7.38 34.89
C GLY B 450 50.73 6.60 33.91
N LEU B 451 50.37 7.28 32.83
CA LEU B 451 49.58 6.69 31.76
C LEU B 451 50.45 6.14 30.63
N PHE B 452 51.76 6.35 30.71
CA PHE B 452 52.70 6.00 29.66
C PHE B 452 53.37 4.67 29.99
N THR B 453 54.43 4.34 29.27
CA THR B 453 55.05 3.02 29.39
C THR B 453 55.77 2.86 30.72
N ASN B 454 55.61 1.67 31.32
CA ASN B 454 56.10 1.26 32.63
C ASN B 454 55.53 2.10 33.76
N GLY B 455 54.37 2.72 33.54
CA GLY B 455 53.85 3.72 34.45
C GLY B 455 54.78 4.90 34.61
N SER B 456 55.01 5.65 33.54
CA SER B 456 55.89 6.80 33.58
C SER B 456 55.07 8.05 33.30
N CYS B 457 55.57 9.18 33.77
CA CYS B 457 54.86 10.45 33.68
C CYS B 457 55.57 11.37 32.71
N ALA B 458 54.79 12.15 31.96
CA ALA B 458 55.34 13.13 31.04
C ALA B 458 55.95 14.30 31.80
N ASP B 459 56.69 15.13 31.08
CA ASP B 459 57.35 16.30 31.64
C ASP B 459 56.60 17.56 31.23
N ILE B 460 56.23 18.38 32.22
CA ILE B 460 55.42 19.56 31.92
C ILE B 460 56.26 20.68 31.31
N LYS B 461 57.58 20.68 31.50
CA LYS B 461 58.42 21.69 30.89
C LYS B 461 58.72 21.40 29.42
N LYS B 462 58.52 20.16 28.98
CA LYS B 462 58.80 19.74 27.61
C LYS B 462 57.65 18.91 27.07
N VAL B 463 56.43 19.40 27.22
CA VAL B 463 55.24 18.62 26.90
C VAL B 463 55.05 18.55 25.39
N GLU B 464 54.41 17.47 24.93
CA GLU B 464 54.15 17.24 23.52
C GLU B 464 52.67 16.96 23.34
N ALA B 465 52.17 17.24 22.13
CA ALA B 465 50.73 17.28 21.90
C ALA B 465 50.07 15.91 21.97
N TRP B 466 50.81 14.85 21.64
CA TRP B 466 50.25 13.51 21.72
C TRP B 466 50.03 13.09 23.16
N GLN B 467 50.88 13.55 24.09
CA GLN B 467 50.67 13.31 25.50
C GLN B 467 49.45 14.07 26.03
N VAL B 468 49.21 15.27 25.51
CA VAL B 468 48.01 16.02 25.85
C VAL B 468 46.76 15.31 25.36
N LEU B 469 46.81 14.74 24.15
CA LEU B 469 45.68 13.97 23.63
C LEU B 469 45.43 12.71 24.43
N LYS B 470 46.51 12.04 24.86
CA LYS B 470 46.39 10.86 25.72
C LYS B 470 45.73 11.19 27.04
N HIS B 471 46.12 12.31 27.66
CA HIS B 471 45.45 12.73 28.88
C HIS B 471 44.05 13.29 28.66
N LEU B 472 43.74 13.76 27.44
CA LEU B 472 42.38 14.20 27.14
C LEU B 472 41.44 13.02 26.97
N ARG B 473 41.95 11.88 26.52
CA ARG B 473 41.09 10.71 26.38
C ARG B 473 40.73 10.08 27.72
N HIS B 474 41.49 10.35 28.78
CA HIS B 474 41.24 9.80 30.10
C HIS B 474 40.69 10.83 31.09
N LEU B 475 40.17 11.95 30.60
CA LEU B 475 39.78 13.05 31.45
C LEU B 475 38.43 12.81 32.11
N ASN B 476 38.30 13.29 33.33
CA ASN B 476 37.04 13.25 34.10
C ASN B 476 37.13 14.36 35.13
N PHE B 477 36.41 15.45 34.93
CA PHE B 477 36.43 16.50 35.94
C PHE B 477 35.03 17.04 36.22
N THR B 478 34.95 17.92 37.20
CA THR B 478 33.71 18.59 37.58
C THR B 478 33.78 20.07 37.23
N ASN B 479 32.67 20.60 36.75
CA ASN B 479 32.61 21.96 36.24
C ASN B 479 31.96 22.90 37.26
N ASN B 480 31.81 24.17 36.87
CA ASN B 480 31.28 25.18 37.79
C ASN B 480 29.78 25.01 38.05
N MET B 481 29.06 24.34 37.16
CA MET B 481 27.65 24.03 37.40
C MET B 481 27.44 22.74 38.16
N GLY B 482 28.51 22.06 38.57
CA GLY B 482 28.38 20.85 39.36
C GLY B 482 28.03 19.60 38.60
N GLU B 483 28.42 19.49 37.33
CA GLU B 483 28.25 18.28 36.55
C GLU B 483 29.62 17.68 36.24
N GLN B 484 29.60 16.46 35.68
CA GLN B 484 30.79 15.69 35.38
C GLN B 484 31.03 15.69 33.88
N VAL B 485 32.26 15.99 33.47
CA VAL B 485 32.65 16.10 32.08
C VAL B 485 33.67 15.03 31.78
N THR B 486 33.29 14.09 30.90
CA THR B 486 34.12 13.03 30.32
C THR B 486 33.80 12.91 28.85
N PHE B 487 34.77 12.44 28.08
CA PHE B 487 34.56 12.10 26.68
C PHE B 487 34.55 10.59 26.53
N ASP B 488 33.74 10.09 25.60
CA ASP B 488 33.63 8.65 25.40
C ASP B 488 34.68 8.16 24.40
N GLU B 489 34.53 6.91 23.95
CA GLU B 489 35.51 6.31 23.06
C GLU B 489 35.48 6.92 21.67
N CYS B 490 34.34 7.46 21.25
CA CYS B 490 34.24 8.21 20.00
C CYS B 490 34.49 9.70 20.20
N GLY B 491 34.78 10.13 21.42
CA GLY B 491 35.10 11.51 21.68
C GLY B 491 33.94 12.45 21.89
N ASP B 492 32.75 11.94 22.17
CA ASP B 492 31.53 12.73 22.20
C ASP B 492 31.15 13.10 23.64
N LEU B 493 30.01 13.79 23.76
CA LEU B 493 29.52 14.32 25.02
C LEU B 493 28.03 14.55 24.89
N VAL B 494 27.22 13.77 25.59
CA VAL B 494 25.76 13.87 25.44
C VAL B 494 25.22 15.04 26.25
N GLY B 495 24.01 15.46 25.91
CA GLY B 495 23.36 16.55 26.61
C GLY B 495 21.89 16.63 26.26
N ASN B 496 21.14 17.30 27.12
CA ASN B 496 19.71 17.50 26.96
C ASN B 496 19.41 18.52 25.87
N TYR B 497 18.15 18.55 25.42
CA TYR B 497 17.70 19.57 24.48
C TYR B 497 16.48 20.31 25.05
N SER B 498 16.37 21.57 24.68
CA SER B 498 15.21 22.40 25.00
C SER B 498 14.44 22.71 23.71
N ILE B 499 13.13 22.83 23.80
CA ILE B 499 12.28 23.01 22.62
C ILE B 499 11.63 24.38 22.68
N ILE B 500 11.85 25.20 21.65
CA ILE B 500 11.41 26.58 21.65
C ILE B 500 10.36 26.81 20.57
N ASN B 501 9.58 27.88 20.76
CA ASN B 501 8.53 28.31 19.84
C ASN B 501 8.67 29.80 19.58
N TRP B 502 8.53 30.20 18.31
CA TRP B 502 8.72 31.59 17.89
C TRP B 502 7.44 32.37 18.09
N HIS B 503 7.46 33.33 19.00
CA HIS B 503 6.34 34.24 19.26
C HIS B 503 6.71 35.63 18.77
N LEU B 504 5.78 36.57 18.96
CA LEU B 504 5.97 37.95 18.55
C LEU B 504 5.77 38.87 19.75
N SER B 505 6.75 39.71 20.02
CA SER B 505 6.71 40.58 21.19
C SER B 505 5.70 41.71 20.99
N PRO B 506 4.84 41.98 21.98
CA PRO B 506 3.91 43.11 21.87
C PRO B 506 4.51 44.46 22.23
N GLU B 507 5.79 44.50 22.60
CA GLU B 507 6.43 45.74 23.04
C GLU B 507 7.11 46.46 21.88
N ASP B 508 8.05 45.78 21.23
CA ASP B 508 8.81 46.37 20.13
C ASP B 508 8.67 45.61 18.82
N GLY B 509 7.95 44.49 18.80
CA GLY B 509 7.80 43.74 17.58
C GLY B 509 8.93 42.80 17.25
N SER B 510 9.81 42.53 18.20
CA SER B 510 10.88 41.56 17.98
C SER B 510 10.34 40.15 18.18
N ILE B 511 11.16 39.17 17.83
CA ILE B 511 10.78 37.76 17.92
C ILE B 511 11.27 37.20 19.25
N VAL B 512 10.35 36.64 20.01
CA VAL B 512 10.61 36.07 21.33
C VAL B 512 10.62 34.55 21.19
N PHE B 513 11.63 33.90 21.77
CA PHE B 513 11.69 32.44 21.83
C PHE B 513 11.12 31.99 23.18
N LYS B 514 10.03 31.24 23.15
CA LYS B 514 9.38 30.72 24.34
C LYS B 514 9.64 29.23 24.47
N GLU B 515 9.99 28.80 25.69
CA GLU B 515 10.28 27.41 25.97
C GLU B 515 8.99 26.62 26.17
N VAL B 516 8.84 25.52 25.42
CA VAL B 516 7.59 24.76 25.46
C VAL B 516 7.83 23.28 25.74
N GLY B 517 9.04 22.89 26.10
CA GLY B 517 9.28 21.52 26.47
C GLY B 517 10.75 21.15 26.38
N TYR B 518 11.00 19.85 26.48
CA TYR B 518 12.38 19.37 26.51
C TYR B 518 12.48 17.99 25.87
N TYR B 519 13.72 17.60 25.60
CA TYR B 519 14.08 16.25 25.16
C TYR B 519 15.20 15.75 26.07
N ASN B 520 14.91 14.67 26.79
CA ASN B 520 15.78 14.13 27.84
C ASN B 520 16.48 12.89 27.28
N VAL B 521 17.78 13.02 27.02
CA VAL B 521 18.52 11.93 26.39
C VAL B 521 18.97 10.85 27.36
N TYR B 522 18.80 11.08 28.66
CA TYR B 522 19.14 10.07 29.66
C TYR B 522 17.97 9.15 29.96
N ALA B 523 16.78 9.43 29.43
CA ALA B 523 15.63 8.60 29.67
C ALA B 523 15.66 7.37 28.76
N LYS B 524 14.77 6.43 29.05
CA LYS B 524 14.62 5.24 28.24
C LYS B 524 13.85 5.59 26.97
N LYS B 525 14.20 4.90 25.87
CA LYS B 525 13.68 5.21 24.55
C LYS B 525 12.17 5.06 24.49
N GLY B 526 11.50 6.05 23.89
CA GLY B 526 10.06 6.14 23.90
C GLY B 526 9.49 7.07 24.95
N GLU B 527 10.33 7.54 25.88
CA GLU B 527 9.91 8.39 26.98
C GLU B 527 10.79 9.62 27.12
N ARG B 528 11.33 10.12 26.02
CA ARG B 528 12.31 11.19 26.06
C ARG B 528 11.74 12.57 25.84
N LEU B 529 10.54 12.68 25.28
CA LEU B 529 10.00 13.96 24.81
C LEU B 529 8.94 14.47 25.79
N PHE B 530 9.03 15.76 26.13
CA PHE B 530 7.96 16.42 26.87
C PHE B 530 7.57 17.69 26.14
N ILE B 531 6.27 17.84 25.85
CA ILE B 531 5.72 19.00 25.17
C ILE B 531 4.55 19.53 26.00
N ASN B 532 4.56 20.82 26.29
CA ASN B 532 3.43 21.51 26.90
C ASN B 532 2.70 22.24 25.78
N GLU B 533 1.57 21.69 25.35
CA GLU B 533 0.90 22.16 24.14
C GLU B 533 0.19 23.50 24.34
N GLU B 534 -0.14 23.86 25.58
CA GLU B 534 -0.88 25.10 25.83
C GLU B 534 -0.06 26.36 25.59
N LYS B 535 1.25 26.24 25.47
CA LYS B 535 2.12 27.38 25.26
C LYS B 535 2.50 27.58 23.79
N ILE B 536 1.99 26.76 22.90
CA ILE B 536 2.34 26.81 21.48
C ILE B 536 1.32 27.70 20.77
N LEU B 537 1.81 28.65 19.97
CA LEU B 537 0.98 29.41 19.05
C LEU B 537 1.34 29.00 17.63
N TRP B 538 0.43 28.31 16.96
CA TRP B 538 0.68 27.85 15.60
C TRP B 538 0.56 29.00 14.64
N SER B 539 1.58 29.19 13.80
CA SER B 539 1.78 30.31 12.89
C SER B 539 1.82 31.67 13.62
N GLY B 540 2.08 31.67 14.92
CA GLY B 540 2.16 32.88 15.69
C GLY B 540 0.87 33.36 16.32
N PHE B 541 -0.29 32.83 15.91
CA PHE B 541 -1.56 33.36 16.41
C PHE B 541 -2.60 32.30 16.73
N SER B 542 -2.47 31.07 16.28
CA SER B 542 -3.56 30.11 16.31
C SER B 542 -3.38 29.11 17.44
N ARG B 543 -4.48 28.77 18.11
CA ARG B 543 -4.49 27.81 19.20
C ARG B 543 -4.95 26.43 18.77
N GLU B 544 -5.04 26.17 17.47
CA GLU B 544 -5.55 24.92 16.94
C GLU B 544 -4.44 24.18 16.20
N VAL B 545 -4.29 22.90 16.50
CA VAL B 545 -3.29 22.05 15.85
C VAL B 545 -3.65 21.87 14.38
N PRO B 546 -2.74 22.12 13.45
CA PRO B 546 -3.07 22.00 12.03
C PRO B 546 -3.17 20.55 11.57
N PHE B 547 -3.76 20.38 10.39
CA PHE B 547 -3.95 19.08 9.76
C PHE B 547 -2.86 18.89 8.72
N SER B 548 -2.10 17.81 8.84
CA SER B 548 -1.06 17.49 7.87
C SER B 548 -1.05 16.00 7.53
N ASN B 549 -2.22 15.45 7.21
CA ASN B 549 -2.30 14.11 6.64
C ASN B 549 -2.56 14.22 5.14
N CYS B 550 -2.24 13.14 4.42
CA CYS B 550 -2.46 13.13 2.97
C CYS B 550 -3.95 13.00 2.63
N SER B 551 -4.66 12.10 3.31
CA SER B 551 -6.05 11.84 3.04
C SER B 551 -6.86 11.94 4.32
N ARG B 552 -8.16 12.16 4.14
CA ARG B 552 -9.09 12.15 5.26
C ARG B 552 -9.33 10.74 5.74
N ASP B 553 -9.87 10.63 6.96
CA ASP B 553 -10.02 9.33 7.59
C ASP B 553 -11.26 8.61 7.07
N CYS B 554 -11.15 7.28 6.95
CA CYS B 554 -12.30 6.45 6.63
C CYS B 554 -12.99 6.04 7.93
N LEU B 555 -14.29 6.26 8.01
CA LEU B 555 -15.07 5.99 9.21
C LEU B 555 -15.46 4.52 9.27
N ALA B 556 -16.30 4.17 10.25
CA ALA B 556 -16.73 2.79 10.40
C ALA B 556 -17.73 2.42 9.31
N GLY B 557 -17.60 1.19 8.81
CA GLY B 557 -18.32 0.78 7.63
C GLY B 557 -17.62 1.11 6.32
N THR B 558 -16.37 1.55 6.37
CA THR B 558 -15.60 1.82 5.18
C THR B 558 -14.23 1.16 5.28
N ARG B 559 -13.59 1.02 4.14
CA ARG B 559 -12.35 0.30 3.97
C ARG B 559 -11.42 1.16 3.13
N LYS B 560 -10.12 1.08 3.40
CA LYS B 560 -9.15 1.86 2.67
C LYS B 560 -8.85 1.22 1.32
N GLY B 561 -8.92 2.01 0.26
CA GLY B 561 -8.63 1.54 -1.09
C GLY B 561 -7.41 2.23 -1.65
N ILE B 562 -6.69 1.51 -2.50
CA ILE B 562 -5.39 1.94 -3.00
C ILE B 562 -5.56 2.94 -4.13
N ILE B 563 -4.67 3.92 -4.17
CA ILE B 563 -4.55 4.85 -5.30
C ILE B 563 -3.21 4.55 -5.96
N GLU B 564 -3.24 4.29 -7.28
CA GLU B 564 -2.07 3.76 -7.98
C GLU B 564 -1.00 4.84 -8.16
N GLY B 565 0.24 4.45 -7.92
CA GLY B 565 1.37 5.34 -8.06
C GLY B 565 1.59 6.30 -6.92
N GLU B 566 0.88 6.13 -5.81
CA GLU B 566 0.93 7.01 -4.65
C GLU B 566 1.33 6.19 -3.42
N PRO B 567 1.92 6.83 -2.40
CA PRO B 567 2.34 6.08 -1.21
C PRO B 567 1.15 5.63 -0.37
N THR B 568 1.46 4.81 0.63
CA THR B 568 0.44 4.14 1.43
C THR B 568 -0.32 5.09 2.34
N CYS B 569 0.20 6.29 2.60
CA CYS B 569 -0.51 7.27 3.39
C CYS B 569 -1.68 7.91 2.65
N CYS B 570 -1.81 7.67 1.34
CA CYS B 570 -2.88 8.24 0.53
C CYS B 570 -3.80 7.13 0.05
N PHE B 571 -5.10 7.28 0.32
CA PHE B 571 -6.06 6.21 0.12
C PHE B 571 -7.44 6.81 -0.13
N GLU B 572 -8.36 5.96 -0.60
CA GLU B 572 -9.77 6.31 -0.74
C GLU B 572 -10.60 5.43 0.21
N CYS B 573 -11.90 5.69 0.25
CA CYS B 573 -12.81 4.97 1.15
C CYS B 573 -13.88 4.25 0.33
N VAL B 574 -14.01 2.94 0.55
CA VAL B 574 -14.99 2.09 -0.13
C VAL B 574 -15.86 1.43 0.93
N GLU B 575 -17.17 1.43 0.71
CA GLU B 575 -18.09 0.82 1.68
C GLU B 575 -17.90 -0.69 1.77
N CYS B 576 -18.21 -1.25 2.94
CA CYS B 576 -18.05 -2.67 3.21
C CYS B 576 -19.17 -3.47 2.56
N PRO B 577 -18.95 -4.80 2.31
CA PRO B 577 -20.04 -5.62 1.78
C PRO B 577 -21.15 -5.92 2.78
N ASP B 578 -22.10 -6.77 2.38
CA ASP B 578 -23.31 -6.99 3.16
C ASP B 578 -23.04 -7.85 4.39
N GLY B 579 -22.37 -8.98 4.22
CA GLY B 579 -22.16 -9.88 5.33
C GLY B 579 -20.98 -9.59 6.22
N GLU B 580 -20.25 -8.50 5.96
CA GLU B 580 -19.02 -8.19 6.68
C GLU B 580 -19.14 -6.83 7.35
N TYR B 581 -18.35 -6.63 8.42
CA TYR B 581 -18.47 -5.45 9.25
C TYR B 581 -17.08 -4.94 9.62
N SER B 582 -17.01 -3.65 9.94
CA SER B 582 -15.78 -3.04 10.45
C SER B 582 -16.18 -1.95 11.42
N ASP B 583 -15.67 -2.03 12.64
CA ASP B 583 -16.04 -1.09 13.70
C ASP B 583 -15.03 0.01 13.93
N GLU B 584 -13.75 -0.26 13.69
CA GLU B 584 -12.72 0.75 13.84
C GLU B 584 -12.73 1.72 12.65
N THR B 585 -12.15 2.89 12.87
CA THR B 585 -11.87 3.79 11.76
C THR B 585 -10.49 3.51 11.21
N ASP B 586 -10.28 3.93 9.95
CA ASP B 586 -9.10 3.63 9.14
C ASP B 586 -8.83 2.13 9.06
N ALA B 587 -9.90 1.37 8.84
CA ALA B 587 -9.80 -0.09 8.72
C ALA B 587 -9.30 -0.45 7.33
N SER B 588 -8.27 -1.28 7.26
CA SER B 588 -7.73 -1.68 5.98
C SER B 588 -8.55 -2.77 5.29
N ALA B 589 -9.43 -3.45 6.03
CA ALA B 589 -10.30 -4.46 5.46
C ALA B 589 -11.53 -4.62 6.33
N CYS B 590 -12.59 -5.16 5.76
CA CYS B 590 -13.78 -5.50 6.54
C CYS B 590 -13.64 -6.88 7.16
N ASN B 591 -14.06 -7.00 8.41
CA ASN B 591 -14.01 -8.27 9.12
C ASN B 591 -15.29 -9.06 8.90
N LYS B 592 -15.17 -10.38 8.96
CA LYS B 592 -16.30 -11.27 8.68
C LYS B 592 -17.14 -11.46 9.93
N CYS B 593 -18.46 -11.39 9.76
CA CYS B 593 -19.39 -11.69 10.84
C CYS B 593 -19.34 -13.18 11.16
N PRO B 594 -19.70 -13.58 12.39
CA PRO B 594 -19.73 -15.01 12.72
C PRO B 594 -20.89 -15.76 12.07
N ASP B 595 -21.02 -17.04 12.43
CA ASP B 595 -21.90 -17.96 11.70
C ASP B 595 -23.38 -17.63 11.91
N ASP B 596 -23.79 -17.39 13.16
CA ASP B 596 -25.19 -17.11 13.47
C ASP B 596 -25.47 -15.62 13.57
N PHE B 597 -24.70 -14.79 12.89
CA PHE B 597 -24.88 -13.34 12.95
C PHE B 597 -24.84 -12.74 11.55
N TRP B 598 -25.48 -11.58 11.42
CA TRP B 598 -25.47 -10.80 10.19
C TRP B 598 -25.22 -9.34 10.54
N SER B 599 -24.67 -8.59 9.60
CA SER B 599 -24.33 -7.20 9.85
C SER B 599 -25.57 -6.32 9.82
N ASN B 600 -25.46 -5.15 10.45
CA ASN B 600 -26.56 -4.20 10.48
C ASN B 600 -26.53 -3.34 9.22
N GLU B 601 -27.29 -2.25 9.23
CA GLU B 601 -27.52 -1.46 8.01
C GLU B 601 -26.33 -0.61 7.61
N ASN B 602 -25.43 -0.26 8.53
CA ASN B 602 -24.21 0.45 8.15
C ASN B 602 -22.94 -0.34 8.46
N HIS B 603 -23.07 -1.65 8.72
CA HIS B 603 -21.96 -2.61 8.82
C HIS B 603 -20.97 -2.24 9.93
N THR B 604 -21.48 -1.77 11.06
CA THR B 604 -20.63 -1.42 12.18
C THR B 604 -20.44 -2.60 13.15
N SER B 605 -21.48 -3.39 13.37
CA SER B 605 -21.38 -4.55 14.25
C SER B 605 -22.35 -5.61 13.79
N CYS B 606 -22.10 -6.85 14.21
CA CYS B 606 -22.96 -7.96 13.86
C CYS B 606 -24.15 -8.03 14.81
N ILE B 607 -25.34 -8.23 14.26
CA ILE B 607 -26.53 -8.48 15.05
C ILE B 607 -26.95 -9.93 14.83
N ALA B 608 -27.82 -10.41 15.71
CA ALA B 608 -28.19 -11.83 15.71
C ALA B 608 -29.15 -12.14 14.57
N LYS B 609 -28.99 -13.33 14.00
CA LYS B 609 -29.89 -13.78 12.94
C LYS B 609 -31.25 -14.16 13.51
N GLU B 610 -32.30 -13.80 12.78
CA GLU B 610 -33.65 -14.18 13.16
C GLU B 610 -33.88 -15.65 12.89
N ILE B 611 -34.58 -16.33 13.80
CA ILE B 611 -34.99 -17.72 13.63
C ILE B 611 -36.45 -17.76 13.18
N GLU B 612 -36.80 -18.78 12.41
CA GLU B 612 -38.14 -18.86 11.84
C GLU B 612 -38.67 -20.27 11.90
N PHE B 613 -39.86 -20.40 12.49
CA PHE B 613 -40.64 -21.62 12.52
C PHE B 613 -42.08 -21.24 12.80
N LEU B 614 -43.00 -22.16 12.54
CA LEU B 614 -44.38 -21.96 12.93
C LEU B 614 -44.50 -22.16 14.44
N SER B 615 -45.05 -21.17 15.14
CA SER B 615 -44.99 -21.14 16.60
C SER B 615 -46.37 -20.95 17.18
N TRP B 616 -46.51 -21.37 18.45
CA TRP B 616 -47.64 -20.96 19.25
C TRP B 616 -47.56 -19.48 19.58
N THR B 617 -48.72 -18.90 19.93
CA THR B 617 -49.00 -17.49 20.22
C THR B 617 -48.88 -16.57 19.01
N GLU B 618 -48.47 -17.12 17.87
CA GLU B 618 -48.69 -16.47 16.59
C GLU B 618 -50.18 -16.54 16.27
N PRO B 619 -50.74 -15.53 15.61
CA PRO B 619 -52.18 -15.58 15.26
C PRO B 619 -52.56 -16.75 14.36
N PHE B 620 -51.67 -17.13 13.44
CA PHE B 620 -51.96 -18.25 12.54
C PHE B 620 -52.01 -19.56 13.32
N GLY B 621 -51.03 -19.77 14.21
CA GLY B 621 -51.02 -20.97 15.02
C GLY B 621 -52.17 -21.04 16.00
N ILE B 622 -52.60 -19.90 16.53
CA ILE B 622 -53.76 -19.87 17.41
C ILE B 622 -55.03 -20.22 16.64
N ALA B 623 -55.17 -19.72 15.41
CA ALA B 623 -56.32 -20.07 14.59
C ALA B 623 -56.36 -21.56 14.24
N LEU B 624 -55.20 -22.13 13.90
CA LEU B 624 -55.12 -23.56 13.62
C LEU B 624 -55.44 -24.40 14.87
N THR B 625 -54.97 -23.95 16.04
CA THR B 625 -55.27 -24.67 17.28
C THR B 625 -56.75 -24.60 17.63
N LEU B 626 -57.40 -23.45 17.40
CA LEU B 626 -58.83 -23.34 17.67
C LEU B 626 -59.64 -24.21 16.72
N PHE B 627 -59.22 -24.31 15.45
CA PHE B 627 -59.92 -25.20 14.53
C PHE B 627 -59.74 -26.67 14.91
N ALA B 628 -58.55 -27.05 15.37
CA ALA B 628 -58.33 -28.42 15.83
C ALA B 628 -59.15 -28.75 17.07
N VAL B 629 -59.23 -27.81 18.02
CA VAL B 629 -60.01 -28.02 19.24
C VAL B 629 -61.51 -28.11 18.91
N LEU B 630 -61.98 -27.29 17.96
CA LEU B 630 -63.37 -27.35 17.53
C LEU B 630 -63.69 -28.69 16.88
N GLY B 631 -62.77 -29.22 16.05
CA GLY B 631 -62.98 -30.52 15.44
C GLY B 631 -63.02 -31.65 16.46
N ILE B 632 -62.12 -31.61 17.45
CA ILE B 632 -62.11 -32.62 18.50
C ILE B 632 -63.40 -32.56 19.32
N PHE B 633 -63.89 -31.33 19.58
CA PHE B 633 -65.12 -31.15 20.35
C PHE B 633 -66.34 -31.71 19.63
N LEU B 634 -66.51 -31.40 18.34
CA LEU B 634 -67.70 -31.91 17.68
C LEU B 634 -67.59 -33.39 17.34
N THR B 635 -66.38 -33.94 17.20
CA THR B 635 -66.27 -35.38 17.03
C THR B 635 -66.61 -36.10 18.33
N ALA B 636 -66.21 -35.54 19.47
CA ALA B 636 -66.61 -36.09 20.76
C ALA B 636 -68.12 -35.97 20.98
N PHE B 637 -68.73 -34.90 20.46
CA PHE B 637 -70.18 -34.76 20.50
C PHE B 637 -70.88 -35.86 19.71
N VAL B 638 -70.37 -36.16 18.51
CA VAL B 638 -70.94 -37.22 17.68
C VAL B 638 -70.79 -38.58 18.35
N LEU B 639 -69.61 -38.83 18.95
CA LEU B 639 -69.39 -40.08 19.68
C LEU B 639 -70.30 -40.21 20.90
N GLY B 640 -70.52 -39.10 21.61
CA GLY B 640 -71.42 -39.14 22.76
C GLY B 640 -72.87 -39.39 22.38
N VAL B 641 -73.30 -38.81 21.26
CA VAL B 641 -74.67 -39.06 20.80
C VAL B 641 -74.82 -40.51 20.34
N PHE B 642 -73.79 -41.05 19.68
CA PHE B 642 -73.86 -42.45 19.25
C PHE B 642 -73.81 -43.43 20.41
N ILE B 643 -73.10 -43.11 21.50
CA ILE B 643 -73.12 -44.04 22.63
C ILE B 643 -74.38 -43.84 23.46
N LYS B 644 -75.03 -42.68 23.34
CA LYS B 644 -76.32 -42.46 24.01
C LYS B 644 -77.40 -43.39 23.45
N PHE B 645 -77.65 -43.33 22.15
CA PHE B 645 -78.68 -44.16 21.53
C PHE B 645 -78.14 -45.51 21.08
N ARG B 646 -77.50 -46.27 21.97
CA ARG B 646 -76.88 -47.52 21.56
C ARG B 646 -77.88 -48.66 21.42
N ASN B 647 -79.15 -48.45 21.74
CA ASN B 647 -80.17 -49.48 21.69
C ASN B 647 -81.38 -49.04 20.88
N THR B 648 -81.14 -48.35 19.76
CA THR B 648 -82.18 -48.00 18.82
C THR B 648 -81.84 -48.62 17.47
N PRO B 649 -82.86 -48.93 16.65
CA PRO B 649 -82.65 -49.63 15.38
C PRO B 649 -81.65 -49.03 14.41
N ILE B 650 -81.51 -47.70 14.35
CA ILE B 650 -80.65 -47.09 13.33
C ILE B 650 -79.17 -47.23 13.68
N VAL B 651 -78.83 -47.56 14.91
CA VAL B 651 -77.43 -47.74 15.28
C VAL B 651 -76.97 -49.17 15.01
N LYS B 652 -77.80 -50.18 15.32
CA LYS B 652 -77.48 -51.53 14.82
C LYS B 652 -77.87 -51.75 13.37
N ALA B 653 -78.37 -50.72 12.67
CA ALA B 653 -78.45 -50.79 11.21
C ALA B 653 -77.05 -50.94 10.61
N THR B 654 -76.08 -50.23 11.14
CA THR B 654 -74.67 -50.48 10.85
C THR B 654 -74.05 -51.29 11.99
N ASN B 655 -72.79 -51.66 11.81
CA ASN B 655 -72.08 -52.40 12.86
C ASN B 655 -71.62 -51.40 13.92
N ARG B 656 -72.23 -51.46 15.10
CA ARG B 656 -71.97 -50.43 16.11
C ARG B 656 -70.65 -50.61 16.82
N GLU B 657 -70.01 -51.78 16.72
CA GLU B 657 -68.67 -51.93 17.27
C GLU B 657 -67.62 -51.30 16.36
N LEU B 658 -67.89 -51.25 15.05
CA LEU B 658 -66.95 -50.67 14.10
C LEU B 658 -66.96 -49.15 14.12
N SER B 659 -68.12 -48.55 14.37
CA SER B 659 -68.22 -47.10 14.37
C SER B 659 -67.50 -46.49 15.56
N TYR B 660 -67.38 -47.24 16.66
CA TYR B 660 -66.57 -46.80 17.79
C TYR B 660 -65.10 -46.68 17.40
N LEU B 661 -64.60 -47.67 16.66
CA LEU B 661 -63.24 -47.63 16.16
C LEU B 661 -63.05 -46.51 15.15
N LEU B 662 -64.05 -46.27 14.31
CA LEU B 662 -63.97 -45.18 13.34
C LEU B 662 -63.91 -43.81 14.02
N LEU B 663 -64.72 -43.61 15.07
CA LEU B 663 -64.69 -42.34 15.78
C LEU B 663 -63.42 -42.16 16.60
N PHE B 664 -62.89 -43.26 17.17
CA PHE B 664 -61.62 -43.18 17.88
C PHE B 664 -60.47 -42.85 16.92
N SER B 665 -60.47 -43.44 15.72
CA SER B 665 -59.45 -43.13 14.75
C SER B 665 -59.61 -41.72 14.20
N LEU B 666 -60.83 -41.19 14.16
CA LEU B 666 -61.02 -39.79 13.78
C LEU B 666 -60.49 -38.85 14.86
N LEU B 667 -60.67 -39.22 16.13
CA LEU B 667 -60.03 -38.48 17.23
C LEU B 667 -58.52 -38.48 17.11
N CYS B 668 -57.94 -39.64 16.77
CA CYS B 668 -56.49 -39.71 16.57
C CYS B 668 -56.05 -38.90 15.36
N CYS B 669 -56.86 -38.84 14.31
CA CYS B 669 -56.49 -38.09 13.11
C CYS B 669 -56.55 -36.59 13.35
N PHE B 670 -57.52 -36.12 14.14
CA PHE B 670 -57.50 -34.74 14.61
C PHE B 670 -56.30 -34.45 15.51
N SER B 671 -56.00 -35.36 16.44
CA SER B 671 -54.93 -35.08 17.41
C SER B 671 -53.54 -35.19 16.80
N SER B 672 -53.40 -35.88 15.67
CA SER B 672 -52.08 -36.04 15.05
C SER B 672 -51.60 -34.77 14.34
N SER B 673 -52.45 -33.77 14.16
CA SER B 673 -52.06 -32.56 13.45
C SER B 673 -51.41 -31.52 14.35
N LEU B 674 -51.36 -31.77 15.66
CA LEU B 674 -50.75 -30.81 16.58
C LEU B 674 -49.24 -30.96 16.65
N PHE B 675 -48.66 -31.96 16.01
CA PHE B 675 -47.21 -32.14 16.03
C PHE B 675 -46.49 -31.18 15.10
N PHE B 676 -47.18 -30.61 14.12
CA PHE B 676 -46.54 -29.72 13.17
C PHE B 676 -46.30 -28.33 13.76
N ILE B 677 -47.18 -27.87 14.63
CA ILE B 677 -47.05 -26.53 15.21
C ILE B 677 -46.00 -26.56 16.32
N GLY B 678 -45.15 -25.55 16.35
CA GLY B 678 -44.11 -25.44 17.35
C GLY B 678 -42.74 -25.64 16.76
N GLU B 679 -41.74 -25.44 17.62
CA GLU B 679 -40.37 -25.65 17.21
C GLU B 679 -40.06 -27.14 17.17
N PRO B 680 -39.56 -27.67 16.06
CA PRO B 680 -39.22 -29.10 15.99
C PRO B 680 -38.02 -29.41 16.85
N GLN B 681 -38.15 -30.43 17.70
CA GLN B 681 -37.15 -30.74 18.72
C GLN B 681 -36.62 -32.17 18.59
N ASP B 682 -36.52 -32.65 17.35
CA ASP B 682 -35.78 -33.83 16.90
C ASP B 682 -36.50 -35.12 17.31
N TRP B 683 -37.58 -35.02 18.10
CA TRP B 683 -38.46 -36.15 18.34
C TRP B 683 -39.87 -35.90 17.83
N THR B 684 -40.25 -34.64 17.61
CA THR B 684 -41.49 -34.37 16.89
C THR B 684 -41.36 -34.72 15.42
N CYS B 685 -40.16 -34.56 14.84
CA CYS B 685 -39.93 -34.93 13.45
C CYS B 685 -40.01 -36.43 13.25
N ARG B 686 -39.77 -37.22 14.29
CA ARG B 686 -39.93 -38.66 14.20
C ARG B 686 -41.40 -39.06 14.19
N LEU B 687 -42.26 -38.27 14.83
CA LEU B 687 -43.67 -38.60 14.98
C LEU B 687 -44.59 -37.71 14.17
N ARG B 688 -44.05 -36.91 13.24
CA ARG B 688 -44.91 -36.09 12.38
C ARG B 688 -45.69 -36.93 11.40
N GLN B 689 -45.00 -37.65 10.52
CA GLN B 689 -45.63 -38.39 9.43
C GLN B 689 -46.19 -39.77 9.79
N PRO B 690 -45.51 -40.64 10.59
CA PRO B 690 -46.11 -41.95 10.88
C PRO B 690 -47.43 -41.91 11.64
N ALA B 691 -47.63 -40.92 12.51
CA ALA B 691 -48.85 -40.85 13.30
C ALA B 691 -50.08 -40.59 12.41
N PHE B 692 -49.98 -39.60 11.52
CA PHE B 692 -51.07 -39.35 10.58
C PHE B 692 -51.22 -40.49 9.59
N GLY B 693 -50.11 -41.12 9.19
CA GLY B 693 -50.20 -42.26 8.28
C GLY B 693 -50.98 -43.43 8.86
N ILE B 694 -50.66 -43.82 10.09
CA ILE B 694 -51.35 -44.96 10.69
C ILE B 694 -52.79 -44.60 11.08
N SER B 695 -53.05 -43.36 11.52
CA SER B 695 -54.41 -42.97 11.87
C SER B 695 -55.30 -42.91 10.63
N PHE B 696 -54.79 -42.40 9.52
CA PHE B 696 -55.63 -42.32 8.35
C PHE B 696 -55.80 -43.67 7.66
N VAL B 697 -54.82 -44.58 7.72
CA VAL B 697 -55.09 -45.89 7.16
C VAL B 697 -56.01 -46.70 8.06
N LEU B 698 -56.04 -46.42 9.37
CA LEU B 698 -57.05 -47.04 10.22
C LEU B 698 -58.45 -46.53 9.88
N CYS B 699 -58.57 -45.23 9.60
CA CYS B 699 -59.85 -44.66 9.16
C CYS B 699 -60.29 -45.26 7.82
N ILE B 700 -59.36 -45.38 6.87
CA ILE B 700 -59.70 -45.89 5.54
C ILE B 700 -60.10 -47.36 5.60
N SER B 701 -59.39 -48.17 6.42
CA SER B 701 -59.76 -49.58 6.56
C SER B 701 -61.10 -49.74 7.27
N CYS B 702 -61.38 -48.91 8.27
CA CYS B 702 -62.66 -48.97 8.96
C CYS B 702 -63.81 -48.56 8.05
N ILE B 703 -63.56 -47.63 7.11
CA ILE B 703 -64.57 -47.34 6.10
C ILE B 703 -64.77 -48.49 5.13
N LEU B 704 -63.67 -49.06 4.62
CA LEU B 704 -63.71 -50.00 3.52
C LEU B 704 -64.25 -51.36 3.94
N VAL B 705 -64.25 -51.66 5.23
CA VAL B 705 -64.79 -52.93 5.71
C VAL B 705 -66.30 -52.93 5.52
N LYS B 706 -66.97 -51.82 5.83
CA LYS B 706 -68.43 -51.79 5.88
C LYS B 706 -69.09 -51.54 4.53
N THR B 707 -68.35 -51.50 3.43
CA THR B 707 -68.95 -51.24 2.12
C THR B 707 -69.61 -52.49 1.56
N ASN B 708 -70.06 -52.41 0.32
CA ASN B 708 -70.85 -53.47 -0.32
C ASN B 708 -69.94 -54.46 -1.03
N ARG B 709 -70.20 -55.75 -0.78
CA ARG B 709 -69.67 -56.88 -1.55
C ARG B 709 -68.16 -56.99 -1.51
N VAL B 710 -67.50 -56.51 -0.45
CA VAL B 710 -66.09 -56.81 -0.27
C VAL B 710 -65.95 -57.83 0.85
N LEU B 711 -66.87 -57.81 1.82
CA LEU B 711 -66.80 -58.73 2.95
C LEU B 711 -67.24 -60.13 2.57
N LEU B 712 -67.97 -60.27 1.46
CA LEU B 712 -68.27 -61.57 0.90
C LEU B 712 -67.07 -62.15 0.15
N VAL B 713 -66.08 -61.33 -0.18
CA VAL B 713 -64.95 -61.79 -0.97
C VAL B 713 -64.04 -62.67 -0.12
N PHE B 714 -63.48 -62.06 0.94
CA PHE B 714 -62.41 -62.56 1.85
C PHE B 714 -61.56 -63.79 1.45
N ASN B 730 -64.88 -61.71 14.51
CA ASN B 730 -65.09 -62.01 13.10
C ASN B 730 -64.04 -61.42 12.14
N LEU B 731 -64.28 -61.57 10.84
CA LEU B 731 -63.26 -61.25 9.84
C LEU B 731 -63.11 -59.76 9.59
N GLN B 732 -64.05 -58.93 10.06
CA GLN B 732 -63.93 -57.48 9.90
C GLN B 732 -62.72 -56.93 10.64
N PHE B 733 -62.54 -57.36 11.88
CA PHE B 733 -61.42 -56.86 12.68
C PHE B 733 -60.09 -57.38 12.16
N LEU B 734 -60.08 -58.58 11.59
CA LEU B 734 -58.86 -59.11 10.99
C LEU B 734 -58.50 -58.34 9.72
N LEU B 735 -59.49 -58.01 8.90
CA LEU B 735 -59.22 -57.23 7.70
C LEU B 735 -58.95 -55.75 8.00
N VAL B 736 -59.25 -55.28 9.20
CA VAL B 736 -58.72 -54.00 9.65
C VAL B 736 -57.26 -54.16 10.10
N PHE B 737 -56.99 -55.24 10.84
CA PHE B 737 -55.68 -55.45 11.48
C PHE B 737 -54.58 -55.61 10.45
N LEU B 738 -54.88 -56.27 9.31
CA LEU B 738 -53.85 -56.46 8.28
C LEU B 738 -53.43 -55.12 7.67
N CYS B 739 -54.40 -54.29 7.27
CA CYS B 739 -54.07 -53.03 6.62
C CYS B 739 -53.56 -51.98 7.58
N THR B 740 -53.76 -52.12 8.89
CA THR B 740 -53.03 -51.21 9.77
C THR B 740 -51.65 -51.76 10.15
N PHE B 741 -51.50 -53.09 10.21
CA PHE B 741 -50.22 -53.69 10.59
C PHE B 741 -49.18 -53.51 9.50
N MET B 742 -49.60 -53.48 8.23
CA MET B 742 -48.66 -53.23 7.14
C MET B 742 -48.03 -51.84 7.26
N GLN B 743 -48.85 -50.82 7.57
CA GLN B 743 -48.33 -49.47 7.75
C GLN B 743 -47.50 -49.34 9.02
N ILE B 744 -47.88 -50.06 10.09
CA ILE B 744 -47.06 -50.05 11.30
C ILE B 744 -45.68 -50.65 11.03
N VAL B 745 -45.63 -51.70 10.20
CA VAL B 745 -44.35 -52.31 9.80
C VAL B 745 -43.51 -51.32 9.01
N ILE B 746 -44.13 -50.61 8.06
CA ILE B 746 -43.40 -49.62 7.25
C ILE B 746 -42.81 -48.51 8.10
N CYS B 747 -43.62 -47.96 9.02
CA CYS B 747 -43.14 -46.87 9.87
C CYS B 747 -42.09 -47.33 10.86
N VAL B 748 -42.20 -48.56 11.38
CA VAL B 748 -41.19 -48.99 12.34
C VAL B 748 -39.86 -49.35 11.65
N ILE B 749 -39.90 -49.82 10.39
CA ILE B 749 -38.66 -50.06 9.66
C ILE B 749 -38.00 -48.74 9.29
N TRP B 750 -38.80 -47.75 8.87
CA TRP B 750 -38.24 -46.44 8.52
C TRP B 750 -37.67 -45.74 9.74
N LEU B 751 -38.33 -45.85 10.89
CA LEU B 751 -37.82 -45.22 12.11
C LEU B 751 -36.61 -45.97 12.67
N TYR B 752 -36.50 -47.28 12.44
CA TYR B 752 -35.35 -48.00 12.96
C TYR B 752 -34.13 -47.92 12.06
N THR B 753 -34.30 -47.72 10.75
CA THR B 753 -33.15 -47.69 9.86
C THR B 753 -32.58 -46.29 9.71
N ALA B 754 -33.39 -45.34 9.24
CA ALA B 754 -32.97 -43.96 9.00
C ALA B 754 -33.97 -43.02 9.63
N PRO B 755 -33.79 -42.66 10.90
CA PRO B 755 -34.78 -41.82 11.58
C PRO B 755 -34.75 -40.40 11.05
N PRO B 756 -35.90 -39.72 11.00
CA PRO B 756 -35.92 -38.28 10.74
C PRO B 756 -35.13 -37.49 11.78
N SER B 757 -34.66 -36.32 11.38
CA SER B 757 -33.88 -35.52 12.31
C SER B 757 -34.14 -34.04 12.06
N SER B 758 -34.01 -33.24 13.11
CA SER B 758 -34.19 -31.79 12.99
C SER B 758 -33.03 -31.17 12.23
N TYR B 759 -33.27 -29.97 11.70
CA TYR B 759 -32.29 -29.33 10.84
C TYR B 759 -32.45 -27.83 10.90
N ARG B 760 -31.33 -27.11 10.93
CA ARG B 760 -31.30 -25.66 10.92
C ARG B 760 -30.80 -25.20 9.54
N ASN B 761 -31.73 -24.80 8.69
CA ASN B 761 -31.39 -24.43 7.33
C ASN B 761 -30.99 -22.95 7.29
N GLN B 762 -29.83 -22.68 6.70
CA GLN B 762 -29.28 -21.33 6.64
C GLN B 762 -29.02 -20.82 5.23
N GLU B 763 -29.03 -21.68 4.23
CA GLU B 763 -28.66 -21.29 2.87
C GLU B 763 -29.84 -20.86 2.02
N LEU B 764 -31.06 -20.92 2.54
CA LEU B 764 -32.23 -20.55 1.75
C LEU B 764 -32.42 -19.04 1.67
N GLU B 765 -31.99 -18.29 2.68
CA GLU B 765 -32.33 -16.87 2.73
C GLU B 765 -31.12 -15.99 2.99
N ASP B 766 -30.11 -16.53 3.69
CA ASP B 766 -28.86 -15.89 4.11
C ASP B 766 -29.08 -14.71 5.05
N GLU B 767 -30.27 -14.56 5.62
CA GLU B 767 -30.51 -13.55 6.65
C GLU B 767 -31.31 -14.16 7.79
N ILE B 768 -32.13 -15.16 7.46
CA ILE B 768 -33.00 -15.84 8.41
C ILE B 768 -32.58 -17.31 8.48
N ILE B 769 -32.70 -17.90 9.66
CA ILE B 769 -32.42 -19.31 9.88
C ILE B 769 -33.76 -20.02 10.03
N PHE B 770 -34.09 -20.88 9.08
CA PHE B 770 -35.32 -21.66 9.17
C PHE B 770 -35.05 -22.91 9.98
N ILE B 771 -36.03 -23.35 10.78
CA ILE B 771 -35.90 -24.59 11.51
C ILE B 771 -36.89 -25.60 10.92
N THR B 772 -36.38 -26.66 10.32
CA THR B 772 -37.19 -27.64 9.62
C THR B 772 -36.83 -29.05 10.10
N CYS B 773 -37.47 -30.05 9.50
CA CYS B 773 -37.13 -31.45 9.72
C CYS B 773 -36.59 -32.05 8.44
N HIS B 774 -35.38 -32.60 8.51
CA HIS B 774 -34.86 -33.44 7.45
C HIS B 774 -35.51 -34.82 7.57
N GLU B 775 -36.03 -35.31 6.44
CA GLU B 775 -36.86 -36.52 6.46
C GLU B 775 -36.03 -37.78 6.70
N GLY B 776 -34.81 -37.81 6.17
CA GLY B 776 -33.93 -38.95 6.35
C GLY B 776 -34.00 -39.99 5.25
N SER B 777 -35.19 -40.20 4.66
CA SER B 777 -35.35 -41.17 3.59
C SER B 777 -36.59 -40.79 2.79
N LEU B 778 -36.44 -40.75 1.46
CA LEU B 778 -37.57 -40.40 0.59
C LEU B 778 -38.33 -41.62 0.09
N MET B 779 -37.65 -42.77 0.00
CA MET B 779 -38.30 -44.00 -0.47
C MET B 779 -39.36 -44.47 0.51
N ALA B 780 -39.04 -44.43 1.81
CA ALA B 780 -40.00 -44.88 2.82
C ALA B 780 -41.18 -43.92 2.93
N LEU B 781 -40.94 -42.62 2.78
CA LEU B 781 -42.03 -41.66 2.76
C LEU B 781 -42.91 -41.84 1.52
N GLY B 782 -42.29 -42.18 0.40
CA GLY B 782 -43.06 -42.49 -0.80
C GLY B 782 -43.93 -43.73 -0.65
N PHE B 783 -43.40 -44.76 0.01
CA PHE B 783 -44.20 -45.95 0.31
C PHE B 783 -45.33 -45.63 1.28
N LEU B 784 -45.05 -44.77 2.27
CA LEU B 784 -46.04 -44.36 3.26
C LEU B 784 -47.21 -43.62 2.62
N ILE B 785 -46.91 -42.74 1.66
CA ILE B 785 -47.98 -42.05 0.94
C ILE B 785 -48.70 -43.02 -0.01
N GLY B 786 -47.94 -43.88 -0.68
CA GLY B 786 -48.51 -44.73 -1.72
C GLY B 786 -49.46 -45.79 -1.21
N TYR B 787 -49.20 -46.33 -0.01
CA TYR B 787 -50.12 -47.33 0.55
C TYR B 787 -51.47 -46.71 0.89
N THR B 788 -51.46 -45.49 1.45
CA THR B 788 -52.69 -44.78 1.74
C THR B 788 -53.46 -44.44 0.47
N CYS B 789 -52.75 -44.01 -0.57
CA CYS B 789 -53.40 -43.71 -1.85
C CYS B 789 -53.96 -44.98 -2.50
N LEU B 790 -53.27 -46.11 -2.36
CA LEU B 790 -53.75 -47.37 -2.90
C LEU B 790 -55.03 -47.82 -2.20
N LEU B 791 -55.06 -47.75 -0.87
CA LEU B 791 -56.26 -48.14 -0.13
C LEU B 791 -57.44 -47.23 -0.44
N ALA B 792 -57.17 -45.91 -0.59
CA ALA B 792 -58.22 -44.98 -0.97
C ALA B 792 -58.76 -45.28 -2.36
N ALA B 793 -57.88 -45.67 -3.30
CA ALA B 793 -58.32 -45.98 -4.66
C ALA B 793 -59.18 -47.25 -4.69
N ILE B 794 -58.79 -48.28 -3.95
CA ILE B 794 -59.59 -49.52 -3.91
C ILE B 794 -60.96 -49.26 -3.28
N CYS B 795 -61.01 -48.49 -2.19
CA CYS B 795 -62.30 -48.24 -1.56
C CYS B 795 -63.16 -47.32 -2.42
N PHE B 796 -62.53 -46.40 -3.16
CA PHE B 796 -63.25 -45.54 -4.10
C PHE B 796 -63.89 -46.37 -5.21
N PHE B 797 -63.16 -47.36 -5.75
CA PHE B 797 -63.69 -48.18 -6.83
C PHE B 797 -64.84 -49.04 -6.32
N PHE B 798 -64.65 -49.66 -5.15
CA PHE B 798 -65.66 -50.55 -4.60
C PHE B 798 -66.90 -49.81 -4.10
N ALA B 799 -66.78 -48.54 -3.75
CA ALA B 799 -67.96 -47.74 -3.45
C ALA B 799 -68.57 -47.09 -4.68
N PHE B 800 -67.81 -46.97 -5.77
CA PHE B 800 -68.36 -46.44 -7.00
C PHE B 800 -69.21 -47.46 -7.74
N LYS B 801 -68.89 -48.76 -7.61
CA LYS B 801 -69.70 -49.76 -8.30
C LYS B 801 -71.13 -49.83 -7.78
N SER B 802 -71.36 -49.56 -6.50
CA SER B 802 -72.67 -49.80 -5.92
C SER B 802 -73.25 -48.55 -5.26
N ARG B 803 -73.21 -47.41 -5.96
CA ARG B 803 -73.70 -46.16 -5.41
C ARG B 803 -75.21 -46.02 -5.49
N LYS B 804 -75.91 -46.90 -6.18
CA LYS B 804 -77.35 -46.78 -6.39
C LYS B 804 -78.17 -47.56 -5.37
N LEU B 805 -77.55 -48.28 -4.45
CA LEU B 805 -78.29 -49.05 -3.48
C LEU B 805 -78.85 -48.14 -2.38
N PRO B 806 -80.11 -48.31 -2.00
CA PRO B 806 -80.72 -47.45 -0.98
C PRO B 806 -80.60 -47.94 0.45
N GLU B 807 -79.87 -49.03 0.70
CA GLU B 807 -79.74 -49.56 2.05
C GLU B 807 -78.84 -48.67 2.90
N ASN B 808 -79.08 -48.70 4.22
CA ASN B 808 -78.35 -47.93 5.24
C ASN B 808 -78.37 -46.44 4.95
N PHE B 809 -79.54 -45.94 4.51
CA PHE B 809 -79.79 -44.51 4.23
C PHE B 809 -78.84 -43.96 3.17
N ASN B 810 -78.60 -44.76 2.12
CA ASN B 810 -77.86 -44.36 0.91
C ASN B 810 -76.44 -43.91 1.21
N GLU B 811 -75.73 -44.71 2.01
CA GLU B 811 -74.42 -44.31 2.50
C GLU B 811 -73.29 -44.55 1.50
N ALA B 812 -73.54 -45.31 0.43
CA ALA B 812 -72.48 -45.59 -0.55
C ALA B 812 -72.09 -44.33 -1.31
N LYS B 813 -73.08 -43.49 -1.65
CA LYS B 813 -72.76 -42.23 -2.31
C LYS B 813 -72.04 -41.28 -1.36
N PHE B 814 -72.27 -41.39 -0.05
CA PHE B 814 -71.55 -40.57 0.90
C PHE B 814 -70.11 -41.03 1.08
N ILE B 815 -69.87 -42.34 1.02
CA ILE B 815 -68.50 -42.85 1.01
C ILE B 815 -67.76 -42.39 -0.24
N THR B 816 -68.46 -42.41 -1.39
CA THR B 816 -67.89 -41.92 -2.64
C THR B 816 -67.56 -40.42 -2.56
N PHE B 817 -68.46 -39.64 -1.95
CA PHE B 817 -68.21 -38.20 -1.77
C PHE B 817 -67.03 -37.96 -0.83
N SER B 818 -66.90 -38.76 0.24
CA SER B 818 -65.79 -38.57 1.18
C SER B 818 -64.45 -38.86 0.52
N MET B 819 -64.38 -39.92 -0.28
CA MET B 819 -63.12 -40.19 -0.97
C MET B 819 -62.83 -39.19 -2.08
N LEU B 820 -63.89 -38.66 -2.71
CA LEU B 820 -63.71 -37.61 -3.71
C LEU B 820 -63.18 -36.32 -3.07
N ILE B 821 -63.67 -35.98 -1.87
CA ILE B 821 -63.16 -34.82 -1.14
C ILE B 821 -61.70 -35.02 -0.74
N PHE B 822 -61.36 -36.21 -0.27
CA PHE B 822 -59.98 -36.54 0.11
C PHE B 822 -59.03 -36.38 -1.08
N PHE B 823 -59.40 -36.93 -2.24
CA PHE B 823 -58.54 -36.83 -3.41
C PHE B 823 -58.47 -35.41 -3.95
N ILE B 824 -59.59 -34.67 -3.89
CA ILE B 824 -59.62 -33.29 -4.40
C ILE B 824 -58.72 -32.39 -3.56
N VAL B 825 -58.75 -32.54 -2.23
CA VAL B 825 -57.89 -31.72 -1.38
C VAL B 825 -56.42 -32.09 -1.57
N TRP B 826 -56.10 -33.38 -1.58
CA TRP B 826 -54.69 -33.74 -1.64
C TRP B 826 -54.10 -33.61 -3.04
N ILE B 827 -54.92 -33.41 -4.07
CA ILE B 827 -54.39 -32.96 -5.36
C ILE B 827 -54.38 -31.43 -5.45
N SER B 828 -55.29 -30.74 -4.76
CA SER B 828 -55.31 -29.29 -4.79
C SER B 828 -54.15 -28.66 -4.03
N PHE B 829 -53.56 -29.36 -3.07
CA PHE B 829 -52.45 -28.80 -2.31
C PHE B 829 -51.07 -29.21 -2.81
N ILE B 830 -50.96 -29.87 -3.96
CA ILE B 830 -49.63 -30.27 -4.46
C ILE B 830 -48.76 -29.10 -4.97
N PRO B 831 -49.23 -27.97 -5.56
CA PRO B 831 -48.25 -26.94 -5.92
C PRO B 831 -47.74 -26.12 -4.75
N ALA B 832 -48.32 -26.28 -3.56
CA ALA B 832 -47.84 -25.57 -2.39
C ALA B 832 -46.67 -26.27 -1.70
N TYR B 833 -46.29 -27.45 -2.17
CA TYR B 833 -45.12 -28.14 -1.63
C TYR B 833 -43.87 -27.92 -2.44
N ALA B 834 -44.00 -27.61 -3.73
CA ALA B 834 -42.85 -27.38 -4.59
C ALA B 834 -42.50 -25.91 -4.73
N SER B 835 -43.25 -25.00 -4.09
CA SER B 835 -43.05 -23.57 -4.26
C SER B 835 -42.53 -22.89 -3.01
N THR B 836 -43.26 -22.98 -1.89
CA THR B 836 -42.83 -22.33 -0.67
C THR B 836 -42.01 -23.28 0.19
N TYR B 837 -41.20 -22.70 1.07
CA TYR B 837 -40.12 -23.45 1.71
C TYR B 837 -39.95 -23.21 3.20
N GLY B 838 -40.70 -22.30 3.81
CA GLY B 838 -40.37 -21.91 5.16
C GLY B 838 -41.41 -22.22 6.21
N LYS B 839 -41.95 -21.18 6.84
CA LYS B 839 -42.99 -21.35 7.85
C LYS B 839 -44.30 -21.79 7.22
N PHE B 840 -44.56 -21.37 5.99
CA PHE B 840 -45.87 -21.51 5.37
C PHE B 840 -46.13 -22.90 4.80
N VAL B 841 -45.19 -23.85 4.90
CA VAL B 841 -45.49 -25.20 4.46
C VAL B 841 -46.14 -26.03 5.56
N SER B 842 -45.75 -25.84 6.82
CA SER B 842 -46.39 -26.54 7.93
C SER B 842 -47.83 -26.08 8.10
N ALA B 843 -48.13 -24.85 7.70
CA ALA B 843 -49.50 -24.36 7.65
C ALA B 843 -50.34 -25.20 6.70
N VAL B 844 -49.83 -25.50 5.51
CA VAL B 844 -50.66 -26.26 4.58
C VAL B 844 -50.69 -27.74 4.96
N GLU B 845 -49.68 -28.25 5.66
CA GLU B 845 -49.79 -29.61 6.19
C GLU B 845 -50.81 -29.70 7.32
N VAL B 846 -51.02 -28.62 8.08
CA VAL B 846 -52.11 -28.65 9.05
C VAL B 846 -53.47 -28.54 8.35
N ILE B 847 -53.57 -27.63 7.38
CA ILE B 847 -54.85 -27.31 6.76
C ILE B 847 -55.37 -28.47 5.91
N ALA B 848 -54.48 -29.18 5.20
CA ALA B 848 -54.92 -30.31 4.38
C ALA B 848 -55.43 -31.46 5.23
N ILE B 849 -54.74 -31.75 6.34
CA ILE B 849 -55.18 -32.79 7.28
C ILE B 849 -56.54 -32.43 7.88
N LEU B 850 -56.69 -31.17 8.29
CA LEU B 850 -57.95 -30.71 8.88
C LEU B 850 -59.09 -30.78 7.89
N ALA B 851 -58.84 -30.38 6.64
CA ALA B 851 -59.91 -30.37 5.64
C ALA B 851 -60.33 -31.78 5.24
N ALA B 852 -59.35 -32.68 5.05
CA ALA B 852 -59.68 -34.06 4.69
C ALA B 852 -60.44 -34.78 5.79
N SER B 853 -60.01 -34.61 7.04
CA SER B 853 -60.68 -35.28 8.14
C SER B 853 -62.05 -34.66 8.44
N PHE B 854 -62.18 -33.34 8.31
CA PHE B 854 -63.49 -32.69 8.45
C PHE B 854 -64.47 -33.17 7.39
N GLY B 855 -64.02 -33.29 6.13
CA GLY B 855 -64.89 -33.77 5.09
C GLY B 855 -65.33 -35.20 5.29
N LEU B 856 -64.38 -36.07 5.67
CA LEU B 856 -64.67 -37.47 5.96
C LEU B 856 -65.69 -37.62 7.07
N LEU B 857 -65.43 -36.96 8.21
CA LEU B 857 -66.33 -37.04 9.36
C LEU B 857 -67.70 -36.45 9.05
N ALA B 858 -67.73 -35.34 8.31
CA ALA B 858 -68.98 -34.64 8.01
C ALA B 858 -69.90 -35.50 7.14
N CYS B 859 -69.42 -35.92 5.97
CA CYS B 859 -70.35 -36.66 5.12
C CYS B 859 -70.41 -38.14 5.45
N ILE B 860 -69.71 -38.61 6.48
CA ILE B 860 -70.01 -39.96 6.96
C ILE B 860 -71.00 -39.93 8.13
N PHE B 861 -70.80 -39.05 9.12
CA PHE B 861 -71.66 -39.01 10.31
C PHE B 861 -72.45 -37.71 10.45
N PHE B 862 -72.97 -37.12 9.38
CA PHE B 862 -73.92 -36.03 9.60
C PHE B 862 -75.37 -36.34 9.25
N ASN B 863 -75.61 -37.17 8.23
CA ASN B 863 -76.98 -37.46 7.81
C ASN B 863 -77.69 -38.27 8.89
N LYS B 864 -77.02 -39.27 9.46
CA LYS B 864 -77.60 -40.07 10.53
C LYS B 864 -77.82 -39.25 11.79
N ILE B 865 -76.94 -38.28 12.06
CA ILE B 865 -77.09 -37.43 13.23
C ILE B 865 -78.30 -36.51 13.06
N TYR B 866 -78.53 -36.03 11.83
CA TYR B 866 -79.74 -35.26 11.53
C TYR B 866 -80.98 -36.14 11.74
N ILE B 867 -80.91 -37.40 11.30
CA ILE B 867 -82.07 -38.28 11.38
C ILE B 867 -82.43 -38.61 12.84
N ILE B 868 -81.44 -38.92 13.67
CA ILE B 868 -81.74 -39.22 15.07
C ILE B 868 -82.13 -37.96 15.83
N LEU B 869 -81.40 -36.86 15.66
CA LEU B 869 -81.58 -35.70 16.55
C LEU B 869 -82.58 -34.69 16.01
N PHE B 870 -82.29 -34.10 14.85
CA PHE B 870 -83.07 -32.96 14.39
C PHE B 870 -84.36 -33.39 13.71
N LYS B 871 -84.25 -34.29 12.72
CA LYS B 871 -85.42 -35.00 12.24
C LYS B 871 -85.95 -35.88 13.37
N PRO B 872 -87.27 -36.06 13.46
CA PRO B 872 -87.83 -36.77 14.62
C PRO B 872 -87.45 -38.23 14.69
N SER B 873 -87.30 -38.73 15.91
CA SER B 873 -87.05 -40.15 16.12
C SER B 873 -88.30 -40.98 15.90
N ARG B 874 -89.48 -40.36 15.92
CA ARG B 874 -90.69 -41.05 15.49
C ARG B 874 -90.72 -41.17 13.97
N ASN B 875 -90.01 -40.30 13.26
CA ASN B 875 -89.96 -40.33 11.81
C ASN B 875 -88.78 -41.22 11.38
N THR B 876 -89.11 -42.45 10.98
CA THR B 876 -88.20 -43.41 10.35
C THR B 876 -86.99 -43.75 11.24
N ILE B 877 -87.28 -44.30 12.42
CA ILE B 877 -86.30 -45.03 13.22
C ILE B 877 -86.92 -46.39 13.50
N GLU B 878 -86.67 -47.36 12.63
CA GLU B 878 -87.21 -48.71 12.74
C GLU B 878 -86.43 -49.69 11.86
#